data_5T7O
#
_entry.id   5T7O
#
_cell.length_a   154.547
_cell.length_b   173.540
_cell.length_c   174.159
_cell.angle_alpha   90.00
_cell.angle_beta   90.00
_cell.angle_gamma   90.00
#
_symmetry.space_group_name_H-M   'I 2 2 2'
#
loop_
_entity.id
_entity.type
_entity.pdbx_description
1 polymer 'Bifunctional dihydrofolate reductase-thymidylate synthase'
2 non-polymer 'NADP NICOTINAMIDE-ADENINE-DINUCLEOTIDE PHOSPHATE'
3 non-polymer (6S)-5,6,7,8-TETRAHYDROFOLATE
4 non-polymer "2'-DEOXYURIDINE 5'-MONOPHOSPHATE"
5 non-polymer 1,2-ETHANEDIOL
6 water water
#
_entity_poly.entity_id   1
_entity_poly.type   'polypeptide(L)'
_entity_poly.pdbx_seq_one_letter_code
;MSLFKIRMPETVAEGTRLALRAFSLVVAVDEHGGIGDGRSIPWNVPEDMKFFRDLTTKLRGKNVKPSPAKRNAVVMGRKT
WDSIPPKFRPLPGRLNVVLSSTLTTQHLLDGLPDEEKRNLHADSIVAVNGGLEQALRLLASPNYTPSIETVYCIGGGSVY
AEALRPPCVHLLQAIYRTTIRASESSCSVFFRVPESGTEAAAGIEWQRETISEELTSANGNETKYYFEKLIPRNREEEQY
LSLVDRIIREGNVKHDRTGVGTLSIFGAQMRFSLRNNRLPLLTTKRVFWRGVCEELLWFLRGETYAKKLSDKGVHIWDDN
GSRAFLDSRGLTEYEEMDLGPVYGFQWRHFGAAYTHHDANYDGQGVDQIKAIVETLKTNPDDRRMLFTAWNPSALPRMAL
PPCHLLAQFYVSNGELSCMLYQRSCDMGLGVPFNIASYALLTILIAKATGLRPGELVHTLGDAHVYSNHVEPCNEQLKRV
PRAFPYLVFRREREFLEDYEEGDMEVIDYAPYPPISMKMAV
;
_entity_poly.pdbx_strand_id   A,B,C,D
#
# COMPACT_ATOMS: atom_id res chain seq x y z
N SER A 2 12.46 46.51 20.19
CA SER A 2 13.23 47.27 19.16
C SER A 2 12.83 46.90 17.71
N LEU A 3 13.15 47.80 16.75
CA LEU A 3 12.66 47.76 15.34
C LEU A 3 13.09 46.52 14.55
N PHE A 4 14.16 45.88 15.00
CA PHE A 4 14.60 44.74 14.20
C PHE A 4 13.93 43.42 14.60
N LYS A 5 13.35 43.39 15.80
CA LYS A 5 12.63 42.13 16.35
C LYS A 5 11.25 41.96 15.72
N ILE A 6 10.64 40.77 15.93
CA ILE A 6 9.37 40.45 15.29
C ILE A 6 8.33 40.58 16.43
N ARG A 7 7.49 41.59 16.34
CA ARG A 7 6.41 41.75 17.40
C ARG A 7 5.30 40.66 17.29
N MET A 8 5.03 40.00 18.40
CA MET A 8 3.90 39.05 18.44
C MET A 8 2.58 39.76 18.37
N PRO A 9 1.58 39.22 17.60
CA PRO A 9 0.26 39.81 17.51
C PRO A 9 -0.57 39.52 18.76
N GLU A 10 -1.73 40.16 18.87
CA GLU A 10 -2.63 40.03 20.09
C GLU A 10 -3.11 38.58 20.20
N THR A 11 -3.13 37.86 19.08
CA THR A 11 -3.71 36.52 19.06
C THR A 11 -2.73 35.45 19.50
N VAL A 12 -1.56 35.88 19.99
CA VAL A 12 -0.39 35.00 20.26
C VAL A 12 -0.68 33.73 21.05
N ALA A 13 -1.51 33.86 22.13
CA ALA A 13 -1.87 32.66 22.92
C ALA A 13 -2.92 31.77 22.29
N GLU A 14 -3.68 32.29 21.33
CA GLU A 14 -4.99 31.70 20.87
C GLU A 14 -4.94 30.39 20.20
N GLY A 15 -4.00 30.22 19.29
CA GLY A 15 -4.06 29.03 18.47
C GLY A 15 -3.22 27.93 19.06
N THR A 16 -2.60 28.21 20.21
CA THR A 16 -1.86 27.17 20.89
CA THR A 16 -1.82 27.21 20.90
C THR A 16 -2.48 26.84 22.27
N ARG A 17 -3.62 27.47 22.58
CA ARG A 17 -4.22 27.23 23.94
C ARG A 17 -4.71 25.72 23.95
N LEU A 18 -4.35 24.99 24.99
CA LEU A 18 -4.69 23.54 25.06
C LEU A 18 -6.16 23.39 25.43
N ALA A 19 -6.92 22.77 24.53
CA ALA A 19 -8.41 22.69 24.69
C ALA A 19 -8.77 21.64 25.79
N LEU A 20 -8.18 20.42 25.62
CA LEU A 20 -8.49 19.26 26.46
C LEU A 20 -7.14 18.68 26.80
N ARG A 21 -6.99 18.26 28.06
CA ARG A 21 -5.74 17.57 28.48
C ARG A 21 -5.84 16.03 28.15
N ALA A 22 -4.76 15.44 27.67
CA ALA A 22 -4.72 14.00 27.30
C ALA A 22 -4.82 13.14 28.60
N PHE A 23 -5.09 11.86 28.42
CA PHE A 23 -5.45 11.03 29.62
C PHE A 23 -5.26 9.58 29.22
N SER A 24 -5.21 8.72 30.23
CA SER A 24 -5.11 7.29 30.03
C SER A 24 -6.27 6.66 30.78
N LEU A 25 -6.62 5.43 30.43
CA LEU A 25 -7.83 4.79 30.99
C LEU A 25 -7.40 3.52 31.76
N VAL A 26 -8.03 3.21 32.94
CA VAL A 26 -7.62 2.00 33.64
C VAL A 26 -8.93 1.31 33.98
N VAL A 27 -9.05 0.04 33.60
CA VAL A 27 -10.38 -0.69 33.73
C VAL A 27 -10.12 -2.19 34.02
N ALA A 28 -11.03 -2.81 34.79
CA ALA A 28 -11.00 -4.30 34.98
C ALA A 28 -12.30 -4.84 34.42
N VAL A 29 -12.23 -6.00 33.71
CA VAL A 29 -13.42 -6.48 33.05
C VAL A 29 -13.43 -8.00 33.28
N ASP A 30 -14.56 -8.64 32.99
CA ASP A 30 -14.67 -10.08 33.14
C ASP A 30 -14.35 -10.67 31.78
N GLU A 31 -14.42 -11.99 31.66
CA GLU A 31 -14.12 -12.61 30.38
C GLU A 31 -15.01 -12.26 29.22
N HIS A 32 -16.18 -11.69 29.51
CA HIS A 32 -17.10 -11.21 28.45
C HIS A 32 -17.05 -9.68 28.28
N GLY A 33 -16.07 -9.02 28.90
CA GLY A 33 -15.91 -7.56 28.72
C GLY A 33 -16.82 -6.78 29.65
N GLY A 34 -17.41 -7.46 30.65
CA GLY A 34 -18.36 -6.79 31.57
C GLY A 34 -17.66 -6.05 32.68
N ILE A 35 -18.07 -4.82 33.01
N ILE A 35 -18.23 -4.92 32.98
CA ILE A 35 -17.26 -4.00 34.00
CA ILE A 35 -18.02 -4.30 34.26
C ILE A 35 -17.75 -3.79 35.45
C ILE A 35 -19.36 -4.43 34.99
N GLY A 36 -19.00 -3.33 35.57
N GLY A 36 -19.41 -5.16 36.11
CA GLY A 36 -19.65 -3.09 36.87
CA GLY A 36 -20.54 -5.18 37.04
C GLY A 36 -20.71 -2.01 36.77
C GLY A 36 -20.69 -3.86 37.80
N ASN A 44 -12.14 -9.62 43.79
CA ASN A 44 -11.18 -9.51 44.92
C ASN A 44 -9.79 -10.06 44.53
N VAL A 45 -9.01 -9.27 43.75
CA VAL A 45 -7.70 -9.68 43.28
C VAL A 45 -6.63 -8.64 43.72
N PRO A 46 -5.91 -8.94 44.81
CA PRO A 46 -5.03 -7.90 45.34
C PRO A 46 -3.91 -7.53 44.41
N GLU A 47 -3.41 -8.47 43.59
CA GLU A 47 -2.35 -8.16 42.60
C GLU A 47 -2.84 -7.01 41.60
N ASP A 48 -4.10 -7.05 41.25
CA ASP A 48 -4.71 -6.01 40.37
C ASP A 48 -4.84 -4.69 41.14
N MET A 49 -5.20 -4.75 42.41
N MET A 49 -5.17 -4.74 42.42
CA MET A 49 -5.25 -3.51 43.21
CA MET A 49 -5.22 -3.49 43.19
C MET A 49 -3.87 -2.94 43.46
C MET A 49 -3.84 -2.92 43.42
N LYS A 50 -2.85 -3.79 43.56
CA LYS A 50 -1.46 -3.37 43.71
C LYS A 50 -1.07 -2.64 42.37
N PHE A 51 -1.40 -3.29 41.25
CA PHE A 51 -1.12 -2.64 39.92
C PHE A 51 -1.84 -1.28 39.71
N PHE A 52 -3.12 -1.25 40.04
CA PHE A 52 -3.89 -0.02 40.03
C PHE A 52 -3.28 1.12 40.85
N ARG A 53 -2.98 0.85 42.14
CA ARG A 53 -2.32 1.90 42.96
C ARG A 53 -0.98 2.37 42.46
N ASP A 54 -0.11 1.46 42.04
CA ASP A 54 1.19 1.84 41.59
C ASP A 54 1.09 2.64 40.26
N LEU A 55 0.30 2.15 39.30
CA LEU A 55 0.15 2.79 38.00
C LEU A 55 -0.52 4.17 38.06
N THR A 56 -1.41 4.37 39.02
CA THR A 56 -2.10 5.67 39.12
C THR A 56 -1.37 6.63 40.03
N THR A 57 -0.59 6.09 41.01
CA THR A 57 0.17 6.99 41.91
C THR A 57 1.55 7.39 41.53
N LYS A 58 2.35 6.49 40.96
CA LYS A 58 3.80 6.80 40.76
C LYS A 58 4.04 7.81 39.57
N LEU A 59 4.98 8.71 39.74
CA LEU A 59 5.41 9.65 38.74
C LEU A 59 6.47 8.95 37.91
N ARG A 60 6.80 9.50 36.74
CA ARG A 60 7.75 8.80 35.90
CA ARG A 60 7.78 8.90 35.84
C ARG A 60 9.18 9.01 36.39
N GLY A 61 9.42 10.13 37.08
CA GLY A 61 10.75 10.53 37.58
C GLY A 61 11.27 9.63 38.68
N LYS A 62 12.58 9.66 38.86
CA LYS A 62 13.19 8.92 39.97
C LYS A 62 12.76 9.63 41.28
N ASN A 63 12.36 8.81 42.24
CA ASN A 63 11.98 9.19 43.60
C ASN A 63 11.27 10.51 43.78
N VAL A 64 10.17 10.69 43.08
CA VAL A 64 9.40 11.92 43.25
C VAL A 64 8.20 11.67 44.19
N LYS A 65 8.10 12.44 45.30
CA LYS A 65 6.95 12.32 46.24
C LYS A 65 5.83 13.14 45.64
N PRO A 66 4.69 12.51 45.39
CA PRO A 66 3.58 13.28 44.84
C PRO A 66 3.22 14.43 45.73
N SER A 67 3.00 15.57 45.11
CA SER A 67 2.57 16.78 45.83
C SER A 67 1.68 17.66 44.90
N PRO A 68 1.04 18.72 45.43
CA PRO A 68 0.30 19.58 44.48
C PRO A 68 1.18 20.15 43.32
N ALA A 69 2.49 20.30 43.52
CA ALA A 69 3.40 20.70 42.44
C ALA A 69 3.59 19.67 41.34
N LYS A 70 3.45 18.39 41.68
CA LYS A 70 3.73 17.30 40.69
C LYS A 70 3.07 16.02 41.22
N ARG A 71 1.99 15.59 40.56
CA ARG A 71 1.26 14.38 40.94
C ARG A 71 0.34 13.92 39.75
N ASN A 72 -0.22 12.71 39.87
CA ASN A 72 -1.26 12.29 38.95
C ASN A 72 -2.63 12.68 39.37
N ALA A 73 -3.55 12.57 38.43
CA ALA A 73 -4.94 12.78 38.70
C ALA A 73 -5.74 11.57 38.34
N VAL A 74 -6.78 11.29 39.13
CA VAL A 74 -7.73 10.22 38.75
CA VAL A 74 -7.68 10.22 38.75
C VAL A 74 -9.07 10.89 38.54
N VAL A 75 -9.76 10.56 37.44
CA VAL A 75 -11.07 11.09 37.14
C VAL A 75 -12.11 9.95 37.15
N MET A 76 -13.19 10.16 37.90
CA MET A 76 -14.17 9.05 38.10
C MET A 76 -15.56 9.63 38.18
N GLY A 77 -16.53 8.77 37.90
CA GLY A 77 -17.93 9.18 38.07
C GLY A 77 -18.29 9.10 39.57
N ARG A 78 -19.35 9.78 39.90
CA ARG A 78 -19.73 9.92 41.30
C ARG A 78 -20.02 8.54 41.94
N LYS A 79 -20.63 7.62 41.18
CA LYS A 79 -20.84 6.26 41.73
C LYS A 79 -19.58 5.44 41.99
N THR A 80 -18.48 5.64 41.22
CA THR A 80 -17.22 5.01 41.49
C THR A 80 -16.61 5.60 42.79
N TRP A 81 -16.69 6.92 42.94
CA TRP A 81 -16.27 7.57 44.15
C TRP A 81 -16.98 6.91 45.42
N ASP A 82 -18.30 6.77 45.33
CA ASP A 82 -19.14 6.16 46.44
C ASP A 82 -18.68 4.77 46.84
N SER A 83 -18.17 4.02 45.86
CA SER A 83 -17.85 2.61 45.99
C SER A 83 -16.42 2.39 46.41
N ILE A 84 -15.60 3.47 46.52
CA ILE A 84 -14.23 3.34 47.02
C ILE A 84 -14.41 3.13 48.53
N PRO A 85 -13.76 2.06 49.11
CA PRO A 85 -13.83 1.87 50.58
C PRO A 85 -13.33 3.14 51.26
N PRO A 86 -14.02 3.63 52.31
CA PRO A 86 -13.61 4.91 52.94
C PRO A 86 -12.16 4.95 53.48
N LYS A 87 -11.55 3.79 53.78
CA LYS A 87 -10.10 3.72 54.07
C LYS A 87 -9.30 4.47 52.97
N PHE A 88 -9.69 4.30 51.71
CA PHE A 88 -8.90 4.84 50.60
C PHE A 88 -9.59 6.02 49.86
N ARG A 89 -10.53 6.69 50.55
CA ARG A 89 -11.34 7.81 50.01
CA ARG A 89 -11.30 7.81 50.00
C ARG A 89 -10.85 9.13 50.67
N PRO A 90 -10.28 10.11 49.92
CA PRO A 90 -9.94 10.10 48.46
C PRO A 90 -8.70 9.19 48.28
N LEU A 91 -8.55 8.65 47.08
CA LEU A 91 -7.38 7.89 46.78
C LEU A 91 -6.10 8.68 47.13
N PRO A 92 -5.27 8.13 48.05
CA PRO A 92 -4.17 9.00 48.56
C PRO A 92 -3.07 9.26 47.52
N GLY A 93 -2.43 10.41 47.56
CA GLY A 93 -1.22 10.65 46.67
C GLY A 93 -1.62 11.04 45.23
N ARG A 94 -2.95 11.18 44.97
CA ARG A 94 -3.52 11.57 43.60
C ARG A 94 -4.49 12.66 43.76
N LEU A 95 -4.57 13.57 42.77
CA LEU A 95 -5.79 14.43 42.75
C LEU A 95 -7.01 13.63 42.37
N ASN A 96 -8.11 13.77 43.15
CA ASN A 96 -9.35 13.00 42.87
C ASN A 96 -10.36 13.98 42.26
N VAL A 97 -10.70 13.74 40.96
CA VAL A 97 -11.63 14.57 40.25
C VAL A 97 -12.88 13.74 40.11
N VAL A 98 -13.99 14.31 40.59
CA VAL A 98 -15.20 13.52 40.66
C VAL A 98 -16.28 14.22 39.83
N LEU A 99 -16.89 13.49 38.87
CA LEU A 99 -17.96 14.01 37.97
C LEU A 99 -19.27 13.85 38.66
N SER A 100 -20.02 14.95 38.80
CA SER A 100 -21.36 14.82 39.46
C SER A 100 -22.22 16.00 39.08
N SER A 101 -23.49 15.76 38.72
CA SER A 101 -24.42 16.90 38.65
C SER A 101 -25.02 17.27 39.99
N THR A 102 -24.89 16.39 40.95
CA THR A 102 -25.55 16.55 42.28
C THR A 102 -24.67 17.06 43.43
N LEU A 103 -23.38 16.72 43.43
CA LEU A 103 -22.56 16.88 44.65
C LEU A 103 -21.50 17.94 44.37
N THR A 104 -21.43 19.00 45.17
CA THR A 104 -20.30 19.96 45.04
C THR A 104 -19.03 19.37 45.69
N THR A 105 -17.87 20.04 45.51
CA THR A 105 -16.69 19.65 46.22
C THR A 105 -16.95 19.60 47.74
N GLN A 106 -17.73 20.58 48.22
CA GLN A 106 -17.99 20.61 49.64
C GLN A 106 -18.79 19.42 50.11
N HIS A 107 -19.74 18.99 49.31
CA HIS A 107 -20.52 17.83 49.67
CA HIS A 107 -20.55 17.80 49.56
C HIS A 107 -19.65 16.58 49.70
N LEU A 108 -18.68 16.46 48.78
CA LEU A 108 -17.79 15.30 48.81
C LEU A 108 -16.92 15.32 50.05
N LEU A 109 -16.51 16.51 50.48
CA LEU A 109 -15.69 16.64 51.67
C LEU A 109 -16.52 16.30 52.89
N ASP A 110 -17.79 16.74 52.87
CA ASP A 110 -18.66 16.49 54.03
C ASP A 110 -18.94 14.98 54.21
N GLY A 111 -18.88 14.19 53.13
CA GLY A 111 -18.94 12.70 53.18
C GLY A 111 -17.70 11.92 53.74
N LEU A 112 -16.60 12.60 53.98
CA LEU A 112 -15.47 11.95 54.68
C LEU A 112 -15.80 11.89 56.22
N PRO A 113 -15.06 11.06 57.02
CA PRO A 113 -15.13 11.26 58.48
C PRO A 113 -13.81 11.79 59.05
N ASN A 119 -10.14 18.52 56.26
CA ASN A 119 -9.22 19.64 56.02
C ASN A 119 -7.87 19.17 55.44
N LEU A 120 -7.44 17.96 55.86
CA LEU A 120 -6.23 17.30 55.35
C LEU A 120 -6.31 17.10 53.82
N HIS A 121 -7.55 16.89 53.34
CA HIS A 121 -7.85 16.42 51.98
C HIS A 121 -8.38 17.51 50.99
N ALA A 122 -8.64 18.73 51.46
CA ALA A 122 -9.13 19.89 50.65
C ALA A 122 -8.42 20.15 49.27
N ASP A 123 -7.09 19.97 49.21
CA ASP A 123 -6.32 20.31 48.00
C ASP A 123 -6.31 19.07 47.03
N SER A 124 -6.96 17.98 47.47
CA SER A 124 -6.86 16.72 46.75
CA SER A 124 -6.85 16.74 46.73
C SER A 124 -8.18 16.24 46.16
N ILE A 125 -9.23 17.02 46.33
CA ILE A 125 -10.56 16.63 45.79
C ILE A 125 -11.19 17.82 45.03
N VAL A 126 -11.70 17.58 43.81
CA VAL A 126 -12.46 18.58 43.12
C VAL A 126 -13.67 17.89 42.44
N ALA A 127 -14.83 18.51 42.55
CA ALA A 127 -15.99 18.04 41.79
C ALA A 127 -16.07 18.84 40.50
N VAL A 128 -16.50 18.14 39.46
CA VAL A 128 -16.80 18.79 38.17
C VAL A 128 -18.27 18.49 37.80
N ASN A 129 -19.04 19.58 37.62
CA ASN A 129 -20.44 19.46 37.22
C ASN A 129 -20.46 19.27 35.67
N GLY A 130 -20.22 18.05 35.18
CA GLY A 130 -20.02 17.87 33.77
C GLY A 130 -19.46 16.50 33.56
N GLY A 131 -19.22 16.18 32.29
CA GLY A 131 -18.66 14.86 31.98
C GLY A 131 -17.13 14.83 31.89
N LEU A 132 -16.59 13.79 31.24
CA LEU A 132 -15.15 13.63 31.12
C LEU A 132 -14.63 14.80 30.32
N GLU A 133 -15.40 15.27 29.31
CA GLU A 133 -14.83 16.36 28.46
C GLU A 133 -14.64 17.61 29.32
N GLN A 134 -15.62 17.85 30.23
CA GLN A 134 -15.53 19.07 31.07
C GLN A 134 -14.36 18.97 32.03
N ALA A 135 -14.10 17.75 32.49
CA ALA A 135 -13.00 17.48 33.41
C ALA A 135 -11.64 17.65 32.66
N LEU A 136 -11.55 17.21 31.40
CA LEU A 136 -10.35 17.39 30.60
C LEU A 136 -10.12 18.84 30.24
N ARG A 137 -11.18 19.62 30.12
CA ARG A 137 -11.05 21.05 29.85
C ARG A 137 -10.50 21.75 31.11
N LEU A 138 -10.94 21.32 32.30
CA LEU A 138 -10.45 21.94 33.59
C LEU A 138 -8.99 21.56 33.79
N LEU A 139 -8.66 20.30 33.48
CA LEU A 139 -7.34 19.80 33.74
C LEU A 139 -6.29 20.40 32.74
N ALA A 140 -6.82 20.96 31.64
CA ALA A 140 -5.94 21.67 30.69
C ALA A 140 -5.62 23.06 31.16
N SER A 141 -6.29 23.59 32.19
CA SER A 141 -6.03 24.98 32.57
CA SER A 141 -6.04 24.98 32.67
C SER A 141 -4.65 25.10 33.29
N PRO A 142 -4.09 26.31 33.40
CA PRO A 142 -2.73 26.41 34.00
C PRO A 142 -2.57 25.92 35.45
N ASN A 143 -3.63 25.91 36.24
CA ASN A 143 -3.48 25.37 37.64
C ASN A 143 -3.18 23.85 37.68
N TYR A 144 -3.53 23.14 36.59
CA TYR A 144 -3.38 21.68 36.58
C TYR A 144 -2.44 21.19 35.48
N THR A 145 -2.14 21.98 34.46
CA THR A 145 -1.14 21.57 33.44
C THR A 145 -0.03 22.64 33.54
N PRO A 146 1.23 22.25 33.79
CA PRO A 146 1.73 20.85 33.65
C PRO A 146 1.79 20.11 35.00
N SER A 147 1.37 20.75 36.13
CA SER A 147 1.52 20.10 37.45
C SER A 147 0.99 18.67 37.53
N ILE A 148 -0.18 18.39 36.96
CA ILE A 148 -0.60 16.98 36.82
C ILE A 148 0.21 16.26 35.74
N GLU A 149 0.86 15.15 36.07
CA GLU A 149 1.80 14.53 35.12
C GLU A 149 0.95 13.61 34.20
N THR A 150 0.12 12.70 34.77
CA THR A 150 -0.75 11.84 33.92
C THR A 150 -2.15 11.91 34.53
N VAL A 151 -3.14 12.06 33.69
CA VAL A 151 -4.51 11.96 34.05
C VAL A 151 -4.99 10.52 33.75
N TYR A 152 -5.54 9.84 34.78
CA TYR A 152 -6.13 8.48 34.61
C TYR A 152 -7.60 8.51 34.80
N CYS A 153 -8.31 8.01 33.80
CA CYS A 153 -9.78 7.93 33.91
C CYS A 153 -10.16 6.53 34.43
N ILE A 154 -10.91 6.50 35.53
CA ILE A 154 -11.11 5.17 36.27
C ILE A 154 -12.58 4.76 36.28
N GLY A 155 -13.32 5.24 35.31
CA GLY A 155 -14.76 4.85 35.07
C GLY A 155 -15.75 5.68 35.89
N GLY A 156 -17.01 5.26 35.98
CA GLY A 156 -17.45 3.91 35.54
C GLY A 156 -17.93 3.88 34.11
N GLY A 157 -18.99 3.10 33.84
CA GLY A 157 -19.41 2.86 32.43
C GLY A 157 -19.76 4.04 31.53
N SER A 158 -20.51 5.01 32.07
CA SER A 158 -20.87 6.18 31.31
C SER A 158 -19.57 7.02 31.02
N VAL A 159 -18.64 7.03 31.98
CA VAL A 159 -17.36 7.80 31.78
C VAL A 159 -16.46 7.08 30.71
N TYR A 160 -16.39 5.74 30.79
CA TYR A 160 -15.67 4.98 29.75
C TYR A 160 -16.24 5.18 28.35
N ALA A 161 -17.59 5.26 28.24
CA ALA A 161 -18.25 5.45 26.97
C ALA A 161 -17.82 6.77 26.36
N GLU A 162 -17.90 7.81 27.17
CA GLU A 162 -17.46 9.12 26.75
C GLU A 162 -15.93 9.10 26.40
N ALA A 163 -15.11 8.35 27.14
CA ALA A 163 -13.65 8.30 26.86
C ALA A 163 -13.38 7.63 25.48
N LEU A 164 -14.27 6.67 25.12
CA LEU A 164 -14.05 5.88 23.90
C LEU A 164 -14.78 6.44 22.63
N ARG A 165 -15.24 7.70 22.64
CA ARG A 165 -15.80 8.33 21.46
C ARG A 165 -15.24 9.72 21.31
N PRO A 166 -15.32 10.31 20.09
CA PRO A 166 -14.79 11.70 20.05
C PRO A 166 -15.69 12.71 20.81
N PRO A 167 -15.17 13.84 21.26
CA PRO A 167 -13.80 14.24 21.10
C PRO A 167 -12.79 13.62 22.05
N CYS A 168 -13.21 13.06 23.22
CA CYS A 168 -12.25 12.52 24.19
C CYS A 168 -11.30 11.44 23.67
N VAL A 169 -11.80 10.54 22.80
CA VAL A 169 -10.96 9.45 22.40
C VAL A 169 -9.62 9.87 21.70
N HIS A 170 -9.57 11.02 21.08
CA HIS A 170 -8.38 11.51 20.37
C HIS A 170 -7.34 11.99 21.38
N LEU A 171 -7.73 12.15 22.65
CA LEU A 171 -6.76 12.50 23.70
C LEU A 171 -6.38 11.27 24.59
N LEU A 172 -6.93 10.08 24.25
CA LEU A 172 -6.63 8.84 25.03
C LEU A 172 -5.32 8.25 24.60
N GLN A 173 -4.31 8.36 25.44
CA GLN A 173 -2.98 7.87 25.11
C GLN A 173 -2.82 6.33 25.25
N ALA A 174 -3.46 5.79 26.28
CA ALA A 174 -3.20 4.36 26.64
C ALA A 174 -4.45 3.83 27.37
N ILE A 175 -4.70 2.55 27.15
CA ILE A 175 -5.76 1.82 27.85
C ILE A 175 -5.13 0.60 28.58
N TYR A 176 -5.28 0.60 29.89
CA TYR A 176 -4.77 -0.47 30.75
C TYR A 176 -5.98 -1.29 31.12
N ARG A 177 -6.06 -2.52 30.62
CA ARG A 177 -7.22 -3.36 30.90
C ARG A 177 -6.76 -4.67 31.58
N THR A 178 -7.40 -4.97 32.74
CA THR A 178 -7.20 -6.26 33.49
C THR A 178 -8.42 -7.10 33.18
N THR A 179 -8.22 -8.39 32.85
CA THR A 179 -9.34 -9.26 32.54
C THR A 179 -9.27 -10.34 33.65
N ILE A 180 -10.43 -10.60 34.23
CA ILE A 180 -10.53 -11.42 35.47
C ILE A 180 -11.55 -12.53 35.16
N ARG A 181 -11.12 -13.81 35.30
CA ARG A 181 -12.10 -14.90 35.06
C ARG A 181 -12.98 -14.93 36.30
N ALA A 182 -14.26 -14.61 36.17
CA ALA A 182 -15.14 -14.52 37.34
C ALA A 182 -16.37 -15.42 37.25
N VAL A 189 -23.76 -3.85 30.84
CA VAL A 189 -22.67 -2.88 30.53
C VAL A 189 -21.25 -3.49 30.20
N PHE A 190 -20.79 -3.26 28.98
CA PHE A 190 -19.56 -3.87 28.49
C PHE A 190 -18.52 -2.78 28.13
N PHE A 191 -17.24 -3.12 28.29
CA PHE A 191 -16.20 -2.23 27.88
C PHE A 191 -15.74 -2.81 26.53
N ARG A 192 -15.94 -2.03 25.47
CA ARG A 192 -15.60 -2.41 24.10
C ARG A 192 -14.77 -1.30 23.45
N VAL A 193 -13.56 -1.67 23.11
CA VAL A 193 -12.67 -0.80 22.38
C VAL A 193 -13.09 -0.85 20.93
N PRO A 194 -13.34 0.31 20.30
CA PRO A 194 -13.67 0.25 18.88
C PRO A 194 -12.66 -0.51 18.00
N GLU A 195 -13.21 -1.32 17.09
CA GLU A 195 -12.40 -2.06 16.12
C GLU A 195 -11.84 -1.23 15.00
N SER A 196 -10.71 -1.69 14.50
CA SER A 196 -9.98 -1.00 13.48
C SER A 196 -10.76 -0.86 12.18
N GLY A 197 -10.85 0.36 11.66
CA GLY A 197 -11.48 0.60 10.39
C GLY A 197 -12.97 0.92 10.49
N THR A 198 -13.51 0.86 11.70
CA THR A 198 -14.95 1.05 11.89
C THR A 198 -15.30 2.52 12.10
N GLU A 199 -16.53 2.92 11.82
CA GLU A 199 -16.89 4.29 12.06
C GLU A 199 -16.69 4.64 13.53
N ALA A 200 -16.97 3.68 14.46
CA ALA A 200 -16.94 4.01 15.89
C ALA A 200 -15.46 4.34 16.32
N ALA A 201 -14.50 3.76 15.61
CA ALA A 201 -13.07 3.99 15.89
C ALA A 201 -12.53 5.39 15.53
N ALA A 202 -13.26 6.16 14.74
CA ALA A 202 -12.87 7.55 14.37
C ALA A 202 -11.47 7.67 13.79
N GLY A 203 -11.05 6.65 13.01
CA GLY A 203 -9.74 6.63 12.40
C GLY A 203 -8.59 6.16 13.30
N ILE A 204 -8.85 5.84 14.59
CA ILE A 204 -7.85 5.26 15.49
C ILE A 204 -7.74 3.76 15.32
N GLU A 205 -6.52 3.25 15.35
CA GLU A 205 -6.30 1.81 15.24
C GLU A 205 -5.74 1.33 16.58
N TRP A 206 -6.58 0.77 17.43
CA TRP A 206 -6.10 0.31 18.76
C TRP A 206 -5.23 -0.93 18.69
N GLN A 207 -4.06 -0.93 19.32
CA GLN A 207 -3.23 -2.15 19.31
CA GLN A 207 -3.16 -2.13 19.30
C GLN A 207 -2.65 -2.47 20.69
N ARG A 208 -2.40 -3.73 20.95
CA ARG A 208 -1.67 -4.09 22.14
C ARG A 208 -0.19 -3.80 22.18
N GLU A 209 0.26 -3.03 23.16
CA GLU A 209 1.72 -2.94 23.35
C GLU A 209 2.17 -4.19 24.11
N THR A 210 1.37 -4.56 25.12
CA THR A 210 1.73 -5.68 26.03
C THR A 210 0.48 -6.48 26.40
N ILE A 211 0.76 -7.77 26.64
CA ILE A 211 -0.34 -8.66 27.19
C ILE A 211 0.41 -9.64 28.07
N SER A 212 -0.03 -9.81 29.34
CA SER A 212 0.68 -10.71 30.26
C SER A 212 0.32 -12.18 29.96
N GLU A 213 1.14 -13.11 30.47
CA GLU A 213 0.65 -14.52 30.61
C GLU A 213 -0.64 -14.56 31.48
N GLU A 214 -1.38 -15.66 31.38
CA GLU A 214 -2.43 -15.94 32.38
C GLU A 214 -1.83 -16.08 33.79
N LEU A 215 -2.35 -15.32 34.74
CA LEU A 215 -1.78 -15.27 36.04
C LEU A 215 -2.78 -15.88 37.04
N THR A 216 -2.25 -16.30 38.20
CA THR A 216 -3.11 -16.90 39.32
C THR A 216 -2.98 -16.11 40.58
N SER A 217 -4.13 -15.63 41.06
CA SER A 217 -4.16 -14.79 42.26
C SER A 217 -3.79 -15.59 43.53
N ALA A 218 -3.15 -14.92 44.48
CA ALA A 218 -2.92 -15.47 45.83
C ALA A 218 -4.09 -15.10 46.75
N ASN A 219 -5.31 -15.09 46.27
CA ASN A 219 -6.46 -14.68 47.06
C ASN A 219 -7.21 -15.79 47.75
N GLY A 220 -6.68 -16.90 47.61
CA GLY A 220 -7.28 -18.09 48.22
C GLY A 220 -8.27 -18.78 47.29
N ASN A 221 -8.67 -18.12 46.18
CA ASN A 221 -9.57 -18.75 45.19
C ASN A 221 -8.90 -19.15 43.90
N GLU A 222 -7.56 -18.98 43.82
CA GLU A 222 -6.77 -19.30 42.62
CA GLU A 222 -6.84 -19.35 42.59
C GLU A 222 -7.28 -18.54 41.38
N THR A 223 -7.79 -17.32 41.60
CA THR A 223 -8.39 -16.52 40.49
C THR A 223 -7.40 -16.26 39.32
N LYS A 224 -7.92 -16.53 38.12
CA LYS A 224 -7.16 -16.37 36.87
C LYS A 224 -7.43 -14.97 36.31
N TYR A 225 -6.32 -14.30 35.98
CA TYR A 225 -6.42 -12.90 35.47
C TYR A 225 -5.25 -12.62 34.51
N TYR A 226 -5.34 -11.54 33.72
CA TYR A 226 -4.22 -11.14 32.84
C TYR A 226 -4.35 -9.62 32.60
N PHE A 227 -3.25 -9.02 32.18
CA PHE A 227 -3.29 -7.59 31.95
C PHE A 227 -3.00 -7.32 30.45
N GLU A 228 -3.46 -6.16 29.97
CA GLU A 228 -3.08 -5.72 28.60
C GLU A 228 -2.84 -4.24 28.72
N LYS A 229 -2.03 -3.70 27.78
CA LYS A 229 -1.93 -2.22 27.67
C LYS A 229 -2.13 -1.96 26.17
N LEU A 230 -3.16 -1.19 25.78
CA LEU A 230 -3.42 -0.90 24.39
C LEU A 230 -2.98 0.54 24.15
N ILE A 231 -2.57 0.80 22.92
CA ILE A 231 -2.13 2.18 22.59
C ILE A 231 -2.66 2.47 21.15
N PRO A 232 -2.82 3.73 20.78
CA PRO A 232 -3.29 4.11 19.45
C PRO A 232 -2.13 4.05 18.49
N ARG A 233 -2.28 3.28 17.43
CA ARG A 233 -1.20 3.05 16.51
C ARG A 233 -0.68 4.38 15.97
N ASN A 234 0.61 4.54 16.01
CA ASN A 234 1.22 5.87 15.64
C ASN A 234 1.92 5.63 14.27
N ARG A 235 1.13 5.73 13.25
CA ARG A 235 1.67 5.64 11.80
C ARG A 235 2.73 6.67 11.46
N GLU A 236 2.75 7.82 12.15
CA GLU A 236 3.78 8.85 11.86
C GLU A 236 5.16 8.39 12.30
N GLU A 237 5.29 7.87 13.52
CA GLU A 237 6.60 7.40 13.91
C GLU A 237 6.90 6.09 13.16
N GLU A 238 5.88 5.36 12.73
CA GLU A 238 6.11 4.14 11.96
C GLU A 238 6.88 4.47 10.66
N GLN A 239 6.61 5.64 10.09
CA GLN A 239 7.28 6.09 8.82
C GLN A 239 8.73 6.11 9.05
N TYR A 240 9.16 6.73 10.18
CA TYR A 240 10.54 6.82 10.51
C TYR A 240 11.13 5.43 10.71
N LEU A 241 10.42 4.59 11.45
CA LEU A 241 10.88 3.24 11.74
C LEU A 241 11.12 2.50 10.44
N SER A 242 10.10 2.51 9.60
CA SER A 242 10.19 1.83 8.25
C SER A 242 11.40 2.27 7.47
N LEU A 243 11.72 3.57 7.50
CA LEU A 243 12.86 4.06 6.76
CA LEU A 243 12.89 4.07 6.77
C LEU A 243 14.21 3.59 7.37
N VAL A 244 14.31 3.58 8.71
CA VAL A 244 15.50 3.06 9.38
C VAL A 244 15.64 1.54 8.99
N ASP A 245 14.54 0.80 9.02
CA ASP A 245 14.58 -0.68 8.69
C ASP A 245 15.06 -0.87 7.23
N ARG A 246 14.51 -0.08 6.31
CA ARG A 246 14.96 -0.14 4.91
C ARG A 246 16.41 0.25 4.69
N ILE A 247 16.87 1.27 5.45
CA ILE A 247 18.27 1.65 5.29
C ILE A 247 19.18 0.47 5.73
N ILE A 248 18.82 -0.15 6.85
CA ILE A 248 19.71 -1.27 7.32
C ILE A 248 19.63 -2.50 6.35
N ARG A 249 18.42 -2.81 5.86
CA ARG A 249 18.24 -4.03 5.04
CA ARG A 249 18.19 -4.03 5.04
C ARG A 249 18.76 -3.81 3.63
N GLU A 250 18.65 -2.56 3.15
CA GLU A 250 18.94 -2.33 1.71
C GLU A 250 19.83 -1.17 1.39
N GLY A 251 20.18 -0.37 2.39
CA GLY A 251 21.05 0.77 2.04
C GLY A 251 22.47 0.38 1.53
N ASN A 252 23.12 1.29 0.83
CA ASN A 252 24.48 1.12 0.32
C ASN A 252 25.47 1.39 1.46
N VAL A 253 26.48 0.53 1.59
CA VAL A 253 27.56 0.78 2.59
CA VAL A 253 27.55 0.78 2.59
C VAL A 253 28.54 1.77 1.98
N LYS A 254 28.81 2.85 2.67
CA LYS A 254 29.97 3.64 2.25
C LYS A 254 30.91 3.84 3.43
N HIS A 255 32.24 3.91 3.18
CA HIS A 255 33.15 4.39 4.23
C HIS A 255 33.82 5.71 3.83
N ASP A 256 33.85 6.76 4.67
CA ASP A 256 34.53 8.06 4.32
C ASP A 256 36.08 8.06 4.48
N THR A 258 38.34 9.11 6.74
CA THR A 258 38.53 8.74 8.14
C THR A 258 38.10 7.29 8.38
N GLY A 259 37.32 6.74 7.46
CA GLY A 259 36.85 5.36 7.57
C GLY A 259 35.58 5.06 8.40
N VAL A 260 34.76 6.06 8.74
CA VAL A 260 33.46 5.82 9.44
C VAL A 260 32.48 5.19 8.44
N GLY A 261 31.82 4.10 8.83
CA GLY A 261 30.95 3.42 7.90
C GLY A 261 29.53 3.93 8.06
N THR A 262 28.83 4.04 6.93
CA THR A 262 27.38 4.34 6.97
C THR A 262 26.66 3.38 6.01
N LEU A 263 25.37 3.18 6.28
CA LEU A 263 24.45 2.58 5.32
CA LEU A 263 24.42 2.56 5.36
C LEU A 263 23.47 3.68 4.89
N SER A 264 23.25 3.81 3.57
CA SER A 264 22.40 4.93 3.12
C SER A 264 21.43 4.61 1.98
N ILE A 265 20.40 5.44 1.91
CA ILE A 265 19.52 5.49 0.73
C ILE A 265 19.45 7.00 0.36
N PHE A 266 18.81 7.25 -0.77
CA PHE A 266 18.71 8.64 -1.21
C PHE A 266 17.28 9.03 -1.56
N GLY A 267 16.79 10.10 -0.94
CA GLY A 267 15.46 10.65 -1.26
C GLY A 267 14.30 9.96 -0.51
N ALA A 268 13.71 10.66 0.46
CA ALA A 268 12.59 10.16 1.14
C ALA A 268 11.80 11.36 1.71
N GLN A 269 10.62 11.06 2.24
CA GLN A 269 9.70 12.13 2.76
C GLN A 269 8.77 11.54 3.82
N MET A 270 8.65 12.31 4.92
CA MET A 270 7.72 11.94 6.02
C MET A 270 6.86 13.16 6.38
N ARG A 271 5.71 12.93 7.03
CA ARG A 271 4.81 13.99 7.40
C ARG A 271 4.38 13.81 8.84
N PHE A 272 4.16 14.92 9.53
CA PHE A 272 3.75 14.87 10.97
C PHE A 272 2.74 15.96 11.22
N SER A 273 1.67 15.59 11.99
CA SER A 273 0.68 16.57 12.33
C SER A 273 1.10 17.32 13.54
N LEU A 274 0.91 18.64 13.50
CA LEU A 274 1.15 19.56 14.68
C LEU A 274 -0.21 20.05 15.21
N ARG A 275 -1.32 19.44 14.77
CA ARG A 275 -2.59 20.06 15.10
C ARG A 275 -2.96 19.71 16.59
N ASN A 276 -3.72 20.63 17.17
CA ASN A 276 -4.25 20.51 18.55
C ASN A 276 -3.16 20.13 19.57
N ASN A 277 -2.08 20.86 19.47
CA ASN A 277 -0.98 20.83 20.41
C ASN A 277 -0.11 19.61 20.31
N ARG A 278 -0.36 18.71 19.34
CA ARG A 278 0.51 17.57 19.26
C ARG A 278 1.94 17.96 18.89
N LEU A 279 2.87 17.24 19.46
CA LEU A 279 4.30 17.49 19.20
C LEU A 279 4.95 16.17 18.81
N PRO A 280 5.51 16.06 17.60
CA PRO A 280 6.02 14.76 17.16
C PRO A 280 7.45 14.50 17.72
N LEU A 281 7.56 14.31 19.05
CA LEU A 281 8.83 13.90 19.69
CA LEU A 281 8.79 13.97 19.68
C LEU A 281 8.80 12.40 19.71
N LEU A 282 9.81 11.78 19.07
CA LEU A 282 9.71 10.32 18.91
C LEU A 282 9.63 9.59 20.26
N THR A 283 8.93 8.47 20.30
CA THR A 283 8.65 7.76 21.60
C THR A 283 9.56 6.52 21.69
N THR A 284 10.06 5.99 20.58
CA THR A 284 10.83 4.72 20.70
C THR A 284 12.30 4.96 21.15
N LYS A 285 12.74 6.22 21.15
CA LYS A 285 14.00 6.60 21.85
C LYS A 285 13.82 8.06 22.24
N ARG A 286 14.08 8.35 23.52
CA ARG A 286 13.86 9.75 24.04
C ARG A 286 14.68 10.80 23.23
N VAL A 287 14.06 11.92 22.90
CA VAL A 287 14.67 13.04 22.16
C VAL A 287 15.02 14.10 23.24
N PHE A 288 16.21 14.67 23.07
CA PHE A 288 16.71 15.76 24.00
C PHE A 288 15.99 17.11 23.71
N TRP A 289 14.70 17.20 24.10
CA TRP A 289 13.92 18.34 23.82
C TRP A 289 14.60 19.62 24.33
N ARG A 290 15.14 19.57 25.58
CA ARG A 290 15.67 20.89 26.09
C ARG A 290 16.71 21.44 25.10
N GLY A 291 17.53 20.52 24.50
CA GLY A 291 18.58 20.82 23.50
C GLY A 291 17.97 21.33 22.19
N VAL A 292 16.94 20.62 21.72
CA VAL A 292 16.18 21.10 20.56
C VAL A 292 15.71 22.52 20.71
N CYS A 293 15.09 22.81 21.85
CA CYS A 293 14.47 24.08 21.98
CA CYS A 293 14.51 24.14 22.09
C CYS A 293 15.52 25.21 22.14
N GLU A 294 16.52 24.97 23.02
CA GLU A 294 17.61 26.03 23.18
C GLU A 294 18.24 26.36 21.80
N GLU A 295 18.53 25.32 21.04
CA GLU A 295 19.19 25.50 19.76
C GLU A 295 18.29 26.22 18.79
N LEU A 296 17.01 25.81 18.70
CA LEU A 296 16.13 26.51 17.79
C LEU A 296 15.96 27.95 18.11
N LEU A 297 15.82 28.31 19.42
CA LEU A 297 15.78 29.70 19.72
C LEU A 297 17.05 30.48 19.33
N TRP A 298 18.18 29.84 19.47
CA TRP A 298 19.47 30.37 19.17
C TRP A 298 19.50 30.63 17.66
N PHE A 299 19.04 29.68 16.85
CA PHE A 299 18.89 29.95 15.37
C PHE A 299 18.02 31.16 15.11
N LEU A 300 16.84 31.25 15.77
CA LEU A 300 15.90 32.30 15.45
C LEU A 300 16.42 33.68 15.83
N ARG A 301 17.31 33.71 16.82
CA ARG A 301 17.91 34.95 17.27
C ARG A 301 19.03 35.37 16.33
N GLY A 302 19.41 34.49 15.39
CA GLY A 302 20.48 34.85 14.47
C GLY A 302 21.84 34.63 15.14
N GLU A 303 21.94 33.76 16.19
CA GLU A 303 23.21 33.60 16.92
C GLU A 303 24.25 32.75 16.18
N THR A 304 25.51 32.93 16.52
CA THR A 304 26.57 32.07 15.93
C THR A 304 27.62 31.60 16.86
N TYR A 305 27.54 32.01 18.13
CA TYR A 305 28.54 31.63 19.12
C TYR A 305 28.09 30.42 19.93
N ALA A 306 28.73 29.26 19.75
CA ALA A 306 28.17 28.00 20.27
C ALA A 306 28.27 27.94 21.81
N LYS A 307 29.17 28.77 22.39
CA LYS A 307 29.33 28.83 23.85
C LYS A 307 28.04 29.20 24.52
N LYS A 308 27.24 30.02 23.86
CA LYS A 308 25.84 30.29 24.34
C LYS A 308 25.01 29.06 24.62
N LEU A 309 25.24 28.04 23.82
CA LEU A 309 24.58 26.75 24.04
C LEU A 309 25.30 25.87 25.07
N SER A 310 26.64 25.75 24.96
CA SER A 310 27.38 24.81 25.90
C SER A 310 27.28 25.34 27.36
N ASP A 311 27.21 26.67 27.52
CA ASP A 311 26.96 27.28 28.85
C ASP A 311 25.55 27.01 29.45
N LYS A 312 24.60 26.59 28.60
CA LYS A 312 23.31 26.06 29.07
C LYS A 312 23.28 24.55 29.14
N GLY A 313 24.40 23.90 28.96
CA GLY A 313 24.52 22.46 29.13
C GLY A 313 24.04 21.76 27.85
N VAL A 314 24.11 22.49 26.75
CA VAL A 314 23.75 21.88 25.43
C VAL A 314 25.00 21.83 24.60
N HIS A 315 25.54 20.62 24.42
CA HIS A 315 26.93 20.43 23.93
C HIS A 315 27.08 19.98 22.47
N ILE A 316 25.96 20.05 21.70
CA ILE A 316 25.82 19.47 20.37
C ILE A 316 26.76 20.14 19.38
N TRP A 317 27.19 21.37 19.67
CA TRP A 317 28.16 22.05 18.79
C TRP A 317 29.65 21.98 19.24
N ASP A 318 29.93 21.36 20.37
CA ASP A 318 31.31 21.42 20.95
C ASP A 318 32.32 20.83 20.00
N ASP A 319 32.04 19.66 19.37
CA ASP A 319 32.99 19.12 18.41
C ASP A 319 33.35 20.05 17.22
N ASN A 320 32.36 20.79 16.72
CA ASN A 320 32.54 21.60 15.50
C ASN A 320 32.91 23.03 15.76
N GLY A 321 33.01 23.38 17.04
CA GLY A 321 33.46 24.70 17.44
C GLY A 321 34.84 24.70 18.10
N SER A 322 35.48 23.53 18.19
CA SER A 322 36.83 23.42 18.80
C SER A 322 37.91 24.09 17.94
N ARG A 323 38.98 24.56 18.59
CA ARG A 323 40.11 25.20 17.93
C ARG A 323 40.60 24.36 16.74
N ALA A 324 40.63 23.05 17.01
CA ALA A 324 41.14 22.00 16.17
C ALA A 324 40.22 21.90 14.97
N PHE A 325 38.90 21.78 15.21
CA PHE A 325 37.99 21.66 14.11
C PHE A 325 37.98 22.90 13.21
N LEU A 326 37.99 24.07 13.84
CA LEU A 326 37.97 25.35 13.14
C LEU A 326 39.26 25.48 12.32
N ASP A 327 40.37 25.10 12.94
CA ASP A 327 41.64 25.12 12.19
C ASP A 327 41.56 24.21 10.98
N SER A 328 40.94 23.02 11.13
CA SER A 328 40.78 22.04 10.00
C SER A 328 39.92 22.53 8.86
N ARG A 329 39.09 23.58 9.10
CA ARG A 329 38.38 24.29 8.07
C ARG A 329 39.11 25.50 7.52
N GLY A 330 40.33 25.77 7.95
CA GLY A 330 40.89 27.05 7.56
C GLY A 330 40.48 28.27 8.38
N LEU A 331 39.70 28.07 9.46
CA LEU A 331 39.08 29.23 10.19
C LEU A 331 39.94 29.57 11.41
N THR A 332 41.19 29.95 11.09
CA THR A 332 42.25 30.08 12.10
C THR A 332 42.07 31.33 12.93
N GLU A 333 41.51 32.34 12.30
CA GLU A 333 41.25 33.64 12.88
C GLU A 333 39.95 33.66 13.75
N TYR A 334 39.09 32.62 13.69
CA TYR A 334 37.94 32.62 14.57
C TYR A 334 38.31 32.23 16.00
N GLU A 335 37.76 32.94 16.99
CA GLU A 335 37.82 32.40 18.34
C GLU A 335 37.12 31.13 18.54
N GLU A 336 37.60 30.31 19.47
CA GLU A 336 36.97 29.05 19.79
C GLU A 336 35.44 29.26 19.98
N MET A 337 34.70 28.30 19.43
CA MET A 337 33.21 28.30 19.37
CA MET A 337 33.20 28.36 19.44
C MET A 337 32.51 29.41 18.54
N ASP A 338 33.24 30.26 17.84
CA ASP A 338 32.61 31.18 16.87
C ASP A 338 32.45 30.32 15.58
N LEU A 339 31.21 29.99 15.22
CA LEU A 339 31.01 29.02 14.08
C LEU A 339 31.03 29.69 12.71
N GLY A 340 31.15 31.00 12.68
CA GLY A 340 30.99 31.83 11.47
C GLY A 340 29.47 31.94 11.11
N PRO A 341 29.15 32.28 9.86
CA PRO A 341 27.79 32.83 9.56
C PRO A 341 26.88 31.66 9.27
N VAL A 342 26.75 30.73 10.19
CA VAL A 342 25.88 29.58 10.04
C VAL A 342 24.46 29.83 10.16
N TYR A 343 23.75 28.89 9.65
CA TYR A 343 22.38 28.84 10.15
C TYR A 343 21.74 30.20 10.32
N GLY A 344 21.17 30.40 11.56
CA GLY A 344 20.28 31.60 11.94
C GLY A 344 20.88 32.82 11.48
N PHE A 345 22.17 32.90 11.38
CA PHE A 345 22.80 34.05 10.75
C PHE A 345 22.27 34.25 9.35
N GLN A 346 22.19 33.19 8.55
CA GLN A 346 21.67 33.41 7.18
C GLN A 346 20.15 33.60 7.21
N TRP A 347 19.46 32.94 8.19
CA TRP A 347 18.01 33.16 8.28
C TRP A 347 17.62 34.66 8.53
N ARG A 348 18.41 35.37 9.33
CA ARG A 348 18.07 36.71 9.73
C ARG A 348 18.89 37.77 9.02
N HIS A 349 20.03 37.36 8.42
CA HIS A 349 20.95 38.32 7.78
C HIS A 349 21.58 37.69 6.49
N PHE A 350 20.78 36.93 5.72
CA PHE A 350 21.37 36.32 4.49
C PHE A 350 22.21 37.36 3.69
N GLY A 351 23.46 36.92 3.40
CA GLY A 351 24.38 37.62 2.50
C GLY A 351 25.14 38.74 3.26
N ALA A 352 24.91 38.92 4.55
CA ALA A 352 25.63 39.98 5.24
C ALA A 352 27.06 39.56 5.36
N ALA A 353 27.99 40.60 5.42
CA ALA A 353 29.37 40.29 5.68
C ALA A 353 29.53 39.91 7.12
N TYR A 354 30.18 38.79 7.37
CA TYR A 354 30.45 38.37 8.70
C TYR A 354 31.89 38.83 9.13
N THR A 355 31.98 39.40 10.32
CA THR A 355 33.31 39.59 10.96
C THR A 355 33.55 38.60 12.12
N HIS A 356 32.81 38.74 13.23
CA HIS A 356 32.94 37.84 14.36
C HIS A 356 31.58 37.70 15.04
N HIS A 357 31.47 36.73 15.92
CA HIS A 357 30.21 36.51 16.61
C HIS A 357 29.84 37.76 17.47
N ASP A 358 28.54 38.05 17.55
CA ASP A 358 28.04 39.09 18.45
C ASP A 358 28.41 40.51 18.09
N ALA A 359 28.82 40.78 16.86
CA ALA A 359 28.87 42.14 16.38
C ALA A 359 27.44 42.62 16.15
N ASN A 360 27.26 43.88 15.85
CA ASN A 360 25.92 44.41 15.66
C ASN A 360 25.60 44.15 14.15
N TYR A 361 24.81 43.15 13.82
CA TYR A 361 24.34 42.95 12.41
C TYR A 361 22.91 43.41 12.19
N ASP A 362 22.32 44.27 13.07
CA ASP A 362 21.02 44.81 12.81
C ASP A 362 20.91 45.51 11.43
N GLY A 363 19.88 45.12 10.68
CA GLY A 363 19.68 45.74 9.39
C GLY A 363 20.59 45.27 8.28
N GLN A 364 21.50 44.32 8.53
CA GLN A 364 22.41 43.85 7.47
CA GLN A 364 22.44 43.83 7.51
C GLN A 364 21.92 42.53 6.90
N GLY A 365 22.04 42.37 5.58
CA GLY A 365 21.59 41.06 5.04
C GLY A 365 20.10 41.04 4.92
N VAL A 366 19.58 39.92 4.42
CA VAL A 366 18.16 39.84 4.21
C VAL A 366 17.53 39.15 5.42
N ASP A 367 16.54 39.78 6.05
CA ASP A 367 15.90 39.05 7.19
C ASP A 367 14.76 38.25 6.63
N GLN A 368 15.07 36.98 6.34
CA GLN A 368 14.06 36.13 5.72
C GLN A 368 12.89 35.78 6.62
N ILE A 369 13.21 35.58 7.90
CA ILE A 369 12.13 35.24 8.84
C ILE A 369 11.12 36.36 9.05
N LYS A 370 11.62 37.59 9.25
CA LYS A 370 10.71 38.73 9.31
C LYS A 370 9.83 38.90 8.10
N ALA A 371 10.44 38.75 6.89
CA ALA A 371 9.72 38.91 5.68
C ALA A 371 8.58 37.85 5.54
N ILE A 372 8.89 36.61 5.85
CA ILE A 372 7.86 35.52 5.77
C ILE A 372 6.75 35.81 6.76
N VAL A 373 7.11 36.30 7.94
CA VAL A 373 6.07 36.55 8.99
C VAL A 373 5.15 37.62 8.46
N GLU A 374 5.74 38.67 7.83
CA GLU A 374 4.85 39.68 7.24
CA GLU A 374 4.91 39.73 7.20
C GLU A 374 3.97 39.18 6.10
N THR A 375 4.54 38.36 5.22
CA THR A 375 3.74 37.77 4.14
C THR A 375 2.68 36.85 4.64
N LEU A 376 2.96 36.07 5.69
CA LEU A 376 1.92 35.16 6.19
C LEU A 376 0.65 35.90 6.67
N LYS A 377 0.88 37.11 7.18
CA LYS A 377 -0.19 37.93 7.79
C LYS A 377 -1.07 38.64 6.72
N THR A 378 -0.47 38.93 5.56
CA THR A 378 -1.10 39.77 4.51
C THR A 378 -1.46 39.01 3.22
N ASN A 379 -0.65 38.00 2.85
CA ASN A 379 -0.86 37.25 1.59
C ASN A 379 -0.48 35.75 1.82
N PRO A 380 -1.23 35.03 2.66
CA PRO A 380 -0.81 33.68 3.04
C PRO A 380 -0.87 32.69 1.89
N ASP A 381 -1.47 33.07 0.74
CA ASP A 381 -1.40 32.18 -0.43
C ASP A 381 -0.14 32.29 -1.28
N ASP A 382 0.75 33.19 -0.92
CA ASP A 382 2.05 33.36 -1.64
C ASP A 382 2.83 32.06 -1.74
N ARG A 383 3.44 31.79 -2.88
CA ARG A 383 4.19 30.56 -3.08
C ARG A 383 5.70 30.74 -2.94
N ARG A 384 6.12 31.88 -2.41
CA ARG A 384 7.55 32.17 -2.23
C ARG A 384 7.96 32.38 -0.76
N MET A 385 7.10 31.94 0.15
CA MET A 385 7.37 32.06 1.58
C MET A 385 8.37 31.03 2.05
N LEU A 386 9.58 31.01 1.50
CA LEU A 386 10.72 30.13 1.88
C LEU A 386 11.94 30.82 2.42
N PHE A 387 12.71 30.13 3.26
CA PHE A 387 13.98 30.67 3.71
C PHE A 387 15.08 29.60 3.61
N THR A 388 16.33 30.03 3.52
CA THR A 388 17.44 29.13 3.31
C THR A 388 18.63 29.57 4.14
N ALA A 389 19.40 28.57 4.50
CA ALA A 389 20.77 28.84 4.96
C ALA A 389 21.83 28.47 3.95
N TRP A 390 21.46 27.88 2.80
CA TRP A 390 22.51 27.38 1.91
C TRP A 390 22.96 28.56 1.10
N ASN A 391 24.05 29.19 1.53
CA ASN A 391 24.61 30.39 0.83
C ASN A 391 25.99 30.02 0.37
N PRO A 392 26.13 29.64 -0.96
CA PRO A 392 27.45 29.17 -1.38
C PRO A 392 28.56 30.28 -1.26
N SER A 393 28.19 31.54 -1.31
CA SER A 393 29.19 32.61 -1.06
C SER A 393 29.82 32.51 0.37
N ALA A 394 29.01 32.08 1.36
CA ALA A 394 29.44 32.00 2.77
C ALA A 394 29.82 30.65 3.26
N LEU A 395 29.54 29.62 2.46
CA LEU A 395 29.89 28.25 2.81
C LEU A 395 31.32 28.07 3.37
N PRO A 396 32.35 28.56 2.69
CA PRO A 396 33.69 28.37 3.20
C PRO A 396 34.03 29.07 4.55
N ARG A 397 33.21 30.00 4.96
CA ARG A 397 33.39 30.78 6.23
C ARG A 397 32.60 30.14 7.34
N MET A 398 31.82 29.04 7.06
CA MET A 398 31.11 28.36 8.09
C MET A 398 31.86 27.20 8.62
N ALA A 399 31.69 26.97 9.93
CA ALA A 399 32.30 25.76 10.56
C ALA A 399 31.82 24.49 9.81
N LEU A 400 30.56 24.51 9.44
CA LEU A 400 29.90 23.47 8.66
C LEU A 400 28.78 24.04 7.77
N PRO A 401 28.63 23.55 6.56
CA PRO A 401 27.47 23.88 5.74
C PRO A 401 26.24 23.33 6.42
N PRO A 402 25.12 24.02 6.33
CA PRO A 402 23.90 23.60 7.04
C PRO A 402 23.44 22.27 6.45
N CYS A 403 22.88 21.48 7.34
CA CYS A 403 22.31 20.23 7.00
CA CYS A 403 22.29 20.18 6.98
CA CYS A 403 22.31 20.24 6.85
C CYS A 403 20.81 20.39 6.66
N HIS A 404 20.03 20.88 7.66
CA HIS A 404 18.65 21.32 7.41
C HIS A 404 18.74 22.68 6.77
N LEU A 405 18.42 22.78 5.49
CA LEU A 405 19.00 23.92 4.70
C LEU A 405 17.97 24.85 4.09
N LEU A 406 16.68 24.43 3.95
CA LEU A 406 15.67 25.36 3.66
C LEU A 406 14.34 24.89 4.21
N ALA A 407 13.45 25.76 4.22
CA ALA A 407 12.08 25.39 4.58
C ALA A 407 11.11 26.30 3.85
N GLN A 408 9.91 25.79 3.60
CA GLN A 408 8.88 26.53 2.87
C GLN A 408 7.61 26.42 3.66
N PHE A 409 6.87 27.49 3.69
CA PHE A 409 5.55 27.47 4.39
C PHE A 409 4.39 27.51 3.44
N TYR A 410 3.25 26.99 3.92
CA TYR A 410 2.02 26.92 3.15
C TYR A 410 0.88 27.13 4.12
N VAL A 411 -0.21 27.75 3.65
CA VAL A 411 -1.36 27.96 4.55
C VAL A 411 -2.65 27.34 3.95
N SER A 412 -3.41 26.61 4.75
CA SER A 412 -4.75 26.22 4.33
C SER A 412 -5.65 26.18 5.50
N ASN A 413 -6.85 26.72 5.26
CA ASN A 413 -7.91 26.72 6.31
C ASN A 413 -7.39 27.31 7.62
N GLY A 414 -6.67 28.41 7.53
CA GLY A 414 -6.08 29.04 8.76
C GLY A 414 -5.01 28.17 9.50
N GLU A 415 -4.52 27.09 8.85
CA GLU A 415 -3.43 26.32 9.44
C GLU A 415 -2.08 26.48 8.71
N LEU A 416 -0.99 26.61 9.45
CA LEU A 416 0.31 26.80 8.81
C LEU A 416 1.07 25.47 8.71
N SER A 417 1.56 25.16 7.51
CA SER A 417 2.33 23.93 7.31
C SER A 417 3.75 24.32 6.91
N CYS A 418 4.73 23.48 7.02
CA CYS A 418 6.15 23.72 6.75
C CYS A 418 6.71 22.45 6.20
N MET A 419 7.45 22.70 5.13
CA MET A 419 8.29 21.59 4.59
C MET A 419 9.75 21.97 4.73
N LEU A 420 10.50 21.04 5.30
CA LEU A 420 11.98 21.09 5.52
CA LEU A 420 11.98 21.23 5.39
C LEU A 420 12.74 20.26 4.48
N TYR A 421 13.80 20.80 3.93
CA TYR A 421 14.64 19.94 3.11
C TYR A 421 15.97 19.74 3.87
N GLN A 422 16.31 18.48 4.06
CA GLN A 422 17.56 18.17 4.78
C GLN A 422 18.51 17.34 3.91
N ARG A 423 19.70 17.88 3.61
CA ARG A 423 20.66 17.18 2.65
C ARG A 423 21.31 15.89 3.19
N SER A 424 21.43 15.76 4.52
CA SER A 424 22.23 14.66 5.09
C SER A 424 21.55 14.39 6.43
N CYS A 425 21.10 13.17 6.56
CA CYS A 425 20.20 12.81 7.57
C CYS A 425 20.75 11.62 8.34
N ASP A 426 21.25 11.92 9.54
CA ASP A 426 21.64 10.77 10.48
C ASP A 426 20.37 10.26 11.15
N MET A 427 19.90 9.06 10.81
CA MET A 427 18.59 8.66 11.25
C MET A 427 18.56 8.45 12.76
N GLY A 428 19.71 8.01 13.32
CA GLY A 428 19.80 7.65 14.79
C GLY A 428 19.60 8.84 15.70
N LEU A 429 20.38 9.89 15.47
CA LEU A 429 20.28 11.07 16.35
C LEU A 429 19.90 12.42 15.74
N GLY A 430 20.29 12.69 14.49
CA GLY A 430 19.97 13.93 13.95
C GLY A 430 18.46 14.09 13.61
N VAL A 431 17.95 13.12 12.84
CA VAL A 431 16.64 13.24 12.31
C VAL A 431 15.53 13.45 13.36
N PRO A 432 15.51 12.64 14.44
CA PRO A 432 14.48 12.93 15.46
C PRO A 432 14.60 14.34 16.08
N PHE A 433 15.82 14.78 16.31
CA PHE A 433 16.10 16.17 16.79
C PHE A 433 15.60 17.23 15.86
N ASN A 434 15.84 17.01 14.53
CA ASN A 434 15.41 18.03 13.51
C ASN A 434 13.87 17.97 13.33
N ILE A 435 13.26 16.75 13.42
CA ILE A 435 11.80 16.79 13.34
C ILE A 435 11.28 17.74 14.43
N ALA A 436 11.79 17.55 15.64
CA ALA A 436 11.24 18.36 16.78
C ALA A 436 11.56 19.83 16.56
N SER A 437 12.74 20.08 16.06
CA SER A 437 13.20 21.47 15.90
CA SER A 437 13.25 21.50 15.78
C SER A 437 12.25 22.26 14.91
N TYR A 438 11.89 21.59 13.82
CA TYR A 438 11.01 22.21 12.82
C TYR A 438 9.54 22.24 13.25
N ALA A 439 9.12 21.26 14.05
CA ALA A 439 7.79 21.29 14.63
C ALA A 439 7.72 22.55 15.49
N LEU A 440 8.74 22.79 16.31
CA LEU A 440 8.68 23.96 17.24
C LEU A 440 8.72 25.26 16.39
N LEU A 441 9.61 25.32 15.37
CA LEU A 441 9.66 26.54 14.49
C LEU A 441 8.27 26.82 13.92
N THR A 442 7.57 25.79 13.40
CA THR A 442 6.29 26.01 12.81
C THR A 442 5.27 26.53 13.80
N ILE A 443 5.33 25.93 15.00
CA ILE A 443 4.40 26.37 16.03
C ILE A 443 4.67 27.87 16.37
N LEU A 444 5.94 28.22 16.55
CA LEU A 444 6.26 29.64 16.86
C LEU A 444 5.89 30.63 15.75
N ILE A 445 6.10 30.26 14.48
CA ILE A 445 5.72 31.14 13.38
C ILE A 445 4.19 31.24 13.30
N ALA A 446 3.44 30.12 13.58
CA ALA A 446 1.98 30.24 13.52
C ALA A 446 1.53 31.28 14.64
N LYS A 447 2.18 31.19 15.82
CA LYS A 447 1.85 32.12 16.96
C LYS A 447 2.16 33.57 16.59
N ALA A 448 3.19 33.73 15.78
CA ALA A 448 3.57 35.11 15.27
C ALA A 448 2.69 35.64 14.17
N THR A 449 1.78 34.81 13.60
CA THR A 449 1.05 35.22 12.43
C THR A 449 -0.44 35.05 12.45
N GLY A 450 -1.03 34.70 13.62
CA GLY A 450 -2.45 34.63 13.64
C GLY A 450 -2.94 33.28 13.14
N LEU A 451 -2.06 32.29 13.05
CA LEU A 451 -2.42 30.97 12.47
C LEU A 451 -2.37 29.84 13.49
N ARG A 452 -2.99 28.67 13.13
CA ARG A 452 -2.85 27.47 13.96
C ARG A 452 -1.79 26.57 13.30
N PRO A 453 -1.04 25.80 14.09
CA PRO A 453 -0.06 24.84 13.58
C PRO A 453 -0.74 23.69 12.77
N GLY A 454 -0.21 23.42 11.57
CA GLY A 454 -0.86 22.37 10.70
C GLY A 454 0.04 21.18 10.61
N GLU A 455 0.77 20.99 9.49
CA GLU A 455 1.54 19.78 9.27
C GLU A 455 3.02 20.12 9.03
N LEU A 456 3.90 19.25 9.42
CA LEU A 456 5.36 19.32 9.09
C LEU A 456 5.66 18.24 8.06
N VAL A 457 6.27 18.65 6.95
CA VAL A 457 6.71 17.71 5.91
C VAL A 457 8.23 17.76 5.92
N HIS A 458 8.85 16.61 6.04
CA HIS A 458 10.34 16.51 6.15
C HIS A 458 10.85 15.75 4.92
N THR A 459 11.56 16.47 4.05
CA THR A 459 12.21 15.81 2.89
C THR A 459 13.66 15.48 3.21
N LEU A 460 14.06 14.25 2.92
CA LEU A 460 15.41 13.77 3.23
C LEU A 460 16.17 13.48 1.95
N GLY A 461 17.43 13.92 1.95
CA GLY A 461 18.38 13.63 0.86
C GLY A 461 19.09 12.31 1.17
N ASP A 462 20.40 12.38 1.52
CA ASP A 462 21.19 11.21 1.87
C ASP A 462 20.83 10.85 3.35
N ALA A 463 20.12 9.75 3.48
CA ALA A 463 19.55 9.32 4.78
C ALA A 463 20.28 8.08 5.18
N HIS A 464 20.89 8.15 6.39
CA HIS A 464 21.93 7.13 6.67
C HIS A 464 21.83 6.68 8.13
N VAL A 465 22.34 5.48 8.39
CA VAL A 465 22.52 4.98 9.77
C VAL A 465 24.06 4.69 9.85
N TYR A 466 24.75 5.14 10.91
CA TYR A 466 26.19 4.79 11.05
C TYR A 466 26.31 3.28 11.28
N SER A 467 27.28 2.64 10.65
CA SER A 467 27.25 1.17 10.73
C SER A 467 27.38 0.58 12.18
N ASN A 468 27.95 1.33 13.12
CA ASN A 468 27.95 0.89 14.52
C ASN A 468 26.60 1.13 15.27
N HIS A 469 25.59 1.62 14.58
CA HIS A 469 24.33 1.89 15.24
C HIS A 469 23.32 0.93 14.75
N VAL A 470 23.76 -0.01 13.90
CA VAL A 470 22.89 -1.04 13.37
C VAL A 470 22.29 -1.92 14.47
N GLU A 471 23.09 -2.49 15.36
CA GLU A 471 22.44 -3.40 16.38
C GLU A 471 21.46 -2.59 17.32
N PRO A 472 21.89 -1.46 17.86
CA PRO A 472 20.89 -0.69 18.63
C PRO A 472 19.66 -0.24 17.82
N CYS A 473 19.81 0.21 16.54
CA CYS A 473 18.63 0.47 15.73
C CYS A 473 17.77 -0.76 15.63
N ASN A 474 18.34 -1.96 15.49
CA ASN A 474 17.52 -3.21 15.47
C ASN A 474 16.78 -3.43 16.79
N GLU A 475 17.39 -3.05 17.89
CA GLU A 475 16.79 -3.21 19.22
C GLU A 475 15.63 -2.18 19.30
N GLN A 476 15.90 -0.92 18.91
CA GLN A 476 14.81 0.11 18.78
C GLN A 476 13.66 -0.28 17.87
N LEU A 477 13.95 -0.97 16.76
CA LEU A 477 12.90 -1.45 15.85
C LEU A 477 12.00 -2.54 16.47
N LYS A 478 12.40 -3.09 17.62
CA LYS A 478 11.52 -4.01 18.40
C LYS A 478 10.32 -3.22 19.05
N ARG A 479 10.45 -1.91 19.20
CA ARG A 479 9.45 -1.25 19.98
C ARG A 479 8.32 -0.71 19.14
N VAL A 480 7.10 -0.87 19.66
CA VAL A 480 5.90 -0.33 19.06
C VAL A 480 5.72 1.14 19.47
N PRO A 481 5.77 2.08 18.50
CA PRO A 481 5.65 3.50 18.96
C PRO A 481 4.39 3.85 19.68
N ARG A 482 4.50 4.77 20.66
CA ARG A 482 3.37 5.22 21.44
C ARG A 482 2.82 6.52 20.92
N ALA A 483 1.67 6.97 21.48
CA ALA A 483 1.13 8.27 21.13
C ALA A 483 2.19 9.36 21.41
N PHE A 484 2.21 10.39 20.54
CA PHE A 484 3.16 11.50 20.74
C PHE A 484 2.64 12.36 21.94
N PRO A 485 3.53 13.23 22.43
CA PRO A 485 3.17 14.14 23.48
C PRO A 485 2.55 15.45 22.90
N TYR A 486 2.40 16.45 23.77
CA TYR A 486 1.84 17.74 23.39
C TYR A 486 2.71 18.89 23.91
N LEU A 487 2.60 20.04 23.23
CA LEU A 487 3.41 21.31 23.62
C LEU A 487 2.41 22.38 24.07
N VAL A 488 2.60 22.93 25.30
CA VAL A 488 1.84 24.08 25.76
C VAL A 488 2.76 25.25 26.11
N PHE A 489 2.21 26.46 26.07
CA PHE A 489 2.98 27.66 26.45
C PHE A 489 2.48 28.18 27.82
N ARG A 490 3.40 28.30 28.77
CA ARG A 490 3.07 28.77 30.10
C ARG A 490 2.87 30.28 30.04
N ARG A 491 3.65 30.94 29.18
CA ARG A 491 3.50 32.38 29.05
C ARG A 491 3.91 32.77 27.64
N GLU A 492 3.77 34.05 27.35
CA GLU A 492 4.06 34.55 26.02
C GLU A 492 5.15 35.66 26.15
N ARG A 493 5.54 36.21 24.98
CA ARG A 493 6.54 37.32 24.91
C ARG A 493 6.08 38.34 23.93
N GLU A 494 6.52 39.60 24.10
CA GLU A 494 6.20 40.63 23.18
C GLU A 494 6.91 40.43 21.79
N PHE A 495 8.09 39.87 21.79
CA PHE A 495 8.83 39.61 20.55
C PHE A 495 9.18 38.14 20.41
N LEU A 496 9.19 37.67 19.18
CA LEU A 496 9.53 36.28 18.91
C LEU A 496 10.91 35.95 19.40
N GLU A 497 11.84 36.90 19.28
CA GLU A 497 13.20 36.61 19.76
C GLU A 497 13.38 36.55 21.26
N ASP A 498 12.36 36.91 22.02
CA ASP A 498 12.50 36.85 23.47
C ASP A 498 11.96 35.54 24.06
N TYR A 499 11.46 34.63 23.19
CA TYR A 499 11.02 33.31 23.74
C TYR A 499 12.16 32.57 24.40
N GLU A 500 11.84 31.84 25.51
CA GLU A 500 12.77 31.06 26.24
C GLU A 500 12.27 29.63 26.42
N GLU A 501 13.20 28.69 26.61
CA GLU A 501 12.87 27.24 26.83
C GLU A 501 11.92 27.04 28.02
N GLY A 502 12.14 27.82 29.09
CA GLY A 502 11.10 27.83 30.19
C GLY A 502 9.71 28.38 29.90
N ASP A 503 9.43 29.04 28.76
CA ASP A 503 8.14 29.52 28.47
C ASP A 503 7.14 28.43 28.04
N MET A 504 7.71 27.32 27.68
CA MET A 504 6.88 26.25 27.11
C MET A 504 7.17 24.92 27.83
N GLU A 505 6.25 23.95 27.69
CA GLU A 505 6.56 22.67 28.31
C GLU A 505 5.93 21.51 27.53
N VAL A 506 6.65 20.44 27.41
CA VAL A 506 6.18 19.19 26.75
C VAL A 506 5.46 18.36 27.84
N ILE A 507 4.22 17.91 27.57
CA ILE A 507 3.35 17.22 28.58
C ILE A 507 3.03 15.91 27.92
N ASP A 508 2.84 14.89 28.78
CA ASP A 508 2.51 13.56 28.32
C ASP A 508 3.51 12.90 27.40
N TYR A 509 4.79 13.10 27.66
CA TYR A 509 5.85 12.44 26.91
C TYR A 509 6.19 11.16 27.70
N ALA A 510 6.03 9.99 27.08
CA ALA A 510 6.27 8.72 27.76
C ALA A 510 7.14 7.83 26.87
N PRO A 511 8.43 8.22 26.69
CA PRO A 511 9.24 7.46 25.78
C PRO A 511 9.62 6.11 26.41
N TYR A 512 10.11 5.17 25.61
CA TYR A 512 10.57 3.89 26.16
C TYR A 512 11.89 4.19 26.88
N PRO A 513 12.41 3.25 27.65
CA PRO A 513 13.67 3.47 28.38
C PRO A 513 14.89 3.36 27.45
N PRO A 514 16.09 3.73 27.93
CA PRO A 514 17.31 3.77 27.07
C PRO A 514 17.64 2.47 26.34
N SER B 2 38.84 26.95 -23.32
CA SER B 2 38.40 28.05 -22.40
C SER B 2 38.40 27.57 -20.91
N LEU B 3 39.16 28.28 -20.05
CA LEU B 3 39.46 27.86 -18.67
C LEU B 3 38.21 27.81 -17.75
N PHE B 4 37.15 28.52 -18.13
CA PHE B 4 35.98 28.64 -17.26
C PHE B 4 34.93 27.58 -17.55
N LYS B 5 35.02 26.96 -18.72
CA LYS B 5 34.10 25.84 -19.14
C LYS B 5 34.44 24.51 -18.47
N ILE B 6 33.59 23.53 -18.66
CA ILE B 6 33.74 22.23 -18.02
C ILE B 6 34.13 21.23 -19.12
N ARG B 7 35.34 20.71 -19.06
CA ARG B 7 35.78 19.78 -20.12
C ARG B 7 35.22 18.40 -19.90
N MET B 8 34.65 17.81 -20.95
CA MET B 8 34.10 16.47 -20.88
CA MET B 8 34.08 16.45 -20.91
C MET B 8 35.24 15.46 -20.82
N PRO B 9 35.10 14.38 -20.01
CA PRO B 9 36.18 13.41 -20.00
C PRO B 9 36.12 12.53 -21.27
N GLU B 10 37.18 11.78 -21.54
CA GLU B 10 37.13 11.02 -22.82
C GLU B 10 36.22 9.78 -22.71
N THR B 11 35.77 9.45 -21.49
CA THR B 11 34.72 8.45 -21.29
C THR B 11 33.31 9.01 -21.64
N VAL B 12 33.23 10.23 -22.17
CA VAL B 12 31.93 10.93 -22.40
C VAL B 12 30.76 10.11 -23.06
N ALA B 13 31.12 9.37 -24.13
CA ALA B 13 30.15 8.57 -24.91
C ALA B 13 29.77 7.25 -24.21
N GLU B 14 30.63 6.77 -23.33
CA GLU B 14 30.50 5.42 -22.69
C GLU B 14 29.22 5.13 -21.93
N GLY B 15 28.89 5.99 -20.99
CA GLY B 15 27.83 5.66 -20.05
C GLY B 15 26.47 5.92 -20.63
N THR B 16 26.44 6.43 -21.87
CA THR B 16 25.19 6.81 -22.51
CA THR B 16 25.14 6.72 -22.51
C THR B 16 25.03 5.99 -23.85
N ARG B 17 26.01 5.14 -24.20
CA ARG B 17 25.88 4.42 -25.52
C ARG B 17 24.67 3.43 -25.41
N LEU B 18 23.78 3.44 -26.40
CA LEU B 18 22.60 2.59 -26.32
C LEU B 18 23.02 1.17 -26.63
N ALA B 19 22.77 0.26 -25.70
CA ALA B 19 23.16 -1.13 -25.83
C ALA B 19 22.26 -1.89 -26.79
N LEU B 20 20.96 -1.80 -26.54
CA LEU B 20 19.95 -2.54 -27.37
C LEU B 20 18.90 -1.50 -27.74
N ARG B 21 18.38 -1.59 -28.98
CA ARG B 21 17.30 -0.72 -29.41
C ARG B 21 15.94 -1.26 -28.95
N ALA B 22 15.01 -0.40 -28.49
CA ALA B 22 13.66 -0.88 -28.08
C ALA B 22 12.85 -1.36 -29.28
N PHE B 23 11.78 -2.11 -29.01
CA PHE B 23 10.95 -2.63 -30.11
C PHE B 23 9.56 -3.08 -29.65
N SER B 24 8.72 -3.48 -30.59
CA SER B 24 7.40 -3.92 -30.26
C SER B 24 7.19 -5.22 -30.99
N LEU B 25 6.15 -5.95 -30.60
CA LEU B 25 6.03 -7.35 -31.08
C LEU B 25 4.64 -7.44 -31.74
N VAL B 26 4.51 -8.22 -32.86
CA VAL B 26 3.18 -8.33 -33.51
C VAL B 26 3.10 -9.83 -33.72
N VAL B 27 1.95 -10.41 -33.33
CA VAL B 27 1.77 -11.90 -33.40
C VAL B 27 0.28 -12.20 -33.65
N ALA B 28 0.00 -13.34 -34.32
CA ALA B 28 -1.38 -13.82 -34.41
C ALA B 28 -1.39 -15.19 -33.76
N VAL B 29 -2.43 -15.46 -32.98
CA VAL B 29 -2.54 -16.76 -32.24
C VAL B 29 -3.93 -17.33 -32.46
N ASP B 30 -4.03 -18.61 -32.24
CA ASP B 30 -5.37 -19.18 -32.11
C ASP B 30 -5.94 -19.03 -30.68
N GLU B 31 -7.11 -19.58 -30.40
CA GLU B 31 -7.77 -19.34 -29.10
C GLU B 31 -7.09 -20.04 -27.97
N HIS B 32 -6.17 -20.93 -28.34
CA HIS B 32 -5.36 -21.60 -27.33
C HIS B 32 -4.00 -20.95 -27.10
N GLY B 33 -3.70 -19.84 -27.79
CA GLY B 33 -2.34 -19.28 -27.73
C GLY B 33 -1.36 -19.86 -28.71
N GLY B 34 -1.81 -20.73 -29.65
CA GLY B 34 -0.88 -21.38 -30.58
C GLY B 34 -0.51 -20.47 -31.75
N ILE B 35 0.76 -20.43 -32.20
N ILE B 35 0.76 -20.52 -32.14
CA ILE B 35 1.16 -19.42 -33.26
CA ILE B 35 1.16 -20.11 -33.47
C ILE B 35 1.30 -19.85 -34.71
C ILE B 35 1.38 -21.51 -34.13
N GLY B 36 1.83 -21.05 -34.90
N GLY B 36 0.90 -21.74 -35.36
CA GLY B 36 2.09 -21.61 -36.23
CA GLY B 36 1.14 -23.00 -36.05
C GLY B 36 3.12 -22.72 -36.11
C GLY B 36 2.42 -22.90 -36.86
N TRP B 43 -3.70 -18.56 -42.23
CA TRP B 43 -4.88 -18.25 -41.44
C TRP B 43 -6.03 -17.76 -42.31
N ASN B 44 -5.70 -16.85 -43.23
CA ASN B 44 -6.71 -16.29 -44.14
C ASN B 44 -7.66 -15.34 -43.44
N VAL B 45 -7.16 -14.33 -42.71
CA VAL B 45 -8.01 -13.27 -42.15
C VAL B 45 -7.47 -11.97 -42.78
N PRO B 46 -8.08 -11.50 -43.90
CA PRO B 46 -7.45 -10.38 -44.65
C PRO B 46 -7.38 -9.08 -43.84
N GLU B 47 -8.33 -8.88 -42.90
CA GLU B 47 -8.32 -7.66 -42.06
C GLU B 47 -7.03 -7.67 -41.15
N ASP B 48 -6.63 -8.85 -40.74
CA ASP B 48 -5.40 -8.99 -39.91
C ASP B 48 -4.13 -8.77 -40.68
N MET B 49 -4.08 -9.28 -41.92
CA MET B 49 -2.98 -8.83 -42.82
C MET B 49 -2.94 -7.38 -43.11
N LYS B 50 -4.09 -6.76 -43.28
CA LYS B 50 -4.16 -5.32 -43.50
C LYS B 50 -3.61 -4.58 -42.27
N PHE B 51 -4.08 -5.05 -41.13
CA PHE B 51 -3.56 -4.48 -39.87
C PHE B 51 -2.06 -4.52 -39.72
N PHE B 52 -1.51 -5.72 -39.95
CA PHE B 52 -0.15 -6.01 -39.85
C PHE B 52 0.62 -5.14 -40.80
N ARG B 53 0.14 -5.06 -42.04
CA ARG B 53 0.79 -4.29 -43.09
C ARG B 53 0.82 -2.81 -42.76
N ASP B 54 -0.30 -2.29 -42.25
CA ASP B 54 -0.36 -0.86 -41.90
C ASP B 54 0.48 -0.50 -40.68
N LEU B 55 0.36 -1.32 -39.64
CA LEU B 55 1.12 -1.09 -38.36
C LEU B 55 2.59 -1.12 -38.56
N THR B 56 3.06 -2.14 -39.28
CA THR B 56 4.52 -2.26 -39.46
C THR B 56 5.11 -1.30 -40.53
N THR B 57 4.26 -0.82 -41.45
CA THR B 57 4.81 0.05 -42.52
C THR B 57 4.73 1.52 -42.16
N LYS B 58 3.61 1.96 -41.61
CA LYS B 58 3.37 3.42 -41.49
C LYS B 58 4.23 4.08 -40.45
N LEU B 59 4.66 5.30 -40.73
CA LEU B 59 5.35 6.14 -39.70
C LEU B 59 4.33 6.85 -38.86
N ARG B 60 4.75 7.27 -37.67
CA ARG B 60 3.85 7.92 -36.72
C ARG B 60 3.48 9.40 -36.90
N GLY B 61 4.29 10.18 -37.60
CA GLY B 61 3.95 11.62 -37.75
C GLY B 61 3.03 11.91 -38.94
N LYS B 62 3.62 12.63 -39.88
CA LYS B 62 3.19 12.62 -41.27
C LYS B 62 3.27 11.18 -41.90
N ASN B 63 2.18 10.82 -42.55
CA ASN B 63 2.09 9.60 -43.33
C ASN B 63 2.87 9.82 -44.65
N VAL B 64 4.20 9.82 -44.51
CA VAL B 64 5.12 9.97 -45.62
C VAL B 64 5.79 8.59 -46.02
N LYS B 65 6.15 8.52 -47.30
CA LYS B 65 6.80 7.35 -47.92
C LYS B 65 8.04 6.94 -47.08
N PRO B 66 8.04 5.72 -46.50
CA PRO B 66 9.25 5.28 -45.84
C PRO B 66 10.50 5.27 -46.81
N SER B 67 11.70 5.57 -46.31
CA SER B 67 12.88 5.60 -47.14
C SER B 67 14.03 5.22 -46.23
N PRO B 68 15.22 5.00 -46.79
CA PRO B 68 16.33 4.73 -45.87
C PRO B 68 16.60 5.85 -44.79
N ALA B 69 16.21 7.10 -44.99
CA ALA B 69 16.37 8.11 -43.91
C ALA B 69 15.31 7.95 -42.80
N LYS B 70 14.19 7.27 -43.06
CA LYS B 70 13.07 7.24 -42.10
C LYS B 70 12.09 6.13 -42.46
N ARG B 71 12.15 5.03 -41.70
CA ARG B 71 11.27 3.88 -41.99
C ARG B 71 11.18 3.01 -40.70
N ASN B 72 10.37 1.99 -40.81
CA ASN B 72 10.41 1.00 -39.70
C ASN B 72 11.26 -0.23 -40.08
N ALA B 73 11.51 -1.08 -39.08
CA ALA B 73 12.19 -2.34 -39.33
C ALA B 73 11.31 -3.46 -38.85
N VAL B 74 11.44 -4.61 -39.56
CA VAL B 74 10.84 -5.85 -39.08
C VAL B 74 11.94 -6.86 -38.81
N VAL B 75 11.89 -7.56 -37.65
CA VAL B 75 12.90 -8.53 -37.31
C VAL B 75 12.22 -9.89 -37.28
N MET B 76 12.81 -10.90 -37.98
CA MET B 76 12.13 -12.21 -38.13
C MET B 76 13.15 -13.30 -38.19
N GLY B 77 12.78 -14.46 -37.66
CA GLY B 77 13.66 -15.58 -37.86
C GLY B 77 13.60 -16.11 -39.33
N ARG B 78 14.64 -16.88 -39.66
CA ARG B 78 14.84 -17.46 -40.99
C ARG B 78 13.65 -18.22 -41.57
N LYS B 79 12.92 -18.95 -40.73
CA LYS B 79 11.80 -19.72 -41.27
C LYS B 79 10.60 -18.91 -41.55
N THR B 80 10.40 -17.77 -40.83
CA THR B 80 9.36 -16.83 -41.12
C THR B 80 9.66 -16.14 -42.44
N TRP B 81 10.93 -15.88 -42.70
CA TRP B 81 11.37 -15.27 -43.94
C TRP B 81 11.01 -16.24 -45.06
N ASP B 82 11.35 -17.52 -44.87
CA ASP B 82 11.01 -18.56 -45.91
C ASP B 82 9.49 -18.62 -46.22
N SER B 83 8.65 -18.36 -45.21
CA SER B 83 7.19 -18.48 -45.30
C SER B 83 6.47 -17.29 -45.93
N ILE B 84 7.19 -16.17 -46.12
CA ILE B 84 6.56 -14.98 -46.70
C ILE B 84 6.44 -15.28 -48.22
N PRO B 85 5.23 -15.06 -48.80
CA PRO B 85 5.01 -15.35 -50.23
C PRO B 85 5.92 -14.40 -51.08
N PRO B 86 6.60 -14.92 -52.13
CA PRO B 86 7.44 -14.04 -52.97
C PRO B 86 6.84 -12.71 -53.44
N LYS B 87 5.50 -12.59 -53.62
CA LYS B 87 4.96 -11.25 -53.92
C LYS B 87 5.40 -10.23 -52.84
N PHE B 88 5.66 -10.72 -51.62
CA PHE B 88 5.84 -9.79 -50.47
C PHE B 88 7.23 -9.88 -49.85
N ARG B 89 8.19 -10.41 -50.59
CA ARG B 89 9.47 -10.70 -50.02
C ARG B 89 10.59 -9.96 -50.77
N PRO B 90 11.34 -9.11 -50.08
CA PRO B 90 11.15 -8.86 -48.64
C PRO B 90 9.94 -7.95 -48.45
N LEU B 91 9.51 -7.71 -47.23
CA LEU B 91 8.37 -6.83 -47.05
C LEU B 91 8.73 -5.48 -47.67
N PRO B 92 7.73 -4.88 -48.42
CA PRO B 92 8.11 -3.60 -49.03
C PRO B 92 7.82 -2.38 -48.17
N GLY B 93 8.77 -1.45 -48.12
CA GLY B 93 8.59 -0.20 -47.30
C GLY B 93 9.16 -0.31 -45.88
N ARG B 94 9.81 -1.45 -45.57
CA ARG B 94 10.42 -1.75 -44.21
C ARG B 94 11.80 -2.26 -44.36
N LEU B 95 12.69 -1.98 -43.40
CA LEU B 95 13.94 -2.74 -43.39
C LEU B 95 13.68 -4.15 -42.90
N ASN B 96 14.13 -5.17 -43.64
CA ASN B 96 13.88 -6.57 -43.23
C ASN B 96 15.14 -7.15 -42.63
N VAL B 97 15.08 -7.54 -41.33
CA VAL B 97 16.24 -8.05 -40.61
C VAL B 97 15.97 -9.53 -40.37
N VAL B 98 16.82 -10.39 -40.91
CA VAL B 98 16.55 -11.82 -40.86
C VAL B 98 17.60 -12.48 -40.00
N LEU B 99 17.16 -13.22 -38.95
CA LEU B 99 18.06 -13.93 -38.07
C LEU B 99 18.39 -15.31 -38.67
N SER B 100 19.67 -15.59 -38.80
CA SER B 100 20.12 -16.90 -39.40
C SER B 100 21.55 -17.25 -39.06
N SER B 101 21.78 -18.53 -38.73
CA SER B 101 23.14 -18.98 -38.54
C SER B 101 23.60 -19.50 -39.89
N THR B 102 22.70 -19.66 -40.85
CA THR B 102 23.03 -20.41 -42.11
C THR B 102 23.05 -19.56 -43.41
N LEU B 103 22.31 -18.46 -43.37
CA LEU B 103 22.07 -17.67 -44.58
C LEU B 103 22.75 -16.28 -44.41
N THR B 104 23.62 -15.92 -45.36
CA THR B 104 24.21 -14.54 -45.32
C THR B 104 23.28 -13.59 -45.98
N THR B 105 23.47 -12.25 -45.88
CA THR B 105 22.60 -11.30 -46.58
C THR B 105 22.56 -11.64 -48.09
N GLN B 106 23.71 -11.98 -48.62
CA GLN B 106 23.76 -12.29 -50.06
C GLN B 106 22.93 -13.57 -50.38
N HIS B 107 23.00 -14.58 -49.54
CA HIS B 107 22.16 -15.77 -49.75
CA HIS B 107 22.15 -15.80 -49.67
C HIS B 107 20.68 -15.37 -49.73
N LEU B 108 20.29 -14.39 -48.87
CA LEU B 108 18.89 -13.98 -48.94
C LEU B 108 18.57 -13.26 -50.22
N LEU B 109 19.51 -12.43 -50.68
CA LEU B 109 19.32 -11.69 -51.94
C LEU B 109 19.21 -12.72 -53.13
N ASP B 110 20.10 -13.72 -53.10
CA ASP B 110 20.12 -14.79 -54.15
C ASP B 110 18.76 -15.51 -54.31
N GLY B 111 18.00 -15.65 -53.19
CA GLY B 111 16.69 -16.32 -53.20
C GLY B 111 15.53 -15.49 -53.71
N LEU B 112 15.76 -14.24 -54.05
CA LEU B 112 14.72 -13.42 -54.74
C LEU B 112 14.70 -13.77 -56.26
N PRO B 113 13.51 -13.74 -56.95
CA PRO B 113 13.42 -14.06 -58.41
C PRO B 113 14.32 -13.23 -59.35
N LEU B 120 16.71 -3.99 -56.77
CA LEU B 120 16.19 -2.79 -56.10
C LEU B 120 16.24 -2.91 -54.55
N HIS B 121 16.35 -4.15 -54.06
CA HIS B 121 16.15 -4.49 -52.61
C HIS B 121 17.41 -4.64 -51.66
N ALA B 122 18.64 -4.46 -52.20
CA ALA B 122 19.89 -4.59 -51.42
C ALA B 122 20.07 -3.71 -50.11
N ASP B 123 19.35 -2.58 -50.00
CA ASP B 123 19.45 -1.66 -48.83
C ASP B 123 18.30 -1.98 -47.80
N SER B 124 17.50 -2.97 -48.15
CA SER B 124 16.30 -3.24 -47.40
C SER B 124 16.32 -4.61 -46.74
N ILE B 125 17.41 -5.35 -46.91
CA ILE B 125 17.57 -6.65 -46.33
C ILE B 125 18.93 -6.79 -45.63
N VAL B 126 18.93 -7.29 -44.37
CA VAL B 126 20.14 -7.55 -43.68
C VAL B 126 20.02 -8.85 -42.89
N ALA B 127 21.01 -9.74 -42.99
CA ALA B 127 21.01 -10.94 -42.16
C ALA B 127 21.81 -10.72 -40.92
N VAL B 128 21.29 -11.29 -39.85
CA VAL B 128 22.03 -11.26 -38.55
C VAL B 128 22.37 -12.67 -38.09
N ASN B 129 23.68 -12.91 -37.91
CA ASN B 129 24.10 -14.22 -37.42
C ASN B 129 24.01 -14.25 -35.89
N GLY B 130 22.79 -14.43 -35.38
CA GLY B 130 22.55 -14.35 -33.89
C GLY B 130 21.05 -14.21 -33.68
N GLY B 131 20.65 -14.02 -32.42
CA GLY B 131 19.24 -13.99 -32.06
C GLY B 131 18.76 -12.58 -31.95
N LEU B 132 17.59 -12.40 -31.37
CA LEU B 132 16.95 -11.07 -31.35
C LEU B 132 17.86 -10.08 -30.67
N GLU B 133 18.49 -10.50 -29.57
CA GLU B 133 19.43 -9.56 -28.82
C GLU B 133 20.53 -8.96 -29.74
N GLN B 134 21.09 -9.82 -30.59
CA GLN B 134 22.08 -9.40 -31.57
CA GLN B 134 22.09 -9.37 -31.59
C GLN B 134 21.52 -8.41 -32.59
N ALA B 135 20.26 -8.66 -33.07
CA ALA B 135 19.58 -7.78 -33.98
C ALA B 135 19.35 -6.39 -33.29
N LEU B 136 18.99 -6.40 -32.00
CA LEU B 136 18.72 -5.12 -31.28
C LEU B 136 19.95 -4.35 -30.99
N ARG B 137 21.08 -5.06 -30.85
CA ARG B 137 22.36 -4.36 -30.71
C ARG B 137 22.72 -3.71 -32.06
N LEU B 138 22.60 -4.46 -33.18
CA LEU B 138 22.75 -3.84 -34.50
C LEU B 138 21.92 -2.61 -34.71
N LEU B 139 20.64 -2.71 -34.36
CA LEU B 139 19.65 -1.70 -34.64
C LEU B 139 19.91 -0.45 -33.76
N ALA B 140 20.71 -0.69 -32.76
CA ALA B 140 21.11 0.45 -31.82
C ALA B 140 22.24 1.28 -32.37
N SER B 141 22.97 0.76 -33.36
CA SER B 141 24.12 1.50 -33.95
C SER B 141 23.67 2.76 -34.73
N PRO B 142 24.57 3.76 -34.89
CA PRO B 142 24.26 5.00 -35.55
C PRO B 142 23.66 4.86 -36.96
N ASN B 143 24.01 3.82 -37.72
CA ASN B 143 23.37 3.63 -39.04
C ASN B 143 21.87 3.33 -38.99
N TYR B 144 21.35 2.83 -37.84
CA TYR B 144 19.94 2.48 -37.78
C TYR B 144 19.15 3.24 -36.70
N THR B 145 19.81 3.92 -35.75
CA THR B 145 19.07 4.75 -34.74
C THR B 145 19.67 6.18 -34.92
N PRO B 146 18.88 7.18 -35.22
CA PRO B 146 17.37 7.20 -35.11
C PRO B 146 16.59 6.95 -36.41
N SER B 147 17.27 6.57 -37.51
CA SER B 147 16.61 6.51 -38.77
C SER B 147 15.53 5.46 -38.80
N ILE B 148 15.72 4.35 -38.13
CA ILE B 148 14.55 3.43 -37.94
C ILE B 148 13.62 4.01 -36.81
N GLU B 149 12.35 4.29 -37.11
CA GLU B 149 11.49 4.93 -36.17
C GLU B 149 10.95 3.86 -35.17
N THR B 150 10.52 2.72 -35.64
CA THR B 150 10.02 1.64 -34.70
C THR B 150 10.54 0.32 -35.22
N VAL B 151 10.99 -0.52 -34.31
CA VAL B 151 11.44 -1.86 -34.65
C VAL B 151 10.28 -2.81 -34.26
N TYR B 152 9.89 -3.69 -35.19
CA TYR B 152 8.84 -4.69 -34.92
C TYR B 152 9.39 -6.07 -35.01
N CYS B 153 9.20 -6.83 -33.93
CA CYS B 153 9.56 -8.27 -33.98
C CYS B 153 8.37 -9.11 -34.48
N ILE B 154 8.55 -9.93 -35.53
CA ILE B 154 7.41 -10.59 -36.15
C ILE B 154 7.56 -12.14 -36.06
N GLY B 155 8.35 -12.62 -35.10
CA GLY B 155 8.49 -14.09 -34.77
C GLY B 155 9.59 -14.76 -35.58
N GLY B 156 9.67 -16.11 -35.60
CA GLY B 156 8.59 -17.01 -35.08
C GLY B 156 8.78 -17.41 -33.63
N GLY B 157 8.48 -18.67 -33.29
CA GLY B 157 8.40 -19.06 -31.85
C GLY B 157 9.64 -18.80 -31.02
N SER B 158 10.80 -19.20 -31.56
CA SER B 158 12.03 -19.05 -30.86
C SER B 158 12.40 -17.53 -30.66
N VAL B 159 12.04 -16.69 -31.62
CA VAL B 159 12.36 -15.24 -31.53
C VAL B 159 11.39 -14.60 -30.50
N TYR B 160 10.09 -14.96 -30.57
CA TYR B 160 9.12 -14.51 -29.53
C TYR B 160 9.56 -14.93 -28.15
N ALA B 161 10.12 -16.14 -28.00
CA ALA B 161 10.50 -16.59 -26.64
C ALA B 161 11.66 -15.71 -26.16
N GLU B 162 12.53 -15.32 -27.09
CA GLU B 162 13.65 -14.45 -26.71
C GLU B 162 13.15 -13.05 -26.42
N ALA B 163 12.14 -12.59 -27.15
CA ALA B 163 11.55 -11.24 -26.91
C ALA B 163 10.92 -11.13 -25.52
N LEU B 164 10.42 -12.24 -25.03
CA LEU B 164 9.70 -12.31 -23.78
C LEU B 164 10.44 -12.70 -22.50
N ARG B 165 11.75 -12.75 -22.58
CA ARG B 165 12.59 -12.95 -21.40
C ARG B 165 13.71 -11.89 -21.37
N PRO B 166 14.32 -11.63 -20.19
CA PRO B 166 15.40 -10.68 -20.18
C PRO B 166 16.62 -11.24 -21.00
N PRO B 167 17.42 -10.39 -21.64
CA PRO B 167 17.38 -8.91 -21.47
C PRO B 167 16.37 -8.22 -22.43
N CYS B 168 16.00 -8.92 -23.53
CA CYS B 168 15.17 -8.25 -24.54
C CYS B 168 13.82 -7.74 -23.99
N VAL B 169 13.21 -8.43 -22.99
CA VAL B 169 11.84 -8.02 -22.64
C VAL B 169 11.81 -6.65 -21.99
N HIS B 170 12.94 -6.22 -21.43
CA HIS B 170 12.92 -4.85 -20.83
C HIS B 170 12.92 -3.74 -21.90
N LEU B 171 13.14 -4.13 -23.15
CA LEU B 171 13.13 -3.18 -24.29
C LEU B 171 11.82 -3.27 -25.10
N LEU B 172 10.89 -4.16 -24.64
CA LEU B 172 9.63 -4.45 -25.38
C LEU B 172 8.54 -3.43 -25.00
N GLN B 173 8.25 -2.47 -25.88
CA GLN B 173 7.36 -1.35 -25.56
C GLN B 173 5.87 -1.72 -25.68
N ALA B 174 5.54 -2.71 -26.57
CA ALA B 174 4.06 -2.93 -26.85
C ALA B 174 3.98 -4.32 -27.54
N ILE B 175 2.93 -5.04 -27.20
CA ILE B 175 2.69 -6.40 -27.83
C ILE B 175 1.30 -6.26 -28.52
N TYR B 176 1.29 -6.51 -29.89
CA TYR B 176 0.03 -6.33 -30.66
C TYR B 176 -0.31 -7.78 -30.98
N ARG B 177 -1.35 -8.33 -30.31
CA ARG B 177 -1.74 -9.73 -30.48
C ARG B 177 -3.09 -9.82 -31.15
N THR B 178 -3.21 -10.65 -32.23
CA THR B 178 -4.50 -10.84 -32.87
C THR B 178 -4.85 -12.28 -32.47
N THR B 179 -6.11 -12.51 -32.08
CA THR B 179 -6.49 -13.88 -31.70
C THR B 179 -7.53 -14.34 -32.71
N ILE B 180 -7.41 -15.55 -33.20
CA ILE B 180 -8.27 -16.00 -34.32
C ILE B 180 -8.89 -17.35 -33.94
N ARG B 181 -10.21 -17.49 -34.08
CA ARG B 181 -10.87 -18.79 -33.76
C ARG B 181 -10.58 -19.72 -34.92
N ALA B 182 -9.74 -20.73 -34.75
CA ALA B 182 -9.36 -21.57 -35.94
C ALA B 182 -9.28 -23.08 -35.69
N SER B 188 0.92 -27.06 -31.27
CA SER B 188 2.36 -26.98 -31.37
C SER B 188 3.05 -26.11 -30.24
N VAL B 189 3.31 -24.84 -30.55
CA VAL B 189 4.11 -23.86 -29.75
C VAL B 189 3.16 -22.76 -29.28
N PHE B 190 3.33 -22.27 -28.05
CA PHE B 190 2.39 -21.31 -27.51
C PHE B 190 3.03 -19.95 -27.26
N PHE B 191 2.28 -18.89 -27.56
CA PHE B 191 2.76 -17.52 -27.25
C PHE B 191 2.23 -17.22 -25.85
N ARG B 192 3.07 -17.01 -24.88
CA ARG B 192 2.53 -16.73 -23.58
C ARG B 192 3.17 -15.53 -22.97
N VAL B 193 2.34 -14.60 -22.66
CA VAL B 193 2.94 -13.43 -22.01
CA VAL B 193 2.92 -13.42 -22.04
C VAL B 193 3.00 -13.60 -20.49
N PRO B 194 4.20 -13.41 -19.93
CA PRO B 194 4.38 -13.67 -18.51
C PRO B 194 3.39 -12.98 -17.59
N GLU B 195 2.96 -13.73 -16.57
CA GLU B 195 1.90 -13.22 -15.73
C GLU B 195 2.44 -12.34 -14.61
N SER B 196 1.64 -11.35 -14.20
CA SER B 196 2.06 -10.39 -13.20
C SER B 196 2.52 -11.03 -11.87
N GLY B 197 3.69 -10.60 -11.38
CA GLY B 197 4.22 -11.04 -10.12
C GLY B 197 4.95 -12.35 -10.22
N THR B 198 4.98 -13.02 -11.38
CA THR B 198 5.77 -14.25 -11.55
C THR B 198 7.26 -14.03 -11.80
N GLU B 199 8.08 -15.03 -11.54
CA GLU B 199 9.56 -14.88 -11.81
C GLU B 199 9.75 -14.63 -13.30
N ALA B 200 8.94 -15.31 -14.14
CA ALA B 200 9.18 -15.20 -15.59
C ALA B 200 8.90 -13.77 -16.02
N ALA B 201 8.00 -13.06 -15.34
CA ALA B 201 7.71 -11.65 -15.73
C ALA B 201 8.84 -10.64 -15.48
N ALA B 202 9.84 -11.00 -14.70
CA ALA B 202 11.02 -10.16 -14.45
C ALA B 202 10.64 -8.76 -13.93
N GLY B 203 9.57 -8.69 -13.15
CA GLY B 203 9.10 -7.43 -12.60
C GLY B 203 8.13 -6.59 -13.43
N ILE B 204 7.91 -6.96 -14.68
CA ILE B 204 7.04 -6.25 -15.55
C ILE B 204 5.59 -6.67 -15.37
N GLU B 205 4.67 -5.74 -15.39
CA GLU B 205 3.23 -6.04 -15.29
C GLU B 205 2.55 -5.73 -16.61
N TRP B 206 2.32 -6.78 -17.47
CA TRP B 206 1.69 -6.51 -18.75
C TRP B 206 0.20 -6.21 -18.57
N GLN B 207 -0.31 -5.18 -19.23
CA GLN B 207 -1.74 -4.85 -19.17
C GLN B 207 -2.28 -4.45 -20.54
N ARG B 208 -3.57 -4.64 -20.74
CA ARG B 208 -4.17 -4.24 -21.97
C ARG B 208 -4.42 -2.77 -22.07
N GLU B 209 -3.87 -2.13 -23.07
CA GLU B 209 -4.29 -0.76 -23.36
C GLU B 209 -5.64 -0.81 -24.09
N THR B 210 -5.74 -1.73 -25.08
CA THR B 210 -6.98 -1.90 -25.83
C THR B 210 -7.28 -3.39 -26.11
N ILE B 211 -8.56 -3.64 -26.32
CA ILE B 211 -9.04 -4.97 -26.78
C ILE B 211 -10.28 -4.64 -27.65
N SER B 212 -10.28 -5.18 -28.90
CA SER B 212 -11.48 -4.96 -29.77
C SER B 212 -12.71 -5.78 -29.32
N GLU B 213 -13.88 -5.43 -29.85
CA GLU B 213 -14.98 -6.36 -29.79
C GLU B 213 -14.66 -7.61 -30.68
N GLU B 214 -15.44 -8.68 -30.52
CA GLU B 214 -15.30 -9.86 -31.40
C GLU B 214 -15.68 -9.45 -32.84
N LEU B 215 -14.78 -9.64 -33.80
CA LEU B 215 -15.00 -9.26 -35.17
C LEU B 215 -15.20 -10.47 -36.07
N THR B 216 -15.89 -10.24 -37.23
CA THR B 216 -16.14 -11.33 -38.21
C THR B 216 -15.42 -11.01 -39.49
N SER B 217 -14.62 -11.94 -39.96
CA SER B 217 -13.81 -11.68 -41.15
C SER B 217 -14.70 -11.82 -42.45
N ALA B 218 -14.41 -10.95 -43.44
CA ALA B 218 -14.95 -11.09 -44.81
C ALA B 218 -14.01 -11.99 -45.57
N ASN B 219 -13.93 -13.27 -45.07
CA ASN B 219 -13.09 -14.23 -45.79
C ASN B 219 -13.80 -15.44 -46.42
N GLY B 220 -15.04 -15.47 -46.42
CA GLY B 220 -15.74 -16.60 -46.99
C GLY B 220 -16.13 -17.55 -45.91
N ASN B 221 -15.59 -17.40 -44.66
CA ASN B 221 -15.80 -18.42 -43.60
C ASN B 221 -16.34 -17.77 -42.30
N GLU B 222 -16.60 -16.47 -42.37
CA GLU B 222 -17.07 -15.67 -41.25
C GLU B 222 -16.22 -15.91 -39.97
N THR B 223 -14.90 -16.04 -40.14
CA THR B 223 -14.00 -16.39 -39.05
C THR B 223 -14.08 -15.26 -37.98
N LYS B 224 -14.01 -15.67 -36.75
CA LYS B 224 -14.11 -14.76 -35.59
C LYS B 224 -12.71 -14.37 -35.12
N TYR B 225 -12.49 -13.19 -34.79
CA TYR B 225 -11.16 -12.79 -34.34
C TYR B 225 -11.23 -11.49 -33.55
N TYR B 226 -10.18 -11.16 -32.83
CA TYR B 226 -10.18 -9.86 -32.18
C TYR B 226 -8.72 -9.40 -31.97
N PHE B 227 -8.54 -8.13 -31.59
CA PHE B 227 -7.18 -7.60 -31.47
C PHE B 227 -6.95 -7.15 -29.99
N GLU B 228 -5.68 -7.19 -29.55
CA GLU B 228 -5.31 -6.54 -28.22
C GLU B 228 -4.01 -5.81 -28.45
N LYS B 229 -3.79 -4.75 -27.69
CA LYS B 229 -2.45 -4.16 -27.63
C LYS B 229 -2.12 -4.18 -26.08
N LEU B 230 -1.01 -4.79 -25.71
CA LEU B 230 -0.58 -4.88 -24.33
C LEU B 230 0.63 -4.00 -24.15
N ILE B 231 0.74 -3.37 -22.99
CA ILE B 231 1.87 -2.46 -22.71
C ILE B 231 2.36 -2.74 -21.28
N PRO B 232 3.68 -2.47 -20.98
CA PRO B 232 4.22 -2.76 -19.66
C PRO B 232 3.82 -1.61 -18.73
N ARG B 233 3.11 -1.95 -17.64
CA ARG B 233 2.54 -0.87 -16.74
C ARG B 233 3.61 0.08 -16.32
N ASN B 234 3.30 1.37 -16.38
CA ASN B 234 4.38 2.37 -16.15
C ASN B 234 3.96 3.04 -14.78
N ARG B 235 4.45 2.44 -13.70
CA ARG B 235 4.16 2.93 -12.36
C ARG B 235 4.72 4.33 -12.10
N GLU B 236 5.80 4.68 -12.79
CA GLU B 236 6.41 6.01 -12.60
C GLU B 236 5.44 7.12 -13.06
N GLU B 237 4.94 6.98 -14.28
CA GLU B 237 3.97 7.98 -14.71
C GLU B 237 2.63 7.95 -13.91
N GLU B 238 2.28 6.78 -13.43
CA GLU B 238 1.08 6.62 -12.61
C GLU B 238 1.23 7.49 -11.36
N GLN B 239 2.44 7.59 -10.82
CA GLN B 239 2.66 8.44 -9.59
C GLN B 239 2.19 9.85 -9.87
N TYR B 240 2.55 10.44 -11.06
CA TYR B 240 2.15 11.72 -11.43
C TYR B 240 0.60 11.78 -11.54
N LEU B 241 0.03 10.86 -12.30
CA LEU B 241 -1.45 10.88 -12.51
C LEU B 241 -2.22 10.75 -11.18
N SER B 242 -1.72 9.92 -10.29
CA SER B 242 -2.34 9.81 -8.94
C SER B 242 -2.34 11.09 -8.16
N LEU B 243 -1.20 11.80 -8.21
CA LEU B 243 -1.16 13.12 -7.60
CA LEU B 243 -1.15 13.14 -7.61
C LEU B 243 -2.09 14.15 -8.25
N VAL B 244 -2.10 14.21 -9.63
CA VAL B 244 -3.10 15.04 -10.32
C VAL B 244 -4.54 14.69 -9.88
N ASP B 245 -4.83 13.41 -9.82
CA ASP B 245 -6.19 12.98 -9.40
C ASP B 245 -6.53 13.43 -7.95
N ARG B 246 -5.56 13.27 -7.06
CA ARG B 246 -5.73 13.67 -5.68
C ARG B 246 -5.89 15.18 -5.55
N ILE B 247 -5.14 15.94 -6.33
CA ILE B 247 -5.26 17.43 -6.22
C ILE B 247 -6.68 17.86 -6.65
N ILE B 248 -7.11 17.22 -7.75
CA ILE B 248 -8.48 17.60 -8.20
C ILE B 248 -9.57 17.16 -7.18
N ARG B 249 -9.44 15.93 -6.65
CA ARG B 249 -10.51 15.41 -5.75
C ARG B 249 -10.43 16.05 -4.38
N GLU B 250 -9.22 16.43 -3.92
CA GLU B 250 -9.09 16.84 -2.51
C GLU B 250 -8.26 18.10 -2.26
N GLY B 251 -7.74 18.71 -3.30
CA GLY B 251 -6.90 19.94 -3.03
C GLY B 251 -7.72 21.08 -2.50
N ASN B 252 -7.06 22.10 -1.96
CA ASN B 252 -7.76 23.26 -1.42
C ASN B 252 -7.92 24.22 -2.60
N VAL B 253 -9.10 24.80 -2.82
CA VAL B 253 -9.29 25.86 -3.81
C VAL B 253 -8.71 27.21 -3.37
N LYS B 254 -7.92 27.87 -4.21
CA LYS B 254 -7.54 29.23 -3.83
C LYS B 254 -7.70 30.14 -5.04
N HIS B 255 -7.95 31.45 -4.82
CA HIS B 255 -7.94 32.41 -5.97
C HIS B 255 -6.94 33.52 -5.68
N ASP B 256 -6.05 33.86 -6.61
CA ASP B 256 -4.99 34.88 -6.35
C ASP B 256 -5.50 36.33 -6.50
N THR B 258 -5.65 38.81 -8.44
CA THR B 258 -6.12 38.90 -9.84
C THR B 258 -7.18 37.84 -10.23
N GLY B 259 -7.75 37.14 -9.24
CA GLY B 259 -8.82 36.15 -9.41
C GLY B 259 -8.56 34.76 -10.02
N VAL B 260 -7.31 34.36 -10.27
CA VAL B 260 -7.05 33.08 -10.93
C VAL B 260 -7.20 31.90 -9.95
N GLY B 261 -7.90 30.84 -10.35
CA GLY B 261 -8.20 29.78 -9.42
C GLY B 261 -7.19 28.62 -9.54
N THR B 262 -6.88 28.01 -8.38
CA THR B 262 -6.11 26.75 -8.38
C THR B 262 -6.68 25.80 -7.32
N LEU B 263 -6.39 24.51 -7.54
CA LEU B 263 -6.59 23.50 -6.53
CA LEU B 263 -6.59 23.49 -6.54
C LEU B 263 -5.18 23.06 -6.12
N SER B 264 -4.92 22.96 -4.81
CA SER B 264 -3.54 22.61 -4.40
C SER B 264 -3.43 21.63 -3.24
N ILE B 265 -2.27 20.95 -3.18
CA ILE B 265 -1.88 20.21 -1.97
C ILE B 265 -0.41 20.64 -1.67
N PHE B 266 0.07 20.22 -0.49
CA PHE B 266 1.43 20.68 -0.16
C PHE B 266 2.31 19.52 0.25
N GLY B 267 3.48 19.35 -0.45
CA GLY B 267 4.44 18.34 -0.10
C GLY B 267 4.21 16.99 -0.79
N ALA B 268 5.05 16.65 -1.73
CA ALA B 268 4.93 15.34 -2.37
C ALA B 268 6.25 14.95 -2.93
N GLN B 269 6.36 13.73 -3.50
CA GLN B 269 7.65 13.29 -3.99
C GLN B 269 7.45 12.15 -4.98
N MET B 270 8.18 12.28 -6.11
CA MET B 270 8.10 11.20 -7.19
C MET B 270 9.52 10.76 -7.53
N ARG B 271 9.67 9.58 -8.17
CA ARG B 271 11.00 9.15 -8.52
C ARG B 271 10.90 8.47 -9.94
N PHE B 272 11.94 8.66 -10.70
CA PHE B 272 12.03 8.20 -12.16
C PHE B 272 13.36 7.61 -12.45
N SER B 273 13.38 6.42 -13.09
CA SER B 273 14.64 5.82 -13.43
C SER B 273 15.18 6.44 -14.75
N LEU B 274 16.47 6.75 -14.77
CA LEU B 274 17.16 7.21 -16.00
C LEU B 274 18.06 6.12 -16.52
N ARG B 275 17.92 4.92 -15.97
CA ARG B 275 18.81 3.81 -16.32
C ARG B 275 18.73 3.21 -17.72
N ASN B 276 19.90 2.99 -18.33
CA ASN B 276 19.96 2.34 -19.72
C ASN B 276 19.12 3.11 -20.76
N ASN B 277 19.42 4.41 -20.77
CA ASN B 277 18.96 5.43 -21.70
C ASN B 277 17.50 5.84 -21.56
N ARG B 278 16.79 5.30 -20.58
CA ARG B 278 15.40 5.68 -20.37
C ARG B 278 15.25 7.18 -20.06
N LEU B 279 14.22 7.81 -20.64
CA LEU B 279 13.94 9.24 -20.44
C LEU B 279 12.52 9.41 -20.08
N PRO B 280 12.24 9.93 -18.86
CA PRO B 280 10.91 9.99 -18.37
C PRO B 280 10.10 11.18 -18.95
N LEU B 281 9.89 11.19 -20.29
CA LEU B 281 9.02 12.14 -20.93
CA LEU B 281 9.03 12.14 -20.95
C LEU B 281 7.60 11.58 -20.89
N LEU B 282 6.70 12.29 -20.22
CA LEU B 282 5.37 11.69 -19.97
C LEU B 282 4.64 11.33 -21.30
N THR B 283 3.93 10.24 -21.25
CA THR B 283 3.21 9.70 -22.45
C THR B 283 1.77 10.09 -22.52
N THR B 284 1.12 10.47 -21.41
CA THR B 284 -0.34 10.73 -21.50
C THR B 284 -0.66 12.13 -22.01
N LYS B 285 0.37 12.98 -22.08
CA LYS B 285 0.24 14.27 -22.80
C LYS B 285 1.63 14.64 -23.32
N ARG B 286 1.75 14.91 -24.63
CA ARG B 286 3.14 15.18 -25.20
C ARG B 286 3.91 16.33 -24.49
N VAL B 287 5.17 16.10 -24.17
CA VAL B 287 6.03 17.17 -23.56
C VAL B 287 6.81 17.84 -24.70
N PHE B 288 6.95 19.16 -24.58
CA PHE B 288 7.71 19.99 -25.57
C PHE B 288 9.21 19.81 -25.29
N TRP B 289 9.75 18.65 -25.67
CA TRP B 289 11.11 18.30 -25.45
C TRP B 289 12.08 19.35 -26.02
N ARG B 290 11.80 19.85 -27.23
CA ARG B 290 12.85 20.71 -27.86
C ARG B 290 13.00 21.94 -26.92
N GLY B 291 11.87 22.43 -26.36
CA GLY B 291 11.93 23.58 -25.45
C GLY B 291 12.60 23.21 -24.13
N VAL B 292 12.30 22.00 -23.61
CA VAL B 292 13.07 21.52 -22.47
C VAL B 292 14.55 21.54 -22.62
N CYS B 293 15.02 20.99 -23.73
CA CYS B 293 16.40 20.88 -24.01
C CYS B 293 17.07 22.27 -24.21
N GLU B 294 16.46 23.12 -25.06
CA GLU B 294 17.04 24.45 -25.33
C GLU B 294 17.15 25.21 -23.98
N GLU B 295 16.08 25.19 -23.22
CA GLU B 295 16.14 25.97 -21.95
C GLU B 295 17.19 25.39 -20.96
N LEU B 296 17.31 24.07 -20.88
CA LEU B 296 18.22 23.50 -19.95
C LEU B 296 19.63 23.87 -20.31
N LEU B 297 19.97 23.81 -21.62
CA LEU B 297 21.30 24.15 -22.01
C LEU B 297 21.55 25.63 -21.75
N TRP B 298 20.53 26.44 -21.87
CA TRP B 298 20.56 27.87 -21.63
C TRP B 298 20.90 28.07 -20.14
N PHE B 299 20.21 27.35 -19.26
CA PHE B 299 20.59 27.38 -17.80
C PHE B 299 22.01 27.02 -17.63
N LEU B 300 22.49 25.89 -18.16
CA LEU B 300 23.85 25.43 -17.90
C LEU B 300 24.94 26.33 -18.40
N ARG B 301 24.68 27.09 -19.48
CA ARG B 301 25.59 28.08 -19.92
C ARG B 301 25.62 29.33 -19.03
N GLY B 302 24.68 29.43 -18.09
CA GLY B 302 24.70 30.65 -17.23
C GLY B 302 24.00 31.83 -17.90
N GLU B 303 23.10 31.59 -18.88
CA GLU B 303 22.48 32.71 -19.64
C GLU B 303 21.37 33.39 -18.89
N THR B 304 21.15 34.62 -19.25
CA THR B 304 20.02 35.36 -18.70
C THR B 304 19.17 36.15 -19.66
N TYR B 305 19.54 36.11 -20.93
CA TYR B 305 18.79 36.82 -21.97
C TYR B 305 17.76 35.84 -22.49
N ALA B 306 16.49 36.19 -22.39
CA ALA B 306 15.47 35.26 -22.84
C ALA B 306 15.31 35.29 -24.38
N LYS B 307 15.85 36.36 -25.00
CA LYS B 307 15.71 36.40 -26.49
C LYS B 307 16.50 35.24 -27.16
N LYS B 308 17.57 34.77 -26.55
CA LYS B 308 18.31 33.59 -27.08
C LYS B 308 17.39 32.37 -27.25
N LEU B 309 16.38 32.31 -26.39
CA LEU B 309 15.39 31.25 -26.52
C LEU B 309 14.26 31.56 -27.48
N SER B 310 13.69 32.78 -27.38
CA SER B 310 12.49 33.10 -28.22
C SER B 310 13.00 33.11 -29.72
N ASP B 311 14.29 33.39 -29.92
CA ASP B 311 14.82 33.34 -31.33
C ASP B 311 14.96 31.90 -31.83
N LYS B 312 14.83 30.91 -30.93
CA LYS B 312 14.80 29.49 -31.35
C LYS B 312 13.43 28.97 -31.31
N GLY B 313 12.43 29.85 -31.18
CA GLY B 313 11.09 29.43 -31.24
C GLY B 313 10.69 28.82 -29.92
N VAL B 314 11.39 29.19 -28.85
CA VAL B 314 10.98 28.69 -27.51
C VAL B 314 10.53 29.94 -26.75
N HIS B 315 9.23 30.08 -26.55
CA HIS B 315 8.62 31.34 -26.15
C HIS B 315 8.24 31.35 -24.69
N ILE B 316 8.75 30.38 -23.91
CA ILE B 316 8.25 30.17 -22.52
C ILE B 316 8.54 31.34 -21.55
N TRP B 317 9.51 32.19 -21.87
CA TRP B 317 9.93 33.37 -21.04
C TRP B 317 9.40 34.74 -21.59
N ASP B 318 8.68 34.72 -22.74
CA ASP B 318 8.28 36.01 -23.41
C ASP B 318 7.45 36.89 -22.47
N ASP B 319 6.50 36.30 -21.74
CA ASP B 319 5.65 37.07 -20.82
C ASP B 319 6.45 37.68 -19.68
N ASN B 320 7.44 36.93 -19.19
CA ASN B 320 8.23 37.46 -18.12
C ASN B 320 9.37 38.36 -18.46
N GLY B 321 9.61 38.57 -19.76
CA GLY B 321 10.71 39.41 -20.17
C GLY B 321 10.21 40.64 -20.86
N SER B 322 8.90 40.85 -20.90
CA SER B 322 8.40 42.07 -21.55
C SER B 322 8.76 43.32 -20.80
N ARG B 323 8.77 44.43 -21.53
CA ARG B 323 8.95 45.77 -20.94
C ARG B 323 7.98 46.03 -19.78
N ALA B 324 6.71 45.69 -19.99
CA ALA B 324 5.65 45.92 -18.99
C ALA B 324 5.88 45.04 -17.77
N PHE B 325 6.12 43.75 -17.99
CA PHE B 325 6.46 42.87 -16.90
C PHE B 325 7.74 43.33 -16.14
N LEU B 326 8.84 43.63 -16.82
CA LEU B 326 10.04 44.11 -16.08
C LEU B 326 9.76 45.38 -15.23
N ASP B 327 8.93 46.23 -15.79
CA ASP B 327 8.62 47.51 -15.11
C ASP B 327 7.85 47.25 -13.83
N SER B 328 6.90 46.32 -13.91
CA SER B 328 6.10 45.90 -12.74
C SER B 328 6.96 45.36 -11.56
N ARG B 329 8.16 44.84 -11.84
CA ARG B 329 9.06 44.35 -10.79
C ARG B 329 9.99 45.42 -10.37
N GLY B 330 9.87 46.62 -10.91
CA GLY B 330 10.84 47.67 -10.62
C GLY B 330 12.10 47.66 -11.50
N LEU B 331 12.18 46.80 -12.52
CA LEU B 331 13.47 46.54 -13.20
C LEU B 331 13.43 47.44 -14.50
N THR B 332 13.26 48.73 -14.26
CA THR B 332 13.08 49.67 -15.38
C THR B 332 14.32 49.88 -16.20
N GLU B 333 15.50 49.59 -15.65
CA GLU B 333 16.75 49.79 -16.40
C GLU B 333 17.18 48.54 -17.18
N TYR B 334 16.53 47.40 -16.99
CA TYR B 334 16.89 46.21 -17.76
C TYR B 334 16.25 46.23 -19.16
N GLU B 335 17.05 46.02 -20.21
CA GLU B 335 16.49 46.00 -21.55
CA GLU B 335 16.53 45.95 -21.57
C GLU B 335 15.52 44.82 -21.70
N GLU B 336 14.58 44.92 -22.65
CA GLU B 336 13.56 43.90 -22.83
C GLU B 336 14.22 42.52 -22.98
N MET B 337 13.57 41.55 -22.33
CA MET B 337 14.12 40.16 -22.28
C MET B 337 15.41 39.91 -21.46
N ASP B 338 15.92 40.90 -20.77
CA ASP B 338 17.01 40.70 -19.88
C ASP B 338 16.34 40.32 -18.52
N LEU B 339 16.51 39.07 -18.06
CA LEU B 339 15.73 38.62 -16.87
C LEU B 339 16.34 38.92 -15.58
N GLY B 340 17.54 39.51 -15.60
CA GLY B 340 18.42 39.65 -14.42
C GLY B 340 19.10 38.31 -14.01
N PRO B 341 19.56 38.20 -12.77
CA PRO B 341 20.51 37.15 -12.45
C PRO B 341 19.73 35.85 -12.04
N VAL B 342 18.84 35.40 -12.88
CA VAL B 342 18.07 34.23 -12.65
C VAL B 342 18.80 32.96 -12.92
N TYR B 343 18.22 31.92 -12.39
CA TYR B 343 18.53 30.54 -12.77
C TYR B 343 20.02 30.32 -12.97
N GLY B 344 20.35 29.79 -14.14
CA GLY B 344 21.76 29.48 -14.48
C GLY B 344 22.81 30.50 -14.07
N PHE B 345 22.42 31.78 -14.05
CA PHE B 345 23.36 32.78 -13.61
C PHE B 345 23.75 32.44 -12.16
N GLN B 346 22.76 32.12 -11.32
CA GLN B 346 23.18 31.64 -9.95
C GLN B 346 23.90 30.28 -9.96
N TRP B 347 23.48 29.37 -10.84
CA TRP B 347 24.21 28.10 -10.90
C TRP B 347 25.69 28.28 -11.19
N ARG B 348 26.09 29.21 -12.12
CA ARG B 348 27.52 29.30 -12.52
C ARG B 348 28.20 30.49 -11.89
N HIS B 349 27.39 31.41 -11.31
CA HIS B 349 27.96 32.67 -10.75
C HIS B 349 27.26 33.12 -9.46
N PHE B 350 26.91 32.16 -8.58
CA PHE B 350 26.19 32.51 -7.36
C PHE B 350 26.79 33.74 -6.61
N GLY B 351 25.96 34.74 -6.35
CA GLY B 351 26.44 35.88 -5.55
C GLY B 351 27.16 36.92 -6.39
N ALA B 352 27.46 36.66 -7.67
CA ALA B 352 28.09 37.76 -8.44
C ALA B 352 27.20 38.97 -8.59
N ALA B 353 27.84 40.16 -8.67
CA ALA B 353 27.05 41.38 -8.96
C ALA B 353 26.54 41.35 -10.39
N TYR B 354 25.27 41.64 -10.61
CA TYR B 354 24.76 41.62 -12.01
C TYR B 354 24.69 43.04 -12.57
N THR B 355 25.14 43.23 -13.82
CA THR B 355 24.86 44.57 -14.44
C THR B 355 23.82 44.40 -15.54
N HIS B 356 24.15 43.65 -16.61
CA HIS B 356 23.28 43.41 -17.66
C HIS B 356 23.65 42.04 -18.27
N HIS B 357 22.74 41.56 -19.09
CA HIS B 357 22.96 40.25 -19.74
C HIS B 357 24.19 40.31 -20.66
N ASP B 358 24.83 39.17 -20.78
CA ASP B 358 25.91 39.04 -21.70
C ASP B 358 27.21 39.76 -21.42
N ALA B 359 27.31 40.34 -20.25
CA ALA B 359 28.60 40.88 -19.79
C ALA B 359 29.58 39.71 -19.53
N ASN B 360 30.82 40.02 -19.18
CA ASN B 360 31.77 38.95 -18.90
C ASN B 360 31.76 38.65 -17.42
N TYR B 361 31.16 37.52 -17.07
CA TYR B 361 31.05 37.11 -15.67
C TYR B 361 32.09 36.06 -15.30
N ASP B 362 32.95 35.70 -16.25
CA ASP B 362 33.98 34.68 -15.95
C ASP B 362 34.68 34.89 -14.64
N GLY B 363 34.70 33.83 -13.84
CA GLY B 363 35.35 33.90 -12.52
C GLY B 363 34.62 34.77 -11.49
N GLN B 364 33.40 35.21 -11.73
CA GLN B 364 32.71 36.04 -10.73
C GLN B 364 31.69 35.13 -10.02
N GLY B 365 31.57 35.21 -8.69
CA GLY B 365 30.50 34.39 -8.08
C GLY B 365 30.95 32.96 -7.92
N VAL B 366 30.07 32.08 -7.38
CA VAL B 366 30.53 30.72 -7.13
C VAL B 366 30.00 29.81 -8.28
N ASP B 367 30.90 29.07 -8.91
CA ASP B 367 30.48 28.17 -10.01
C ASP B 367 30.18 26.83 -9.37
N GLN B 368 28.91 26.68 -9.04
CA GLN B 368 28.46 25.54 -8.29
C GLN B 368 28.45 24.26 -9.17
N ILE B 369 28.19 24.45 -10.45
CA ILE B 369 28.15 23.27 -11.38
C ILE B 369 29.53 22.72 -11.58
N LYS B 370 30.48 23.61 -11.81
CA LYS B 370 31.88 23.14 -11.93
C LYS B 370 32.40 22.43 -10.72
N ALA B 371 32.17 23.05 -9.53
CA ALA B 371 32.55 22.44 -8.28
C ALA B 371 31.99 21.06 -8.11
N ILE B 372 30.70 20.87 -8.41
CA ILE B 372 30.08 19.54 -8.20
C ILE B 372 30.65 18.53 -9.18
N VAL B 373 30.90 18.98 -10.40
CA VAL B 373 31.51 18.09 -11.40
C VAL B 373 32.89 17.58 -10.81
N GLU B 374 33.71 18.49 -10.30
CA GLU B 374 35.04 18.00 -9.75
C GLU B 374 34.86 17.11 -8.53
N THR B 375 33.84 17.40 -7.67
CA THR B 375 33.65 16.53 -6.51
C THR B 375 33.20 15.14 -6.94
N LEU B 376 32.29 15.07 -7.91
CA LEU B 376 31.79 13.78 -8.33
C LEU B 376 32.94 12.85 -8.83
N LYS B 377 33.91 13.47 -9.48
CA LYS B 377 35.08 12.73 -10.10
C LYS B 377 36.05 12.21 -9.04
N THR B 378 36.11 12.88 -7.89
CA THR B 378 37.14 12.64 -6.86
C THR B 378 36.65 12.17 -5.51
N ASN B 379 35.49 12.62 -5.08
CA ASN B 379 34.93 12.17 -3.78
C ASN B 379 33.39 11.99 -3.93
N PRO B 380 32.95 10.98 -4.68
CA PRO B 380 31.50 10.84 -4.99
C PRO B 380 30.62 10.59 -3.79
N ASP B 381 31.19 10.18 -2.66
CA ASP B 381 30.43 10.01 -1.47
C ASP B 381 30.09 11.26 -0.66
N ASP B 382 30.58 12.41 -1.10
CA ASP B 382 30.42 13.70 -0.43
C ASP B 382 28.95 14.00 -0.31
N ARG B 383 28.54 14.58 0.82
CA ARG B 383 27.12 14.88 1.06
C ARG B 383 26.80 16.36 0.99
N ARG B 384 27.58 17.08 0.19
CA ARG B 384 27.36 18.51 0.03
C ARG B 384 27.36 18.89 -1.44
N MET B 385 27.06 17.92 -2.30
CA MET B 385 27.04 18.24 -3.76
C MET B 385 25.59 18.72 -4.13
N LEU B 386 25.31 19.99 -3.85
CA LEU B 386 23.99 20.64 -4.00
CA LEU B 386 23.98 20.57 -4.05
C LEU B 386 24.27 21.93 -4.70
N PHE B 387 23.41 22.34 -5.61
CA PHE B 387 23.46 23.70 -6.08
C PHE B 387 22.09 24.34 -5.91
N THR B 388 22.12 25.67 -5.90
CA THR B 388 20.87 26.41 -5.66
C THR B 388 20.83 27.66 -6.58
N ALA B 389 19.60 28.09 -6.85
CA ALA B 389 19.39 29.47 -7.43
C ALA B 389 18.64 30.32 -6.50
N TRP B 390 18.24 29.83 -5.34
CA TRP B 390 17.48 30.65 -4.39
C TRP B 390 18.44 31.55 -3.62
N ASN B 391 18.56 32.77 -4.08
CA ASN B 391 19.58 33.72 -3.52
C ASN B 391 18.80 34.93 -3.09
N PRO B 392 18.47 34.99 -1.74
CA PRO B 392 17.65 36.09 -1.28
C PRO B 392 18.26 37.47 -1.60
N SER B 393 19.57 37.60 -1.62
CA SER B 393 20.15 38.92 -1.96
C SER B 393 19.82 39.36 -3.39
N ALA B 394 19.66 38.40 -4.30
CA ALA B 394 19.50 38.69 -5.75
C ALA B 394 18.03 38.61 -6.21
N LEU B 395 17.19 38.04 -5.36
CA LEU B 395 15.76 37.88 -5.64
C LEU B 395 15.04 39.10 -6.20
N PRO B 396 15.23 40.28 -5.61
CA PRO B 396 14.54 41.45 -6.08
C PRO B 396 15.06 41.97 -7.49
N ARG B 397 16.23 41.53 -7.93
N ARG B 397 16.26 41.51 -7.88
CA ARG B 397 16.74 41.93 -9.27
CA ARG B 397 16.91 41.84 -9.17
C ARG B 397 16.22 40.96 -10.35
C ARG B 397 16.56 40.81 -10.28
N MET B 398 15.74 39.80 -9.93
CA MET B 398 15.24 38.81 -10.90
C MET B 398 13.86 39.08 -11.43
N ALA B 399 13.62 38.75 -12.72
CA ALA B 399 12.24 38.91 -13.29
C ALA B 399 11.23 38.02 -12.50
N LEU B 400 11.68 36.83 -12.09
CA LEU B 400 10.86 35.90 -11.26
C LEU B 400 11.72 34.93 -10.42
N PRO B 401 11.53 34.89 -9.09
CA PRO B 401 12.33 33.95 -8.24
C PRO B 401 12.27 32.55 -8.79
N PRO B 402 13.33 31.76 -8.65
CA PRO B 402 13.25 30.43 -9.33
C PRO B 402 12.18 29.53 -8.76
N CYS B 403 11.68 28.60 -9.54
CA CYS B 403 10.71 27.70 -9.06
CA CYS B 403 10.68 27.65 -9.06
CA CYS B 403 10.73 27.71 -8.93
C CYS B 403 11.35 26.36 -8.69
N HIS B 404 12.04 25.76 -9.68
CA HIS B 404 12.94 24.61 -9.33
C HIS B 404 14.22 25.31 -8.81
N LEU B 405 14.42 25.28 -7.50
CA LEU B 405 15.51 26.06 -6.94
C LEU B 405 16.76 25.36 -6.46
N LEU B 406 16.71 24.05 -6.29
CA LEU B 406 17.89 23.44 -5.83
C LEU B 406 17.87 22.00 -6.27
N ALA B 407 19.01 21.46 -6.33
CA ALA B 407 19.17 20.03 -6.63
C ALA B 407 20.36 19.45 -5.91
N GLN B 408 20.36 18.12 -5.56
CA GLN B 408 21.46 17.51 -4.82
C GLN B 408 21.80 16.20 -5.54
N PHE B 409 23.06 15.88 -5.63
CA PHE B 409 23.47 14.65 -6.28
C PHE B 409 23.89 13.58 -5.27
N TYR B 410 23.81 12.29 -5.68
CA TYR B 410 24.17 11.17 -4.85
C TYR B 410 24.73 10.11 -5.81
N VAL B 411 25.71 9.35 -5.34
CA VAL B 411 26.26 8.28 -6.22
C VAL B 411 26.18 6.93 -5.55
N SER B 412 25.76 5.92 -6.29
CA SER B 412 25.86 4.57 -5.76
CA SER B 412 25.79 4.55 -5.75
C SER B 412 26.07 3.59 -6.90
N ASN B 413 27.00 2.67 -6.71
CA ASN B 413 27.22 1.62 -7.74
C ASN B 413 27.56 2.17 -9.10
N GLY B 414 28.32 3.28 -9.10
CA GLY B 414 28.70 3.93 -10.33
C GLY B 414 27.55 4.67 -11.04
N GLU B 415 26.41 4.88 -10.34
CA GLU B 415 25.26 5.55 -10.95
C GLU B 415 25.01 6.91 -10.25
N LEU B 416 24.76 7.91 -11.07
CA LEU B 416 24.41 9.26 -10.56
C LEU B 416 22.89 9.46 -10.42
N SER B 417 22.46 9.87 -9.19
CA SER B 417 21.06 10.22 -8.96
C SER B 417 20.99 11.71 -8.53
N CYS B 418 19.84 12.27 -8.65
CA CYS B 418 19.66 13.71 -8.47
C CYS B 418 18.31 13.87 -7.83
N MET B 419 18.26 14.77 -6.83
CA MET B 419 16.94 15.15 -6.31
CA MET B 419 17.04 15.18 -6.23
C MET B 419 16.76 16.65 -6.49
N LEU B 420 15.59 16.99 -7.01
CA LEU B 420 15.23 18.40 -7.29
C LEU B 420 14.24 18.82 -6.20
N TYR B 421 14.33 20.09 -5.78
CA TYR B 421 13.26 20.67 -4.97
C TYR B 421 12.57 21.76 -5.75
N GLN B 422 11.26 21.65 -5.89
CA GLN B 422 10.47 22.64 -6.64
CA GLN B 422 10.46 22.63 -6.64
C GLN B 422 9.41 23.26 -5.72
N ARG B 423 9.42 24.57 -5.55
CA ARG B 423 8.51 25.21 -4.60
C ARG B 423 7.06 25.40 -5.08
N SER B 424 6.86 25.51 -6.39
CA SER B 424 5.52 25.78 -6.91
C SER B 424 5.47 24.94 -8.16
N CYS B 425 4.42 24.11 -8.23
CA CYS B 425 4.43 22.97 -9.16
CA CYS B 425 4.42 22.97 -9.17
C CYS B 425 3.08 22.99 -9.92
N ASP B 426 3.11 23.53 -11.18
CA ASP B 426 1.90 23.49 -12.04
C ASP B 426 1.86 22.12 -12.64
N MET B 427 0.96 21.25 -12.19
CA MET B 427 1.02 19.84 -12.58
C MET B 427 0.68 19.68 -14.06
N GLY B 428 -0.18 20.56 -14.58
CA GLY B 428 -0.53 20.52 -16.05
C GLY B 428 0.60 20.68 -17.05
N LEU B 429 1.34 21.77 -16.96
CA LEU B 429 2.40 22.02 -17.88
C LEU B 429 3.80 22.07 -17.28
N GLY B 430 3.96 22.68 -16.10
CA GLY B 430 5.27 22.87 -15.59
C GLY B 430 5.94 21.56 -15.21
N VAL B 431 5.27 20.76 -14.32
CA VAL B 431 5.88 19.56 -13.78
C VAL B 431 6.44 18.57 -14.84
N PRO B 432 5.64 18.20 -15.86
CA PRO B 432 6.26 17.27 -16.90
C PRO B 432 7.49 17.86 -17.57
N PHE B 433 7.43 19.17 -17.78
CA PHE B 433 8.58 19.90 -18.37
C PHE B 433 9.84 19.82 -17.47
N ASN B 434 9.61 20.05 -16.15
CA ASN B 434 10.76 19.97 -15.32
CA ASN B 434 10.56 19.99 -15.05
C ASN B 434 11.25 18.59 -14.92
N ILE B 435 10.37 17.58 -14.95
CA ILE B 435 10.93 16.24 -14.90
C ILE B 435 11.89 16.03 -16.03
N ALA B 436 11.52 16.39 -17.25
CA ALA B 436 12.42 16.15 -18.39
C ALA B 436 13.72 17.01 -18.24
N SER B 437 13.56 18.26 -17.79
CA SER B 437 14.71 19.11 -17.62
CA SER B 437 14.74 19.14 -17.59
C SER B 437 15.81 18.52 -16.70
N TYR B 438 15.43 18.04 -15.46
CA TYR B 438 16.37 17.52 -14.54
C TYR B 438 16.77 16.07 -14.92
N ALA B 439 15.95 15.34 -15.69
CA ALA B 439 16.45 14.05 -16.20
C ALA B 439 17.64 14.38 -17.18
N LEU B 440 17.41 15.37 -18.05
CA LEU B 440 18.46 15.72 -19.02
C LEU B 440 19.71 16.23 -18.23
N LEU B 441 19.48 17.09 -17.22
CA LEU B 441 20.68 17.58 -16.45
C LEU B 441 21.49 16.46 -15.87
N THR B 442 20.78 15.47 -15.28
CA THR B 442 21.45 14.39 -14.63
C THR B 442 22.25 13.58 -15.64
N ILE B 443 21.59 13.31 -16.77
CA ILE B 443 22.32 12.53 -17.86
C ILE B 443 23.57 13.31 -18.24
N LEU B 444 23.43 14.63 -18.45
CA LEU B 444 24.64 15.43 -18.82
C LEU B 444 25.78 15.46 -17.78
N ILE B 445 25.39 15.60 -16.52
CA ILE B 445 26.38 15.61 -15.50
C ILE B 445 27.04 14.22 -15.33
N ALA B 446 26.27 13.12 -15.47
CA ALA B 446 26.86 11.79 -15.48
C ALA B 446 27.90 11.69 -16.62
N LYS B 447 27.58 12.22 -17.81
CA LYS B 447 28.52 12.16 -19.00
C LYS B 447 29.77 13.00 -18.74
N ALA B 448 29.60 14.10 -17.98
CA ALA B 448 30.74 14.92 -17.52
C ALA B 448 31.64 14.32 -16.41
N THR B 449 31.25 13.20 -15.74
CA THR B 449 31.92 12.75 -14.56
C THR B 449 32.24 11.29 -14.57
N GLY B 450 32.08 10.64 -15.71
CA GLY B 450 32.47 9.21 -15.70
C GLY B 450 31.42 8.28 -15.07
N LEU B 451 30.17 8.73 -14.93
CA LEU B 451 29.14 7.93 -14.18
C LEU B 451 28.03 7.57 -15.16
N ARG B 452 27.19 6.61 -14.75
CA ARG B 452 26.03 6.23 -15.51
C ARG B 452 24.83 6.94 -14.89
N PRO B 453 23.83 7.37 -15.73
CA PRO B 453 22.62 7.96 -15.12
C PRO B 453 21.88 6.95 -14.21
N GLY B 454 21.43 7.42 -13.03
CA GLY B 454 20.74 6.53 -12.01
C GLY B 454 19.29 6.93 -11.89
N GLU B 455 18.90 7.69 -10.86
CA GLU B 455 17.49 7.95 -10.60
CA GLU B 455 17.49 7.95 -10.57
C GLU B 455 17.30 9.46 -10.42
N LEU B 456 16.10 9.95 -10.80
CA LEU B 456 15.69 11.33 -10.51
C LEU B 456 14.64 11.29 -9.44
N VAL B 457 14.84 12.08 -8.37
CA VAL B 457 13.82 12.23 -7.30
C VAL B 457 13.32 13.67 -7.35
N HIS B 458 12.01 13.84 -7.48
CA HIS B 458 11.41 15.16 -7.69
C HIS B 458 10.54 15.48 -6.39
N THR B 459 10.98 16.46 -5.60
CA THR B 459 10.22 16.91 -4.41
C THR B 459 9.44 18.15 -4.74
N LEU B 460 8.14 18.11 -4.42
CA LEU B 460 7.20 19.17 -4.78
C LEU B 460 6.73 19.88 -3.50
N GLY B 461 6.67 21.20 -3.54
CA GLY B 461 6.11 22.02 -2.43
C GLY B 461 4.60 22.22 -2.73
N ASP B 462 4.22 23.44 -3.17
CA ASP B 462 2.85 23.74 -3.48
C ASP B 462 2.58 23.16 -4.87
N ALA B 463 1.79 22.08 -4.90
CA ALA B 463 1.53 21.33 -6.17
C ALA B 463 0.06 21.61 -6.50
N HIS B 464 -0.13 22.14 -7.71
CA HIS B 464 -1.45 22.71 -8.06
C HIS B 464 -1.89 22.45 -9.50
N VAL B 465 -3.23 22.45 -9.71
CA VAL B 465 -3.83 22.32 -11.05
C VAL B 465 -4.67 23.61 -11.16
N TYR B 466 -4.56 24.32 -12.29
CA TYR B 466 -5.38 25.55 -12.39
C TYR B 466 -6.87 25.11 -12.56
N SER B 467 -7.78 25.81 -11.90
CA SER B 467 -9.25 25.53 -11.97
C SER B 467 -9.78 25.16 -13.41
N ASN B 468 -9.37 25.94 -14.39
CA ASN B 468 -9.76 25.71 -15.78
C ASN B 468 -9.17 24.45 -16.41
N HIS B 469 -8.17 23.83 -15.79
CA HIS B 469 -7.60 22.64 -16.37
C HIS B 469 -8.18 21.42 -15.79
N VAL B 470 -9.18 21.57 -14.90
CA VAL B 470 -9.75 20.39 -14.31
C VAL B 470 -10.35 19.46 -15.35
N GLU B 471 -11.09 20.01 -16.29
CA GLU B 471 -11.76 19.07 -17.18
C GLU B 471 -10.73 18.42 -18.14
N PRO B 472 -9.81 19.20 -18.76
CA PRO B 472 -8.88 18.35 -19.52
C PRO B 472 -7.92 17.47 -18.73
N CYS B 473 -7.60 17.79 -17.45
CA CYS B 473 -6.85 16.81 -16.63
C CYS B 473 -7.66 15.58 -16.46
N ASN B 474 -8.98 15.70 -16.35
CA ASN B 474 -9.83 14.52 -16.15
C ASN B 474 -9.90 13.68 -17.46
N GLU B 475 -9.78 14.33 -18.61
CA GLU B 475 -9.73 13.60 -19.90
C GLU B 475 -8.37 12.86 -19.89
N GLN B 476 -7.28 13.55 -19.48
CA GLN B 476 -5.95 12.87 -19.44
C GLN B 476 -5.89 11.65 -18.49
N LEU B 477 -6.54 11.77 -17.34
CA LEU B 477 -6.61 10.66 -16.39
C LEU B 477 -7.35 9.42 -16.96
N LYS B 478 -8.03 9.57 -18.10
CA LYS B 478 -8.62 8.36 -18.75
C LYS B 478 -7.51 7.48 -19.35
N ARG B 479 -6.34 8.06 -19.62
CA ARG B 479 -5.32 7.30 -20.37
C ARG B 479 -4.40 6.50 -19.55
N VAL B 480 -4.13 5.25 -19.97
CA VAL B 480 -3.20 4.40 -19.30
C VAL B 480 -1.77 4.67 -19.80
N PRO B 481 -0.87 5.11 -18.91
CA PRO B 481 0.46 5.49 -19.44
C PRO B 481 1.20 4.39 -20.19
N ARG B 482 1.92 4.74 -21.25
CA ARG B 482 2.70 3.77 -22.01
C ARG B 482 4.18 3.87 -21.63
N ALA B 483 4.97 2.87 -22.01
CA ALA B 483 6.42 2.87 -21.70
C ALA B 483 7.08 4.19 -22.15
N PHE B 484 8.05 4.67 -21.33
CA PHE B 484 8.80 5.88 -21.65
C PHE B 484 9.71 5.63 -22.85
N PRO B 485 10.13 6.73 -23.51
CA PRO B 485 11.10 6.73 -24.54
C PRO B 485 12.57 6.70 -24.03
N TYR B 486 13.50 6.90 -24.92
CA TYR B 486 14.94 6.77 -24.60
C TYR B 486 15.64 8.02 -25.24
N LEU B 487 16.78 8.37 -24.64
CA LEU B 487 17.65 9.48 -25.14
C LEU B 487 19.01 8.94 -25.61
N VAL B 488 19.39 9.31 -26.87
CA VAL B 488 20.68 8.91 -27.34
C VAL B 488 21.43 10.18 -27.78
N PHE B 489 22.76 10.09 -27.74
CA PHE B 489 23.56 11.23 -28.22
C PHE B 489 24.14 10.87 -29.61
N ARG B 490 23.79 11.68 -30.60
CA ARG B 490 24.25 11.54 -31.96
C ARG B 490 25.73 11.82 -31.88
N ARG B 491 26.10 12.96 -31.29
CA ARG B 491 27.55 13.22 -31.17
C ARG B 491 27.90 13.82 -29.83
N GLU B 492 29.19 14.08 -29.62
CA GLU B 492 29.58 14.64 -28.32
C GLU B 492 30.24 16.00 -28.46
N ARG B 493 30.66 16.56 -27.31
CA ARG B 493 31.35 17.86 -27.33
C ARG B 493 32.56 17.82 -26.39
N GLU B 494 33.48 18.78 -26.62
CA GLU B 494 34.66 18.89 -25.83
C GLU B 494 34.28 19.54 -24.42
N PHE B 495 33.37 20.52 -24.45
CA PHE B 495 32.92 21.18 -23.19
C PHE B 495 31.42 21.02 -22.98
N LEU B 496 31.01 20.88 -21.69
CA LEU B 496 29.60 20.76 -21.35
C LEU B 496 28.77 21.88 -21.90
N GLU B 497 29.30 23.11 -21.81
CA GLU B 497 28.62 24.28 -22.31
C GLU B 497 28.42 24.31 -23.80
N ASP B 498 29.01 23.41 -24.55
CA ASP B 498 28.87 23.49 -26.03
C ASP B 498 27.80 22.49 -26.58
N TYR B 499 27.22 21.69 -25.70
CA TYR B 499 26.10 20.82 -26.16
C TYR B 499 24.93 21.59 -26.77
N GLU B 500 24.25 20.99 -27.75
CA GLU B 500 23.15 21.61 -28.45
C GLU B 500 22.05 20.62 -28.56
N GLU B 501 20.84 21.10 -28.73
CA GLU B 501 19.65 20.22 -28.85
C GLU B 501 19.76 19.24 -30.01
N GLY B 502 20.40 19.66 -31.13
CA GLY B 502 20.64 18.69 -32.22
C GLY B 502 21.66 17.60 -31.96
N ASP B 503 22.44 17.67 -30.86
CA ASP B 503 23.37 16.59 -30.57
C ASP B 503 22.68 15.33 -30.00
N MET B 504 21.44 15.48 -29.62
CA MET B 504 20.73 14.34 -28.96
C MET B 504 19.37 14.16 -29.59
N GLU B 505 18.82 12.95 -29.46
CA GLU B 505 17.56 12.61 -30.09
C GLU B 505 16.73 11.67 -29.15
N VAL B 506 15.48 12.00 -28.95
CA VAL B 506 14.54 11.15 -28.23
C VAL B 506 14.03 10.13 -29.24
N ILE B 507 14.12 8.84 -28.90
CA ILE B 507 13.62 7.72 -29.81
C ILE B 507 12.56 6.95 -29.08
N ASP B 508 11.65 6.33 -29.87
CA ASP B 508 10.59 5.53 -29.36
C ASP B 508 9.61 6.30 -28.42
N TYR B 509 9.39 7.59 -28.69
CA TYR B 509 8.42 8.35 -27.90
C TYR B 509 7.09 8.23 -28.58
N ALA B 510 6.12 7.63 -27.91
CA ALA B 510 4.82 7.43 -28.51
C ALA B 510 3.65 7.96 -27.66
N PRO B 511 3.55 9.31 -27.52
CA PRO B 511 2.59 9.82 -26.62
C PRO B 511 1.17 9.69 -27.19
N TYR B 512 0.17 9.78 -26.34
CA TYR B 512 -1.22 9.90 -26.78
C TYR B 512 -1.47 11.26 -27.55
N PRO B 513 -2.62 11.34 -28.25
CA PRO B 513 -2.94 12.57 -29.03
C PRO B 513 -3.30 13.75 -28.13
N PRO B 514 -3.31 14.98 -28.65
CA PRO B 514 -3.67 16.19 -27.83
C PRO B 514 -5.06 16.16 -27.16
N SER C 2 -44.87 -22.51 13.60
CA SER C 2 -44.84 -24.02 13.72
C SER C 2 -43.43 -24.60 14.00
N LEU C 3 -43.34 -25.88 14.39
CA LEU C 3 -42.14 -26.51 15.00
C LEU C 3 -40.86 -26.46 14.14
N PHE C 4 -41.00 -26.32 12.85
CA PHE C 4 -39.80 -26.43 12.03
C PHE C 4 -39.29 -25.09 11.65
N LYS C 5 -40.09 -24.08 11.93
CA LYS C 5 -39.60 -22.67 11.68
C LYS C 5 -38.67 -22.16 12.77
N ILE C 6 -38.09 -20.99 12.54
CA ILE C 6 -37.12 -20.39 13.46
C ILE C 6 -37.80 -19.19 14.15
N ARG C 7 -38.03 -19.31 15.46
CA ARG C 7 -38.79 -18.22 16.14
C ARG C 7 -37.84 -17.07 16.42
N MET C 8 -38.31 -15.84 16.12
CA MET C 8 -37.49 -14.65 16.38
C MET C 8 -37.54 -14.34 17.87
N PRO C 9 -36.42 -13.90 18.46
CA PRO C 9 -36.42 -13.61 19.89
C PRO C 9 -37.02 -12.22 20.20
N GLU C 10 -37.17 -11.88 21.49
CA GLU C 10 -37.83 -10.59 21.90
C GLU C 10 -37.03 -9.37 21.41
N THR C 11 -35.72 -9.56 21.27
CA THR C 11 -34.78 -8.49 20.88
C THR C 11 -34.81 -8.20 19.38
N VAL C 12 -35.72 -8.87 18.61
CA VAL C 12 -35.74 -8.84 17.13
C VAL C 12 -35.57 -7.45 16.49
N ALA C 13 -36.27 -6.44 17.04
CA ALA C 13 -36.20 -5.05 16.53
C ALA C 13 -34.96 -4.28 16.97
N GLU C 14 -34.35 -4.67 18.11
CA GLU C 14 -33.28 -3.89 18.82
C GLU C 14 -32.05 -3.57 18.09
N GLY C 15 -31.46 -4.59 17.48
CA GLY C 15 -30.18 -4.47 16.79
C GLY C 15 -30.20 -3.57 15.59
N THR C 16 -31.24 -3.70 14.78
CA THR C 16 -31.37 -2.94 13.54
C THR C 16 -32.11 -1.60 13.65
N ARG C 17 -32.58 -1.25 14.84
CA ARG C 17 -33.32 0.00 14.97
C ARG C 17 -32.41 1.11 14.49
N LEU C 18 -32.96 2.03 13.70
CA LEU C 18 -32.14 3.12 13.16
C LEU C 18 -32.03 4.21 14.21
N ALA C 19 -30.80 4.48 14.64
CA ALA C 19 -30.52 5.49 15.71
C ALA C 19 -30.65 6.92 15.18
N LEU C 20 -30.04 7.17 14.04
CA LEU C 20 -30.02 8.55 13.42
C LEU C 20 -30.26 8.39 11.95
N ARG C 21 -31.04 9.29 11.37
CA ARG C 21 -31.25 9.25 9.90
C ARG C 21 -30.13 9.93 9.18
N ALA C 22 -29.69 9.39 8.02
CA ALA C 22 -28.62 10.04 7.19
C ALA C 22 -29.11 11.32 6.57
N PHE C 23 -28.20 12.18 6.12
CA PHE C 23 -28.62 13.45 5.53
C PHE C 23 -27.55 14.05 4.61
N SER C 24 -27.83 15.23 4.08
CA SER C 24 -26.85 15.87 3.19
C SER C 24 -26.85 17.33 3.65
N LEU C 25 -25.81 18.07 3.27
CA LEU C 25 -25.62 19.42 3.83
CA LEU C 25 -25.63 19.42 3.83
C LEU C 25 -25.57 20.37 2.64
N VAL C 26 -26.13 21.63 2.78
CA VAL C 26 -26.10 22.48 1.59
C VAL C 26 -25.71 23.84 2.20
N VAL C 27 -24.73 24.51 1.57
CA VAL C 27 -24.17 25.71 2.23
C VAL C 27 -23.67 26.65 1.11
N ALA C 28 -23.77 27.98 1.39
CA ALA C 28 -23.03 28.96 0.50
C ALA C 28 -21.97 29.67 1.28
N VAL C 29 -20.78 29.84 0.66
CA VAL C 29 -19.61 30.45 1.38
C VAL C 29 -19.01 31.51 0.48
N ASP C 30 -18.24 32.39 1.09
CA ASP C 30 -17.46 33.39 0.37
C ASP C 30 -16.11 32.76 -0.03
N GLU C 31 -15.19 33.49 -0.65
CA GLU C 31 -13.97 32.84 -1.14
C GLU C 31 -13.01 32.41 -0.03
N HIS C 32 -13.24 32.92 1.17
CA HIS C 32 -12.49 32.53 2.31
C HIS C 32 -13.21 31.50 3.20
N GLY C 33 -14.35 30.99 2.74
CA GLY C 33 -15.06 29.94 3.49
C GLY C 33 -16.00 30.54 4.51
N GLY C 34 -16.26 31.84 4.44
CA GLY C 34 -17.11 32.43 5.50
C GLY C 34 -18.58 32.24 5.15
N ILE C 35 -19.47 31.98 6.14
N ILE C 35 -19.37 32.00 6.19
CA ILE C 35 -20.89 31.58 5.82
CA ILE C 35 -20.78 32.25 6.14
C ILE C 35 -22.03 32.60 5.97
C ILE C 35 -20.90 33.53 7.02
N GLY C 36 -22.06 33.27 7.12
N GLY C 36 -21.53 34.60 6.51
CA GLY C 36 -23.11 34.25 7.45
CA GLY C 36 -21.87 35.79 7.33
C GLY C 36 -23.47 34.28 8.93
C GLY C 36 -23.36 35.86 7.58
N ASN C 44 -26.46 38.01 -3.09
CA ASN C 44 -27.58 37.80 -4.01
C ASN C 44 -27.26 37.16 -5.38
N VAL C 45 -27.43 35.84 -5.47
CA VAL C 45 -27.05 35.10 -6.67
C VAL C 45 -28.26 34.21 -6.99
N PRO C 46 -29.13 34.70 -7.89
CA PRO C 46 -30.39 33.97 -8.16
C PRO C 46 -30.17 32.55 -8.68
N GLU C 47 -29.07 32.27 -9.38
CA GLU C 47 -28.88 30.92 -9.87
C GLU C 47 -28.64 29.97 -8.64
N ASP C 48 -28.03 30.51 -7.59
CA ASP C 48 -27.77 29.70 -6.38
C ASP C 48 -29.05 29.41 -5.63
N MET C 49 -29.94 30.41 -5.53
CA MET C 49 -31.23 30.18 -4.96
C MET C 49 -32.03 29.18 -5.72
N LYS C 50 -31.94 29.18 -7.02
CA LYS C 50 -32.69 28.24 -7.83
C LYS C 50 -32.14 26.83 -7.56
N PHE C 51 -30.79 26.77 -7.52
CA PHE C 51 -30.15 25.45 -7.22
C PHE C 51 -30.61 24.93 -5.89
N PHE C 52 -30.50 25.77 -4.87
CA PHE C 52 -30.91 25.43 -3.51
C PHE C 52 -32.38 24.92 -3.51
N ARG C 53 -33.24 25.70 -4.18
CA ARG C 53 -34.69 25.39 -4.19
CA ARG C 53 -34.69 25.38 -4.19
C ARG C 53 -34.91 24.05 -4.91
N ASP C 54 -34.31 23.87 -6.07
CA ASP C 54 -34.50 22.61 -6.77
C ASP C 54 -33.91 21.38 -6.02
N LEU C 55 -32.68 21.52 -5.55
CA LEU C 55 -32.04 20.37 -4.83
C LEU C 55 -32.81 19.98 -3.57
N THR C 56 -33.22 20.94 -2.75
CA THR C 56 -33.90 20.55 -1.52
C THR C 56 -35.38 20.11 -1.71
N THR C 57 -36.04 20.61 -2.76
CA THR C 57 -37.47 20.24 -3.02
C THR C 57 -37.67 18.96 -3.82
N LYS C 58 -36.91 18.75 -4.90
CA LYS C 58 -37.21 17.65 -5.83
C LYS C 58 -36.89 16.30 -5.27
N LEU C 59 -37.73 15.34 -5.63
CA LEU C 59 -37.52 13.94 -5.20
C LEU C 59 -36.71 13.34 -6.30
N ARG C 60 -36.15 12.12 -6.10
CA ARG C 60 -35.32 11.49 -7.14
C ARG C 60 -36.11 10.90 -8.35
N ASN C 63 -41.17 12.20 -11.98
CA ASN C 63 -41.39 13.59 -11.45
C ASN C 63 -42.58 13.73 -10.46
N VAL C 64 -42.33 13.37 -9.20
CA VAL C 64 -43.36 13.34 -8.13
C VAL C 64 -43.53 14.72 -7.43
N LYS C 65 -44.78 15.14 -7.24
CA LYS C 65 -45.07 16.30 -6.44
C LYS C 65 -44.89 15.89 -4.94
N PRO C 66 -44.01 16.62 -4.20
CA PRO C 66 -43.88 16.39 -2.73
C PRO C 66 -45.23 16.33 -1.94
N SER C 67 -45.39 15.38 -1.03
CA SER C 67 -46.54 15.36 -0.14
C SER C 67 -46.04 14.81 1.21
N PRO C 68 -46.89 14.83 2.28
CA PRO C 68 -46.49 14.15 3.53
C PRO C 68 -46.18 12.66 3.35
N ALA C 69 -46.74 11.98 2.33
CA ALA C 69 -46.34 10.56 2.06
C ALA C 69 -44.90 10.45 1.48
N LYS C 70 -44.42 11.51 0.83
CA LYS C 70 -43.14 11.48 0.14
C LYS C 70 -42.60 12.87 -0.16
N ARG C 71 -41.61 13.30 0.59
CA ARG C 71 -41.07 14.66 0.42
C ARG C 71 -39.65 14.70 1.10
N ASN C 72 -38.95 15.78 0.92
CA ASN C 72 -37.63 15.97 1.64
C ASN C 72 -37.86 16.79 2.87
N ALA C 73 -36.87 16.81 3.75
CA ALA C 73 -36.86 17.65 4.93
C ALA C 73 -35.69 18.59 4.91
N VAL C 74 -35.89 19.82 5.42
CA VAL C 74 -34.78 20.71 5.68
C VAL C 74 -34.62 20.94 7.18
N VAL C 75 -33.38 20.86 7.71
CA VAL C 75 -33.15 21.03 9.12
C VAL C 75 -32.35 22.32 9.26
N MET C 76 -32.76 23.20 10.18
CA MET C 76 -32.12 24.58 10.28
C MET C 76 -32.12 25.03 11.70
N GLY C 77 -31.10 25.87 12.06
CA GLY C 77 -31.09 26.51 13.35
C GLY C 77 -32.18 27.64 13.36
N ARG C 78 -32.56 28.05 14.57
CA ARG C 78 -33.57 29.07 14.77
C ARG C 78 -33.30 30.40 14.06
N LYS C 79 -32.05 30.84 14.05
CA LYS C 79 -31.72 32.11 13.41
C LYS C 79 -31.77 32.06 11.90
N THR C 80 -31.53 30.87 11.29
CA THR C 80 -31.75 30.65 9.87
C THR C 80 -33.24 30.71 9.58
N TRP C 81 -34.08 30.15 10.43
CA TRP C 81 -35.51 30.23 10.21
C TRP C 81 -35.95 31.70 10.19
N ASP C 82 -35.46 32.45 11.18
CA ASP C 82 -35.75 33.87 11.32
C ASP C 82 -35.38 34.67 10.08
N SER C 83 -34.33 34.26 9.39
CA SER C 83 -33.73 34.97 8.29
C SER C 83 -34.40 34.65 6.99
N ILE C 84 -35.22 33.58 6.95
CA ILE C 84 -35.91 33.25 5.71
C ILE C 84 -36.97 34.35 5.47
N PRO C 85 -36.95 34.97 4.26
CA PRO C 85 -37.99 35.97 3.94
C PRO C 85 -39.43 35.35 4.07
N PRO C 86 -40.37 36.06 4.77
CA PRO C 86 -41.80 35.75 4.91
C PRO C 86 -42.47 35.03 3.73
N LYS C 87 -42.20 35.46 2.49
CA LYS C 87 -42.81 34.79 1.32
C LYS C 87 -42.47 33.30 1.35
N PHE C 88 -41.25 32.96 1.77
CA PHE C 88 -40.85 31.54 1.63
C PHE C 88 -40.82 30.81 2.97
N ARG C 89 -41.59 31.30 3.93
CA ARG C 89 -41.58 30.72 5.27
C ARG C 89 -42.94 30.10 5.69
N PRO C 90 -43.07 28.78 5.89
CA PRO C 90 -41.99 27.74 5.76
C PRO C 90 -41.60 27.52 4.31
N LEU C 91 -40.38 27.00 4.07
CA LEU C 91 -39.94 26.67 2.75
C LEU C 91 -40.96 25.68 2.13
N PRO C 92 -41.57 26.03 0.99
CA PRO C 92 -42.70 25.25 0.46
C PRO C 92 -42.30 23.85 -0.04
N GLY C 93 -43.16 22.86 0.16
CA GLY C 93 -42.90 21.58 -0.52
C GLY C 93 -41.91 20.67 0.29
N ARG C 94 -41.37 21.18 1.41
CA ARG C 94 -40.46 20.43 2.32
C ARG C 94 -40.97 20.42 3.75
N LEU C 95 -40.74 19.33 4.48
CA LEU C 95 -40.86 19.42 5.94
C LEU C 95 -39.78 20.35 6.52
N ASN C 96 -40.19 21.34 7.31
CA ASN C 96 -39.23 22.31 7.89
C ASN C 96 -39.03 21.96 9.35
N VAL C 97 -37.78 21.57 9.71
CA VAL C 97 -37.47 21.13 11.08
C VAL C 97 -36.59 22.24 11.67
N VAL C 98 -37.03 22.83 12.78
CA VAL C 98 -36.34 24.00 13.30
C VAL C 98 -35.77 23.70 14.63
N LEU C 99 -34.43 23.89 14.79
CA LEU C 99 -33.86 23.62 16.07
C LEU C 99 -33.96 24.86 16.99
N SER C 100 -34.42 24.67 18.22
CA SER C 100 -34.60 25.81 19.16
C SER C 100 -34.85 25.31 20.56
N SER C 101 -34.23 26.01 21.51
CA SER C 101 -34.50 25.74 22.90
C SER C 101 -35.53 26.69 23.37
N THR C 102 -35.87 27.69 22.57
CA THR C 102 -36.80 28.74 23.09
C THR C 102 -38.22 28.70 22.50
N LEU C 103 -38.35 28.20 21.27
CA LEU C 103 -39.55 28.36 20.46
C LEU C 103 -40.19 26.96 20.24
N THR C 104 -41.47 26.84 20.54
CA THR C 104 -42.19 25.52 20.39
C THR C 104 -42.63 25.50 18.96
N THR C 105 -43.16 24.37 18.41
CA THR C 105 -43.83 24.38 17.11
C THR C 105 -44.95 25.43 17.01
N GLN C 106 -45.70 25.58 18.08
CA GLN C 106 -46.84 26.52 18.06
C GLN C 106 -46.30 28.02 17.97
N HIS C 107 -45.22 28.28 18.67
CA HIS C 107 -44.57 29.59 18.58
C HIS C 107 -44.16 29.88 17.15
N LEU C 108 -43.68 28.86 16.43
CA LEU C 108 -43.26 29.04 15.07
C LEU C 108 -44.46 29.33 14.20
N LEU C 109 -45.51 28.59 14.46
CA LEU C 109 -46.75 28.80 13.76
C LEU C 109 -47.28 30.22 14.04
N ASP C 110 -47.23 30.64 15.30
CA ASP C 110 -47.83 31.95 15.69
C ASP C 110 -47.05 33.07 14.99
N GLY C 111 -45.75 32.84 14.76
CA GLY C 111 -44.88 33.79 14.02
C GLY C 111 -45.17 34.00 12.54
N LEU C 112 -45.99 33.16 11.93
CA LEU C 112 -46.15 33.24 10.48
C LEU C 112 -46.88 34.52 9.95
N ASP C 123 -48.46 20.41 9.67
CA ASP C 123 -48.02 19.28 8.85
C ASP C 123 -46.59 19.52 8.30
N SER C 124 -46.20 20.78 8.19
CA SER C 124 -44.97 21.04 7.49
C SER C 124 -43.89 21.76 8.29
N ILE C 125 -44.18 22.01 9.59
CA ILE C 125 -43.24 22.63 10.50
C ILE C 125 -43.17 21.82 11.78
N VAL C 126 -41.94 21.50 12.25
CA VAL C 126 -41.75 20.91 13.56
C VAL C 126 -40.50 21.53 14.25
N ALA C 127 -40.66 21.93 15.51
CA ALA C 127 -39.54 22.37 16.34
C ALA C 127 -38.91 21.24 17.06
N VAL C 128 -37.59 21.27 17.07
CA VAL C 128 -36.85 20.33 17.90
C VAL C 128 -36.08 21.05 18.99
N ASN C 129 -36.33 20.63 20.23
CA ASN C 129 -35.63 21.20 21.38
C ASN C 129 -34.32 20.43 21.58
N GLY C 130 -33.35 20.75 20.73
CA GLY C 130 -32.05 20.04 20.70
C GLY C 130 -31.30 20.46 19.45
N GLY C 131 -30.16 19.78 19.24
CA GLY C 131 -29.29 20.07 18.11
C GLY C 131 -29.56 19.08 16.98
N LEU C 132 -28.64 19.09 16.01
CA LEU C 132 -28.82 18.29 14.78
C LEU C 132 -29.02 16.82 15.11
N GLU C 133 -28.23 16.31 16.05
CA GLU C 133 -28.34 14.87 16.39
C GLU C 133 -29.78 14.50 16.89
N GLN C 134 -30.36 15.35 17.75
CA GLN C 134 -31.74 15.15 18.21
C GLN C 134 -32.72 15.22 17.06
N ALA C 135 -32.46 16.10 16.05
CA ALA C 135 -33.38 16.11 14.92
C ALA C 135 -33.24 14.80 14.09
N LEU C 136 -32.03 14.32 13.94
CA LEU C 136 -31.77 13.10 13.13
C LEU C 136 -32.33 11.90 13.85
N ARG C 137 -32.37 11.96 15.18
CA ARG C 137 -33.01 10.89 15.94
C ARG C 137 -34.54 10.92 15.64
N LEU C 138 -35.14 12.12 15.67
CA LEU C 138 -36.56 12.27 15.27
C LEU C 138 -36.86 11.76 13.91
N LEU C 139 -36.04 12.15 12.94
CA LEU C 139 -36.26 11.86 11.55
C LEU C 139 -36.11 10.32 11.28
N ALA C 140 -35.43 9.66 12.22
CA ALA C 140 -35.22 8.16 12.12
C ALA C 140 -36.48 7.41 12.50
N SER C 141 -37.44 8.09 13.14
CA SER C 141 -38.63 7.39 13.68
C SER C 141 -39.57 7.00 12.55
N PRO C 142 -40.44 5.98 12.77
CA PRO C 142 -41.37 5.53 11.71
C PRO C 142 -42.27 6.58 11.04
N ASN C 143 -42.63 7.64 11.74
CA ASN C 143 -43.42 8.69 11.07
C ASN C 143 -42.64 9.46 10.02
N TYR C 144 -41.28 9.42 10.07
CA TYR C 144 -40.56 10.20 9.09
C TYR C 144 -39.65 9.39 8.22
N THR C 145 -39.41 8.14 8.56
CA THR C 145 -38.56 7.26 7.70
C THR C 145 -39.51 6.05 7.42
N PRO C 146 -39.76 5.71 6.17
CA PRO C 146 -39.10 6.24 4.94
C PRO C 146 -39.76 7.37 4.21
N SER C 147 -40.80 7.96 4.80
CA SER C 147 -41.53 9.00 4.09
C SER C 147 -40.66 10.20 3.73
N ILE C 148 -39.72 10.60 4.58
CA ILE C 148 -38.81 11.63 4.10
C ILE C 148 -37.72 11.02 3.19
N GLU C 149 -37.58 11.47 1.94
CA GLU C 149 -36.72 10.76 1.04
C GLU C 149 -35.26 11.20 1.31
N THR C 150 -35.04 12.51 1.47
CA THR C 150 -33.62 13.01 1.79
C THR C 150 -33.76 14.13 2.83
N VAL C 151 -32.90 14.11 3.80
CA VAL C 151 -32.82 15.12 4.85
C VAL C 151 -31.69 16.08 4.45
N TYR C 152 -32.01 17.40 4.43
CA TYR C 152 -30.97 18.41 4.05
C TYR C 152 -30.73 19.32 5.23
N CYS C 153 -29.46 19.42 5.68
CA CYS C 153 -29.16 20.37 6.81
C CYS C 153 -28.75 21.70 6.12
N ILE C 154 -29.35 22.82 6.53
CA ILE C 154 -29.18 24.08 5.75
C ILE C 154 -28.59 25.13 6.72
N GLY C 155 -27.96 24.70 7.80
CA GLY C 155 -27.20 25.61 8.73
C GLY C 155 -28.04 26.10 9.90
N GLY C 156 -27.55 27.11 10.67
CA GLY C 156 -26.38 27.88 10.27
C GLY C 156 -25.09 27.38 10.89
N GLY C 157 -24.18 28.30 11.26
CA GLY C 157 -22.88 27.92 11.86
C GLY C 157 -22.79 26.78 12.87
N SER C 158 -23.56 26.89 13.95
CA SER C 158 -23.50 25.93 15.03
C SER C 158 -24.04 24.58 14.52
N VAL C 159 -24.99 24.61 13.60
CA VAL C 159 -25.58 23.34 13.09
C VAL C 159 -24.62 22.65 12.10
N TYR C 160 -23.98 23.43 11.25
CA TYR C 160 -22.99 22.91 10.35
C TYR C 160 -21.82 22.32 11.17
N ALA C 161 -21.43 22.95 12.27
CA ALA C 161 -20.31 22.46 13.07
C ALA C 161 -20.67 21.10 13.70
N GLU C 162 -21.94 20.98 14.06
CA GLU C 162 -22.37 19.71 14.62
C GLU C 162 -22.48 18.62 13.49
N ALA C 163 -22.85 19.02 12.27
CA ALA C 163 -22.91 18.11 11.10
C ALA C 163 -21.52 17.51 10.77
N LEU C 164 -20.49 18.32 10.97
CA LEU C 164 -19.12 17.93 10.60
C LEU C 164 -18.29 17.15 11.62
N ARG C 165 -18.86 16.89 12.79
CA ARG C 165 -18.12 16.14 13.80
C ARG C 165 -18.91 14.91 14.16
N PRO C 166 -18.29 13.86 14.74
CA PRO C 166 -19.12 12.72 15.19
C PRO C 166 -20.06 13.06 16.34
N PRO C 167 -21.21 12.41 16.44
CA PRO C 167 -21.64 11.29 15.63
C PRO C 167 -22.30 11.65 14.29
N CYS C 168 -22.81 12.88 14.15
CA CYS C 168 -23.53 13.21 12.93
C CYS C 168 -22.70 13.01 11.64
N VAL C 169 -21.36 13.27 11.66
CA VAL C 169 -20.70 13.35 10.35
C VAL C 169 -20.63 11.94 9.66
N HIS C 170 -20.78 10.89 10.47
CA HIS C 170 -20.78 9.53 9.88
C HIS C 170 -22.13 9.20 9.16
N LEU C 171 -23.15 10.08 9.33
CA LEU C 171 -24.47 10.00 8.62
C LEU C 171 -24.54 11.00 7.44
N LEU C 172 -23.45 11.76 7.24
CA LEU C 172 -23.38 12.82 6.18
C LEU C 172 -23.05 12.24 4.80
N GLN C 173 -24.05 12.15 3.91
CA GLN C 173 -23.87 11.49 2.60
C GLN C 173 -23.23 12.37 1.55
N ALA C 174 -23.45 13.68 1.63
CA ALA C 174 -22.96 14.55 0.54
C ALA C 174 -23.02 15.99 1.11
N ILE C 175 -22.09 16.78 0.60
CA ILE C 175 -21.99 18.28 0.98
C ILE C 175 -22.03 19.03 -0.35
N TYR C 176 -23.04 19.97 -0.48
CA TYR C 176 -23.25 20.69 -1.71
C TYR C 176 -22.83 22.10 -1.30
N ARG C 177 -21.63 22.54 -1.75
CA ARG C 177 -21.06 23.85 -1.38
C ARG C 177 -21.07 24.77 -2.61
N THR C 178 -21.67 25.98 -2.45
CA THR C 178 -21.58 26.99 -3.49
C THR C 178 -20.59 28.02 -2.95
N THR C 179 -19.66 28.47 -3.80
CA THR C 179 -18.69 29.47 -3.38
C THR C 179 -18.95 30.73 -4.24
N ILE C 180 -18.99 31.85 -3.54
CA ILE C 180 -19.40 33.14 -4.19
C ILE C 180 -18.30 34.16 -3.92
N ARG C 181 -17.80 34.80 -4.96
CA ARG C 181 -16.82 35.87 -4.75
C ARG C 181 -17.52 37.09 -4.12
N ALA C 182 -17.21 37.41 -2.88
CA ALA C 182 -17.81 38.58 -2.21
C ALA C 182 -16.99 39.84 -2.39
N VAL C 189 -17.15 33.45 10.97
CA VAL C 189 -17.47 32.01 11.03
C VAL C 189 -17.08 31.29 9.74
N PHE C 190 -16.33 30.20 9.87
CA PHE C 190 -15.75 29.51 8.72
C PHE C 190 -16.38 28.11 8.53
N PHE C 191 -16.81 27.78 7.32
CA PHE C 191 -17.26 26.41 7.00
C PHE C 191 -16.03 25.63 6.61
N ARG C 192 -15.66 24.67 7.41
CA ARG C 192 -14.41 24.00 7.08
C ARG C 192 -14.67 22.51 7.13
N VAL C 193 -14.39 21.87 6.03
CA VAL C 193 -14.57 20.40 5.99
CA VAL C 193 -14.57 20.41 5.99
C VAL C 193 -13.29 19.72 6.39
N PRO C 194 -13.38 18.77 7.32
CA PRO C 194 -12.15 18.18 7.83
C PRO C 194 -11.24 17.57 6.81
N GLU C 195 -9.94 17.82 6.96
CA GLU C 195 -9.00 17.37 5.96
C GLU C 195 -8.65 15.88 6.16
N SER C 196 -8.34 15.23 5.04
CA SER C 196 -7.95 13.80 5.04
C SER C 196 -6.80 13.40 6.00
N GLY C 197 -7.06 12.39 6.82
CA GLY C 197 -6.10 11.82 7.75
C GLY C 197 -5.95 12.59 9.05
N THR C 198 -6.71 13.67 9.24
CA THR C 198 -6.72 14.44 10.48
C THR C 198 -7.61 13.85 11.57
N GLU C 199 -7.29 14.14 12.84
CA GLU C 199 -8.16 13.65 13.91
C GLU C 199 -9.61 14.17 13.67
N ALA C 200 -9.73 15.43 13.21
CA ALA C 200 -11.09 16.05 13.14
C ALA C 200 -11.91 15.28 12.08
N ALA C 201 -11.24 14.71 11.07
CA ALA C 201 -11.97 13.95 10.02
C ALA C 201 -12.54 12.61 10.42
N ALA C 202 -12.17 12.08 11.58
CA ALA C 202 -12.75 10.83 12.19
C ALA C 202 -12.71 9.62 11.21
N GLY C 203 -11.65 9.61 10.41
CA GLY C 203 -11.43 8.54 9.42
C GLY C 203 -12.15 8.66 8.09
N ILE C 204 -12.88 9.76 7.86
CA ILE C 204 -13.54 10.00 6.59
C ILE C 204 -12.65 10.78 5.67
N GLU C 205 -12.63 10.43 4.43
CA GLU C 205 -11.83 11.12 3.42
C GLU C 205 -12.78 11.85 2.45
N TRP C 206 -13.01 13.16 2.68
CA TRP C 206 -13.87 13.91 1.77
C TRP C 206 -13.29 14.16 0.41
N GLN C 207 -14.06 13.96 -0.65
CA GLN C 207 -13.59 14.21 -1.99
C GLN C 207 -14.62 14.84 -2.90
N ARG C 208 -14.21 15.52 -3.93
CA ARG C 208 -15.14 16.06 -4.85
C ARG C 208 -15.65 15.08 -5.88
N GLU C 209 -16.96 14.92 -5.99
CA GLU C 209 -17.56 14.23 -7.11
C GLU C 209 -17.60 15.18 -8.29
N THR C 210 -17.99 16.45 -8.02
CA THR C 210 -18.08 17.41 -9.09
C THR C 210 -17.70 18.79 -8.61
N ILE C 211 -17.27 19.58 -9.60
CA ILE C 211 -16.90 20.99 -9.35
C ILE C 211 -17.26 21.67 -10.68
N SER C 212 -18.01 22.79 -10.64
CA SER C 212 -18.39 23.44 -11.90
C SER C 212 -17.23 24.30 -12.39
N GLU C 213 -17.31 24.74 -13.63
CA GLU C 213 -16.67 25.98 -14.08
C GLU C 213 -16.98 27.20 -13.20
N GLU C 214 -16.13 28.22 -13.30
CA GLU C 214 -16.47 29.56 -12.77
C GLU C 214 -17.65 30.08 -13.55
N LEU C 215 -18.65 30.53 -12.82
CA LEU C 215 -19.85 30.92 -13.48
C LEU C 215 -20.06 32.38 -13.16
N THR C 216 -20.83 33.07 -14.04
CA THR C 216 -21.14 34.53 -13.84
C THR C 216 -22.64 34.72 -13.70
N SER C 217 -23.08 35.32 -12.61
CA SER C 217 -24.51 35.51 -12.36
CA SER C 217 -24.52 35.48 -12.39
C SER C 217 -25.13 36.57 -13.28
N ALA C 218 -26.42 36.41 -13.59
CA ALA C 218 -27.22 37.45 -14.26
C ALA C 218 -27.90 38.18 -13.12
N ASN C 219 -27.12 38.90 -12.33
CA ASN C 219 -27.68 39.63 -11.19
C ASN C 219 -27.31 41.10 -11.24
N GLY C 220 -26.79 41.53 -12.38
CA GLY C 220 -26.41 42.93 -12.55
C GLY C 220 -25.00 43.25 -12.05
N ASN C 221 -24.41 42.39 -11.19
CA ASN C 221 -23.03 42.63 -10.70
C ASN C 221 -21.97 41.69 -11.23
N GLU C 222 -22.36 40.79 -12.13
CA GLU C 222 -21.42 39.86 -12.72
C GLU C 222 -20.66 39.13 -11.63
N THR C 223 -21.36 38.77 -10.56
CA THR C 223 -20.72 38.06 -9.46
C THR C 223 -20.22 36.71 -9.93
N LYS C 224 -19.02 36.34 -9.51
CA LYS C 224 -18.46 35.06 -9.89
C LYS C 224 -18.79 34.02 -8.79
N TYR C 225 -19.19 32.84 -9.23
CA TYR C 225 -19.52 31.80 -8.22
C TYR C 225 -19.22 30.42 -8.82
N TYR C 226 -19.14 29.39 -7.94
CA TYR C 226 -19.06 28.04 -8.51
C TYR C 226 -19.69 27.03 -7.54
N PHE C 227 -19.96 25.83 -8.04
CA PHE C 227 -20.58 24.81 -7.18
C PHE C 227 -19.58 23.61 -7.01
N GLU C 228 -19.69 22.93 -5.85
CA GLU C 228 -19.01 21.61 -5.64
C GLU C 228 -20.03 20.69 -5.00
N LYS C 229 -19.81 19.38 -5.26
CA LYS C 229 -20.51 18.34 -4.48
C LYS C 229 -19.36 17.45 -3.91
N LEU C 230 -19.30 17.33 -2.59
CA LEU C 230 -18.27 16.46 -1.94
C LEU C 230 -18.98 15.24 -1.39
N ILE C 231 -18.27 14.11 -1.38
CA ILE C 231 -18.82 12.81 -0.93
C ILE C 231 -17.71 12.13 -0.10
N PRO C 232 -18.11 11.28 0.89
CA PRO C 232 -17.15 10.56 1.71
C PRO C 232 -16.60 9.38 0.91
N ARG C 233 -15.29 9.37 0.63
CA ARG C 233 -14.72 8.28 -0.17
C ARG C 233 -15.32 6.95 0.26
N ASN C 234 -15.64 6.06 -0.69
CA ASN C 234 -16.23 4.77 -0.25
C ASN C 234 -15.22 3.70 -0.73
N ARG C 235 -14.26 3.43 0.13
CA ARG C 235 -13.21 2.48 -0.18
C ARG C 235 -13.73 1.06 -0.38
N GLU C 236 -14.87 0.76 0.25
CA GLU C 236 -15.44 -0.57 0.05
C GLU C 236 -15.81 -0.79 -1.42
N GLU C 237 -16.61 0.12 -1.96
CA GLU C 237 -16.92 -0.06 -3.37
C GLU C 237 -15.72 0.05 -4.30
N GLU C 238 -14.72 0.83 -3.91
CA GLU C 238 -13.51 0.94 -4.68
C GLU C 238 -12.84 -0.45 -4.81
N GLN C 239 -12.97 -1.31 -3.80
CA GLN C 239 -12.41 -2.67 -3.87
C GLN C 239 -12.95 -3.39 -5.05
N TYR C 240 -14.26 -3.39 -5.18
CA TYR C 240 -14.90 -3.98 -6.28
C TYR C 240 -14.45 -3.38 -7.62
N LEU C 241 -14.48 -2.05 -7.71
CA LEU C 241 -14.10 -1.35 -8.94
CA LEU C 241 -14.11 -1.37 -8.96
C LEU C 241 -12.65 -1.70 -9.34
N SER C 242 -11.77 -1.74 -8.36
CA SER C 242 -10.37 -2.07 -8.68
CA SER C 242 -10.38 -2.09 -8.61
C SER C 242 -10.20 -3.50 -9.20
N LEU C 243 -10.99 -4.45 -8.69
CA LEU C 243 -10.97 -5.81 -9.20
CA LEU C 243 -10.96 -5.84 -9.24
C LEU C 243 -11.49 -5.88 -10.65
N VAL C 244 -12.63 -5.17 -10.91
CA VAL C 244 -13.15 -5.08 -12.27
C VAL C 244 -12.04 -4.54 -13.21
N ASP C 245 -11.43 -3.46 -12.80
CA ASP C 245 -10.35 -2.84 -13.61
C ASP C 245 -9.17 -3.85 -13.89
N ARG C 246 -8.77 -4.60 -12.85
N ARG C 246 -8.81 -4.56 -12.82
CA ARG C 246 -7.66 -5.55 -12.97
CA ARG C 246 -7.72 -5.54 -12.81
C ARG C 246 -8.06 -6.71 -13.90
C ARG C 246 -8.05 -6.71 -13.78
N ILE C 247 -9.33 -7.13 -13.75
CA ILE C 247 -9.79 -8.23 -14.62
C ILE C 247 -9.77 -7.79 -16.09
N ILE C 248 -10.18 -6.54 -16.29
CA ILE C 248 -10.17 -6.10 -17.72
C ILE C 248 -8.70 -5.94 -18.25
N ARG C 249 -7.87 -5.35 -17.43
CA ARG C 249 -6.50 -5.03 -17.90
C ARG C 249 -5.61 -6.29 -17.94
N GLU C 250 -5.85 -7.24 -17.06
CA GLU C 250 -4.87 -8.33 -16.93
C GLU C 250 -5.49 -9.69 -16.87
N GLY C 251 -6.80 -9.79 -16.93
CA GLY C 251 -7.41 -11.14 -16.88
C GLY C 251 -7.06 -12.04 -18.08
N ASN C 252 -7.15 -13.35 -17.88
CA ASN C 252 -6.97 -14.28 -18.98
C ASN C 252 -8.29 -14.30 -19.84
N VAL C 253 -8.19 -14.26 -21.20
CA VAL C 253 -9.40 -14.41 -22.06
C VAL C 253 -9.72 -15.89 -22.19
N LYS C 254 -10.99 -16.29 -22.00
CA LYS C 254 -11.36 -17.66 -22.30
C LYS C 254 -12.63 -17.68 -23.15
N HIS C 255 -12.78 -18.67 -24.06
CA HIS C 255 -14.11 -18.83 -24.72
C HIS C 255 -14.69 -20.21 -24.41
N ASP C 256 -15.99 -20.36 -24.14
CA ASP C 256 -16.62 -21.62 -23.55
C ASP C 256 -17.06 -22.78 -24.48
N THR C 258 -19.87 -22.89 -26.63
CA THR C 258 -20.65 -22.06 -27.56
C THR C 258 -20.05 -20.69 -27.87
N GLY C 259 -18.71 -20.60 -27.86
CA GLY C 259 -17.92 -19.35 -27.96
C GLY C 259 -18.21 -18.08 -27.12
N VAL C 260 -18.77 -18.21 -25.91
CA VAL C 260 -19.00 -16.99 -25.07
C VAL C 260 -17.66 -16.55 -24.43
N GLY C 261 -17.28 -15.27 -24.56
CA GLY C 261 -15.94 -14.92 -24.14
C GLY C 261 -15.95 -14.34 -22.70
N THR C 262 -14.88 -14.64 -21.96
CA THR C 262 -14.74 -13.98 -20.64
C THR C 262 -13.28 -13.58 -20.43
N LEU C 263 -13.11 -12.59 -19.51
CA LEU C 263 -11.81 -12.25 -18.97
CA LEU C 263 -11.81 -12.26 -18.97
C LEU C 263 -11.88 -12.64 -17.48
N SER C 264 -10.83 -13.30 -17.01
CA SER C 264 -10.89 -13.83 -15.61
C SER C 264 -9.60 -13.75 -14.81
N ILE C 265 -9.76 -13.70 -13.47
CA ILE C 265 -8.64 -13.92 -12.60
C ILE C 265 -9.16 -14.95 -11.57
N PHE C 266 -8.24 -15.43 -10.72
CA PHE C 266 -8.69 -16.46 -9.75
C PHE C 266 -8.25 -16.05 -8.34
N GLY C 267 -9.21 -16.01 -7.43
CA GLY C 267 -8.89 -15.85 -6.05
C GLY C 267 -8.87 -14.34 -5.69
N ALA C 268 -9.84 -13.92 -4.92
CA ALA C 268 -9.85 -12.55 -4.40
C ALA C 268 -10.71 -12.45 -3.16
N GLN C 269 -10.74 -11.27 -2.52
CA GLN C 269 -11.45 -11.12 -1.29
C GLN C 269 -11.79 -9.66 -1.08
N MET C 270 -13.07 -9.45 -0.71
CA MET C 270 -13.60 -8.06 -0.39
C MET C 270 -14.30 -8.05 0.96
N ARG C 271 -14.45 -6.88 1.59
CA ARG C 271 -15.05 -6.83 2.89
C ARG C 271 -15.94 -5.58 2.94
N PHE C 272 -17.05 -5.69 3.65
CA PHE C 272 -18.12 -4.62 3.69
C PHE C 272 -18.73 -4.52 5.06
N SER C 273 -18.82 -3.27 5.60
CA SER C 273 -19.35 -3.16 6.96
C SER C 273 -20.90 -3.17 6.83
N LEU C 274 -21.56 -3.84 7.76
CA LEU C 274 -23.04 -3.81 7.90
C LEU C 274 -23.45 -3.05 9.16
N ARG C 275 -22.51 -2.35 9.77
CA ARG C 275 -22.77 -1.64 11.02
C ARG C 275 -23.67 -0.40 11.01
N ASN C 276 -24.53 -0.30 12.02
CA ASN C 276 -25.43 0.84 12.21
C ASN C 276 -26.29 1.11 10.91
N ASN C 277 -26.89 0.01 10.51
CA ASN C 277 -27.86 -0.08 9.41
C ASN C 277 -27.30 0.07 8.00
N ARG C 278 -25.97 0.18 7.82
CA ARG C 278 -25.48 0.33 6.49
C ARG C 278 -25.72 -0.90 5.62
N LEU C 279 -25.98 -0.67 4.35
CA LEU C 279 -26.26 -1.77 3.38
C LEU C 279 -25.43 -1.54 2.18
N PRO C 280 -24.47 -2.47 1.85
CA PRO C 280 -23.55 -2.27 0.76
C PRO C 280 -24.17 -2.59 -0.62
N LEU C 281 -25.18 -1.80 -1.03
CA LEU C 281 -25.71 -1.87 -2.32
CA LEU C 281 -25.71 -1.84 -2.37
C LEU C 281 -24.93 -0.94 -3.25
N LEU C 282 -24.30 -1.50 -4.27
CA LEU C 282 -23.33 -0.70 -5.07
C LEU C 282 -23.99 0.55 -5.69
N THR C 283 -23.25 1.63 -5.67
CA THR C 283 -23.83 2.97 -6.10
C THR C 283 -23.47 3.26 -7.54
N THR C 284 -22.42 2.63 -8.09
CA THR C 284 -22.00 3.04 -9.44
C THR C 284 -22.81 2.31 -10.53
N LYS C 285 -23.59 1.32 -10.15
CA LYS C 285 -24.59 0.69 -11.05
CA LYS C 285 -24.62 0.75 -11.06
C LYS C 285 -25.74 0.26 -10.16
N ARG C 286 -26.97 0.69 -10.41
CA ARG C 286 -28.12 0.29 -9.52
C ARG C 286 -28.24 -1.25 -9.36
N VAL C 287 -28.43 -1.73 -8.16
CA VAL C 287 -28.63 -3.19 -7.92
C VAL C 287 -30.17 -3.40 -7.82
N PHE C 288 -30.62 -4.54 -8.37
CA PHE C 288 -32.07 -4.93 -8.28
C PHE C 288 -32.40 -5.52 -6.90
N TRP C 289 -32.54 -4.62 -5.91
CA TRP C 289 -32.76 -4.99 -4.55
C TRP C 289 -34.01 -5.85 -4.38
N ARG C 290 -35.09 -5.47 -5.09
CA ARG C 290 -36.32 -6.22 -4.80
C ARG C 290 -36.10 -7.73 -5.13
N GLY C 291 -35.36 -7.97 -6.21
CA GLY C 291 -34.95 -9.33 -6.69
C GLY C 291 -34.05 -9.99 -5.69
N VAL C 292 -33.08 -9.23 -5.16
CA VAL C 292 -32.20 -9.82 -4.16
C VAL C 292 -32.97 -10.28 -2.94
N CYS C 293 -33.89 -9.44 -2.45
CA CYS C 293 -34.58 -9.70 -1.26
CA CYS C 293 -34.66 -9.72 -1.23
C CYS C 293 -35.57 -10.88 -1.46
N GLU C 294 -36.33 -10.86 -2.59
CA GLU C 294 -37.26 -11.98 -2.82
C GLU C 294 -36.52 -13.33 -2.91
N GLU C 295 -35.42 -13.30 -3.66
CA GLU C 295 -34.69 -14.55 -3.85
C GLU C 295 -34.10 -15.02 -2.51
N LEU C 296 -33.54 -14.08 -1.72
CA LEU C 296 -32.98 -14.48 -0.43
C LEU C 296 -33.96 -15.12 0.47
N LEU C 297 -35.15 -14.50 0.59
CA LEU C 297 -36.15 -15.10 1.40
C LEU C 297 -36.59 -16.47 0.89
N TRP C 298 -36.66 -16.63 -0.39
CA TRP C 298 -37.00 -17.89 -1.04
C TRP C 298 -35.95 -18.97 -0.70
N PHE C 299 -34.65 -18.60 -0.76
CA PHE C 299 -33.62 -19.50 -0.16
C PHE C 299 -33.90 -19.86 1.24
N LEU C 300 -34.13 -18.89 2.13
CA LEU C 300 -34.24 -19.17 3.50
C LEU C 300 -35.41 -20.05 3.88
N ARG C 301 -36.49 -19.97 3.08
CA ARG C 301 -37.60 -20.81 3.26
C ARG C 301 -37.36 -22.21 2.79
N GLY C 302 -36.25 -22.44 2.14
CA GLY C 302 -36.08 -23.80 1.59
C GLY C 302 -36.74 -24.08 0.27
N GLU C 303 -37.05 -23.06 -0.55
CA GLU C 303 -37.93 -23.29 -1.73
C GLU C 303 -37.10 -23.82 -2.87
N THR C 304 -37.76 -24.47 -3.78
CA THR C 304 -37.10 -24.89 -5.06
C THR C 304 -37.84 -24.62 -6.36
N TYR C 305 -39.05 -24.09 -6.20
CA TYR C 305 -39.92 -23.78 -7.32
C TYR C 305 -39.54 -22.38 -7.76
N ALA C 306 -39.16 -22.23 -9.02
CA ALA C 306 -38.75 -20.89 -9.49
C ALA C 306 -39.98 -20.08 -9.88
N LYS C 307 -41.11 -20.77 -10.12
CA LYS C 307 -42.30 -19.98 -10.44
C LYS C 307 -42.70 -19.08 -9.26
N LYS C 308 -42.44 -19.45 -8.02
CA LYS C 308 -42.73 -18.49 -6.87
C LYS C 308 -42.05 -17.12 -7.03
N LEU C 309 -40.87 -17.14 -7.65
CA LEU C 309 -40.17 -15.88 -7.99
C LEU C 309 -40.66 -15.18 -9.26
N SER C 310 -40.89 -15.96 -10.34
CA SER C 310 -41.26 -15.28 -11.64
C SER C 310 -42.66 -14.68 -11.51
N ASP C 311 -43.43 -15.26 -10.60
CA ASP C 311 -44.80 -14.74 -10.32
C ASP C 311 -44.76 -13.43 -9.52
N LYS C 312 -43.57 -13.06 -9.01
CA LYS C 312 -43.40 -11.76 -8.30
C LYS C 312 -42.60 -10.86 -9.16
N GLY C 313 -42.43 -11.28 -10.37
CA GLY C 313 -41.77 -10.48 -11.36
C GLY C 313 -40.27 -10.54 -11.12
N VAL C 314 -39.81 -11.64 -10.52
CA VAL C 314 -38.35 -11.80 -10.44
C VAL C 314 -37.95 -12.91 -11.35
N HIS C 315 -37.33 -12.57 -12.47
CA HIS C 315 -37.21 -13.51 -13.62
C HIS C 315 -35.87 -14.24 -13.73
N ILE C 316 -35.04 -14.12 -12.67
CA ILE C 316 -33.63 -14.50 -12.71
C ILE C 316 -33.42 -15.98 -12.95
N TRP C 317 -34.39 -16.81 -12.63
CA TRP C 317 -34.29 -18.28 -12.73
C TRP C 317 -35.02 -18.85 -13.99
N ASP C 318 -35.63 -17.95 -14.80
CA ASP C 318 -36.51 -18.43 -15.91
C ASP C 318 -35.73 -19.30 -16.89
N ASP C 319 -34.54 -18.85 -17.29
CA ASP C 319 -33.80 -19.60 -18.32
C ASP C 319 -33.42 -20.99 -17.79
N ASN C 320 -33.10 -21.05 -16.49
CA ASN C 320 -32.61 -22.31 -15.95
C ASN C 320 -33.68 -23.24 -15.45
N GLY C 321 -34.94 -22.77 -15.50
CA GLY C 321 -36.05 -23.60 -15.18
C GLY C 321 -36.95 -24.00 -16.34
N SER C 322 -36.54 -23.69 -17.58
CA SER C 322 -37.30 -24.04 -18.72
C SER C 322 -37.29 -25.54 -18.96
N ARG C 323 -38.34 -26.03 -19.61
CA ARG C 323 -38.42 -27.44 -20.13
C ARG C 323 -37.13 -27.85 -20.85
N ALA C 324 -36.66 -26.98 -21.76
CA ALA C 324 -35.43 -27.24 -22.56
C ALA C 324 -34.18 -27.31 -21.71
N PHE C 325 -34.04 -26.36 -20.78
CA PHE C 325 -32.88 -26.40 -19.95
C PHE C 325 -32.91 -27.66 -19.04
N LEU C 326 -34.03 -27.92 -18.34
CA LEU C 326 -34.13 -29.13 -17.51
C LEU C 326 -33.87 -30.43 -18.28
N ASP C 327 -34.37 -30.50 -19.50
CA ASP C 327 -34.14 -31.71 -20.31
C ASP C 327 -32.67 -31.86 -20.67
N SER C 328 -32.00 -30.74 -20.87
CA SER C 328 -30.52 -30.76 -21.20
C SER C 328 -29.66 -31.29 -20.07
N ARG C 329 -30.08 -31.05 -18.82
CA ARG C 329 -29.52 -31.67 -17.65
C ARG C 329 -29.96 -33.09 -17.40
N GLY C 330 -30.79 -33.68 -18.23
CA GLY C 330 -31.23 -35.01 -17.87
C GLY C 330 -32.47 -35.03 -16.97
N LEU C 331 -33.00 -33.83 -16.67
CA LEU C 331 -34.00 -33.74 -15.56
C LEU C 331 -35.44 -33.80 -16.23
N THR C 332 -35.69 -34.88 -16.97
CA THR C 332 -36.91 -34.93 -17.78
C THR C 332 -38.17 -35.17 -16.96
N GLU C 333 -38.01 -35.62 -15.72
CA GLU C 333 -39.12 -35.91 -14.85
C GLU C 333 -39.55 -34.70 -14.05
N TYR C 334 -38.79 -33.62 -14.12
CA TYR C 334 -39.18 -32.43 -13.36
C TYR C 334 -40.18 -31.60 -14.13
N GLU C 335 -41.27 -31.28 -13.47
CA GLU C 335 -42.08 -30.12 -14.08
CA GLU C 335 -42.11 -30.20 -14.03
C GLU C 335 -41.32 -28.77 -14.33
N GLU C 336 -41.77 -28.03 -15.31
CA GLU C 336 -41.11 -26.80 -15.63
C GLU C 336 -41.00 -25.90 -14.34
N MET C 337 -39.83 -25.29 -14.19
CA MET C 337 -39.44 -24.40 -13.06
CA MET C 337 -39.56 -24.41 -13.02
C MET C 337 -39.24 -25.13 -11.70
N ASP C 338 -39.27 -26.44 -11.70
CA ASP C 338 -38.84 -27.21 -10.55
C ASP C 338 -37.30 -27.33 -10.75
N LEU C 339 -36.55 -26.66 -9.90
CA LEU C 339 -35.07 -26.68 -10.07
C LEU C 339 -34.37 -27.84 -9.50
N GLY C 340 -35.08 -28.71 -8.77
CA GLY C 340 -34.50 -29.73 -7.94
C GLY C 340 -33.95 -29.18 -6.60
N PRO C 341 -33.05 -29.95 -5.93
CA PRO C 341 -32.72 -29.70 -4.53
C PRO C 341 -31.62 -28.63 -4.44
N VAL C 342 -31.81 -27.49 -5.08
CA VAL C 342 -30.85 -26.40 -5.12
C VAL C 342 -30.82 -25.54 -3.89
N TYR C 343 -29.79 -24.86 -3.62
CA TYR C 343 -29.69 -23.74 -2.67
C TYR C 343 -30.44 -24.08 -1.41
N GLY C 344 -31.34 -23.17 -1.10
CA GLY C 344 -32.15 -23.24 0.12
C GLY C 344 -32.59 -24.60 0.58
N PHE C 345 -32.90 -25.43 -0.36
CA PHE C 345 -33.20 -26.85 -0.05
C PHE C 345 -32.06 -27.53 0.72
N GLN C 346 -30.82 -27.32 0.24
CA GLN C 346 -29.66 -27.88 1.01
C GLN C 346 -29.49 -27.10 2.32
N TRP C 347 -29.73 -25.78 2.33
CA TRP C 347 -29.58 -25.06 3.57
C TRP C 347 -30.46 -25.59 4.68
N ARG C 348 -31.72 -25.97 4.39
CA ARG C 348 -32.66 -26.33 5.43
C ARG C 348 -32.85 -27.86 5.49
N HIS C 349 -32.42 -28.57 4.43
CA HIS C 349 -32.66 -30.04 4.33
C HIS C 349 -31.50 -30.78 3.72
N PHE C 350 -30.26 -30.40 4.11
CA PHE C 350 -29.09 -31.03 3.45
C PHE C 350 -29.23 -32.55 3.44
N GLY C 351 -29.01 -33.11 2.28
CA GLY C 351 -28.96 -34.58 2.19
C GLY C 351 -30.30 -35.26 2.10
N ALA C 352 -31.42 -34.54 2.24
CA ALA C 352 -32.75 -35.20 2.12
C ALA C 352 -32.98 -35.71 0.70
N ALA C 353 -33.77 -36.79 0.53
CA ALA C 353 -34.06 -37.28 -0.83
C ALA C 353 -35.05 -36.28 -1.45
N TYR C 354 -34.87 -35.88 -2.71
CA TYR C 354 -35.81 -34.93 -3.30
C TYR C 354 -36.73 -35.57 -4.32
N THR C 355 -38.05 -35.39 -4.18
CA THR C 355 -38.94 -35.99 -5.17
C THR C 355 -39.40 -34.87 -6.12
N HIS C 356 -40.20 -33.92 -5.62
CA HIS C 356 -40.66 -32.79 -6.41
C HIS C 356 -40.77 -31.56 -5.52
N HIS C 357 -40.89 -30.40 -6.15
CA HIS C 357 -40.96 -29.15 -5.35
C HIS C 357 -42.31 -29.19 -4.50
N ASP C 358 -42.23 -28.52 -3.36
CA ASP C 358 -43.41 -28.32 -2.48
C ASP C 358 -44.00 -29.57 -1.85
N ALA C 359 -43.27 -30.68 -1.87
CA ALA C 359 -43.55 -31.78 -0.97
C ALA C 359 -43.34 -31.39 0.47
N ASN C 360 -43.75 -32.26 1.40
CA ASN C 360 -43.49 -31.99 2.83
C ASN C 360 -42.08 -32.53 3.17
N TYR C 361 -41.11 -31.62 3.35
CA TYR C 361 -39.74 -32.07 3.70
C TYR C 361 -39.43 -31.68 5.15
N ASP C 362 -40.46 -31.31 5.93
CA ASP C 362 -40.24 -31.13 7.39
C ASP C 362 -39.49 -32.23 8.09
N GLY C 363 -38.40 -31.84 8.70
CA GLY C 363 -37.64 -32.78 9.49
C GLY C 363 -36.76 -33.69 8.66
N GLN C 364 -36.67 -33.48 7.34
CA GLN C 364 -35.87 -34.30 6.40
CA GLN C 364 -35.80 -34.33 6.52
C GLN C 364 -34.50 -33.63 6.20
N GLY C 365 -33.40 -34.38 6.29
CA GLY C 365 -32.12 -33.70 5.93
C GLY C 365 -31.63 -32.83 7.09
N VAL C 366 -30.46 -32.15 6.93
CA VAL C 366 -29.93 -31.40 8.08
C VAL C 366 -30.40 -29.92 7.93
N ASP C 367 -30.98 -29.36 9.00
CA ASP C 367 -31.38 -27.94 8.92
C ASP C 367 -30.22 -27.09 9.47
N GLN C 368 -29.40 -26.70 8.53
CA GLN C 368 -28.09 -26.02 8.91
C GLN C 368 -28.36 -24.64 9.44
N ILE C 369 -29.39 -24.00 8.91
CA ILE C 369 -29.67 -22.59 9.35
C ILE C 369 -30.20 -22.61 10.79
N LYS C 370 -31.14 -23.52 11.04
CA LYS C 370 -31.61 -23.64 12.41
C LYS C 370 -30.56 -23.94 13.46
N ALA C 371 -29.70 -24.93 13.13
CA ALA C 371 -28.61 -25.23 14.01
C ALA C 371 -27.69 -24.07 14.28
N ILE C 372 -27.37 -23.31 13.22
CA ILE C 372 -26.39 -22.19 13.44
C ILE C 372 -27.07 -21.13 14.28
N VAL C 373 -28.36 -20.92 14.05
CA VAL C 373 -29.08 -19.88 14.89
C VAL C 373 -29.00 -20.31 16.37
N GLU C 374 -29.27 -21.60 16.67
CA GLU C 374 -29.15 -22.04 18.04
C GLU C 374 -27.71 -21.94 18.61
N THR C 375 -26.70 -22.29 17.79
CA THR C 375 -25.35 -22.10 18.29
C THR C 375 -25.02 -20.64 18.54
N LEU C 376 -25.37 -19.73 17.61
CA LEU C 376 -25.05 -18.30 17.86
C LEU C 376 -25.55 -17.78 19.24
N LYS C 377 -26.71 -18.30 19.63
CA LYS C 377 -27.40 -17.86 20.89
C LYS C 377 -26.76 -18.42 22.15
N THR C 378 -26.11 -19.58 22.04
CA THR C 378 -25.53 -20.29 23.20
C THR C 378 -24.03 -20.46 23.25
N ASN C 379 -23.40 -20.60 22.10
CA ASN C 379 -21.95 -20.70 22.04
C ASN C 379 -21.40 -19.90 20.83
N PRO C 380 -21.48 -18.57 20.86
CA PRO C 380 -21.10 -17.74 19.66
C PRO C 380 -19.63 -17.80 19.29
N ASP C 381 -18.78 -18.39 20.18
CA ASP C 381 -17.37 -18.53 19.79
C ASP C 381 -17.02 -19.79 19.03
N ASP C 382 -18.02 -20.63 18.81
CA ASP C 382 -17.93 -21.90 18.07
C ASP C 382 -17.29 -21.64 16.72
N ARG C 383 -16.43 -22.55 16.26
CA ARG C 383 -15.74 -22.38 14.98
C ARG C 383 -16.25 -23.30 13.87
N ARG C 384 -17.47 -23.79 14.02
CA ARG C 384 -18.06 -24.67 13.01
C ARG C 384 -19.43 -24.14 12.57
N MET C 385 -19.70 -22.79 12.74
CA MET C 385 -21.02 -22.31 12.29
C MET C 385 -20.93 -21.99 10.80
N LEU C 386 -21.13 -23.02 9.95
CA LEU C 386 -20.91 -22.88 8.54
CA LEU C 386 -20.93 -22.89 8.52
C LEU C 386 -22.06 -23.63 7.92
N PHE C 387 -22.58 -23.11 6.83
CA PHE C 387 -23.55 -23.89 6.05
C PHE C 387 -23.15 -23.96 4.60
N THR C 388 -23.64 -25.01 3.93
CA THR C 388 -23.22 -25.24 2.56
C THR C 388 -24.39 -25.71 1.67
N ALA C 389 -24.30 -25.39 0.37
CA ALA C 389 -25.24 -26.07 -0.59
C ALA C 389 -24.47 -26.97 -1.53
N TRP C 390 -23.15 -27.01 -1.37
CA TRP C 390 -22.34 -27.85 -2.24
C TRP C 390 -22.58 -29.27 -1.77
N ASN C 391 -23.37 -30.04 -2.50
CA ASN C 391 -23.64 -31.43 -1.99
C ASN C 391 -23.42 -32.31 -3.24
N PRO C 392 -22.20 -32.95 -3.34
CA PRO C 392 -21.90 -33.69 -4.53
C PRO C 392 -22.90 -34.80 -4.85
N SER C 393 -23.49 -35.38 -3.83
CA SER C 393 -24.48 -36.48 -4.13
C SER C 393 -25.75 -35.95 -4.81
N ALA C 394 -26.11 -34.71 -4.50
CA ALA C 394 -27.32 -34.05 -5.08
C ALA C 394 -27.09 -33.19 -6.37
N LEU C 395 -25.74 -32.87 -6.68
CA LEU C 395 -25.53 -31.99 -7.83
C LEU C 395 -26.18 -32.38 -9.15
N PRO C 396 -26.16 -33.68 -9.46
CA PRO C 396 -26.66 -34.12 -10.74
C PRO C 396 -28.23 -33.95 -10.82
N ARG C 397 -28.87 -33.80 -9.67
CA ARG C 397 -30.31 -33.61 -9.60
C ARG C 397 -30.71 -32.13 -9.58
N MET C 398 -29.72 -31.22 -9.54
CA MET C 398 -30.04 -29.79 -9.50
C MET C 398 -30.02 -29.21 -10.91
N ALA C 399 -30.84 -28.15 -11.18
CA ALA C 399 -30.79 -27.41 -12.49
C ALA C 399 -29.42 -26.85 -12.74
N LEU C 400 -28.82 -26.37 -11.71
CA LEU C 400 -27.40 -25.89 -11.69
C LEU C 400 -26.84 -26.15 -10.27
N PRO C 401 -25.50 -26.33 -10.18
CA PRO C 401 -24.74 -26.36 -8.91
C PRO C 401 -24.64 -24.96 -8.37
N PRO C 402 -24.65 -24.82 -7.06
CA PRO C 402 -24.72 -23.48 -6.51
C PRO C 402 -23.44 -22.72 -6.83
N CYS C 403 -23.54 -21.42 -6.87
CA CYS C 403 -22.42 -20.62 -7.12
CA CYS C 403 -22.37 -20.60 -7.11
C CYS C 403 -21.87 -20.02 -5.81
N HIS C 404 -22.73 -19.32 -5.10
CA HIS C 404 -22.40 -18.91 -3.73
C HIS C 404 -22.70 -20.18 -2.90
N LEU C 405 -21.67 -20.82 -2.36
CA LEU C 405 -21.87 -22.25 -1.98
C LEU C 405 -21.57 -22.56 -0.57
N LEU C 406 -21.04 -21.64 0.27
CA LEU C 406 -21.09 -21.71 1.68
C LEU C 406 -20.85 -20.37 2.30
N ALA C 407 -21.15 -20.41 3.51
CA ALA C 407 -20.87 -19.19 4.33
C ALA C 407 -20.53 -19.60 5.75
N GLN C 408 -19.76 -18.77 6.49
CA GLN C 408 -19.39 -19.12 7.83
C GLN C 408 -19.66 -17.87 8.67
N PHE C 409 -20.06 -18.06 9.92
CA PHE C 409 -20.31 -16.91 10.82
C PHE C 409 -19.21 -16.78 11.89
N TYR C 410 -19.03 -15.58 12.39
CA TYR C 410 -18.07 -15.28 13.44
C TYR C 410 -18.72 -14.20 14.32
N VAL C 411 -18.46 -14.24 15.64
CA VAL C 411 -19.03 -13.18 16.51
C VAL C 411 -17.88 -12.47 17.24
N SER C 412 -17.95 -11.16 17.32
CA SER C 412 -17.11 -10.42 18.23
C SER C 412 -17.77 -9.14 18.73
N ASN C 413 -17.64 -8.90 20.02
CA ASN C 413 -18.18 -7.63 20.60
C ASN C 413 -19.69 -7.49 20.37
N GLY C 414 -20.39 -8.63 20.40
CA GLY C 414 -21.84 -8.65 20.13
C GLY C 414 -22.25 -8.42 18.67
N GLU C 415 -21.27 -8.50 17.74
CA GLU C 415 -21.52 -8.24 16.29
C GLU C 415 -21.34 -9.52 15.48
N LEU C 416 -22.27 -9.76 14.56
CA LEU C 416 -22.23 -11.01 13.73
C LEU C 416 -21.59 -10.65 12.38
N SER C 417 -20.53 -11.41 12.02
CA SER C 417 -19.91 -11.28 10.71
C SER C 417 -20.11 -12.60 9.92
N CYS C 418 -19.97 -12.51 8.64
CA CYS C 418 -20.24 -13.63 7.75
C CYS C 418 -19.29 -13.63 6.65
N MET C 419 -18.73 -14.81 6.33
CA MET C 419 -17.90 -14.89 5.13
C MET C 419 -18.57 -15.88 4.20
N LEU C 420 -18.74 -15.43 2.96
CA LEU C 420 -19.23 -16.14 1.74
CA LEU C 420 -19.22 -16.32 1.82
C LEU C 420 -18.08 -16.65 0.83
N TYR C 421 -18.26 -17.89 0.36
CA TYR C 421 -17.38 -18.39 -0.69
C TYR C 421 -18.17 -18.57 -1.96
N GLN C 422 -17.71 -17.88 -3.05
CA GLN C 422 -18.39 -17.96 -4.35
C GLN C 422 -17.43 -18.55 -5.41
N ARG C 423 -17.75 -19.73 -5.96
CA ARG C 423 -16.85 -20.34 -6.95
C ARG C 423 -16.73 -19.57 -8.27
N SER C 424 -17.81 -18.86 -8.72
CA SER C 424 -17.82 -18.33 -10.11
C SER C 424 -18.54 -17.01 -9.98
N CYS C 425 -17.84 -15.97 -10.39
CA CYS C 425 -18.25 -14.64 -9.95
C CYS C 425 -18.30 -13.75 -11.22
N ASP C 426 -19.54 -13.44 -11.66
CA ASP C 426 -19.71 -12.49 -12.78
C ASP C 426 -19.71 -11.13 -12.19
N MET C 427 -18.66 -10.39 -12.43
CA MET C 427 -18.50 -9.11 -11.73
C MET C 427 -19.60 -8.09 -12.08
N GLY C 428 -20.05 -8.16 -13.34
CA GLY C 428 -21.04 -7.19 -13.83
C GLY C 428 -22.40 -7.23 -13.18
N LEU C 429 -23.01 -8.41 -13.13
CA LEU C 429 -24.34 -8.53 -12.52
C LEU C 429 -24.45 -9.39 -11.31
N GLY C 430 -23.77 -10.55 -11.36
CA GLY C 430 -23.87 -11.47 -10.25
C GLY C 430 -23.33 -10.93 -8.92
N VAL C 431 -22.07 -10.49 -8.95
CA VAL C 431 -21.38 -10.11 -7.71
C VAL C 431 -22.13 -9.05 -6.90
N PRO C 432 -22.49 -7.91 -7.54
CA PRO C 432 -23.19 -6.93 -6.68
C PRO C 432 -24.50 -7.47 -6.03
N PHE C 433 -25.18 -8.34 -6.78
CA PHE C 433 -26.43 -8.93 -6.32
C PHE C 433 -26.11 -9.83 -5.13
N ASN C 434 -25.01 -10.63 -5.30
N ASN C 434 -25.03 -10.64 -5.19
CA ASN C 434 -24.54 -11.55 -4.30
CA ASN C 434 -24.84 -11.45 -4.03
C ASN C 434 -24.11 -10.83 -2.99
C ASN C 434 -24.14 -10.78 -2.84
N ILE C 435 -23.37 -9.72 -3.10
CA ILE C 435 -23.05 -8.85 -1.91
C ILE C 435 -24.31 -8.50 -1.16
N ALA C 436 -25.30 -8.01 -1.87
CA ALA C 436 -26.54 -7.55 -1.22
C ALA C 436 -27.26 -8.74 -0.54
N SER C 437 -27.26 -9.84 -1.25
CA SER C 437 -27.98 -11.02 -0.72
CA SER C 437 -27.94 -11.12 -0.73
C SER C 437 -27.42 -11.50 0.66
N TYR C 438 -26.10 -11.66 0.75
CA TYR C 438 -25.42 -12.08 1.96
C TYR C 438 -25.42 -10.99 3.03
N ALA C 439 -25.41 -9.74 2.61
CA ALA C 439 -25.59 -8.64 3.61
C ALA C 439 -26.95 -8.80 4.27
N LEU C 440 -27.97 -8.99 3.44
CA LEU C 440 -29.34 -9.24 4.01
C LEU C 440 -29.37 -10.46 4.92
N LEU C 441 -28.73 -11.56 4.46
CA LEU C 441 -28.78 -12.79 5.29
C LEU C 441 -28.20 -12.53 6.66
N THR C 442 -27.04 -11.87 6.69
CA THR C 442 -26.36 -11.61 7.89
C THR C 442 -27.18 -10.73 8.82
N ILE C 443 -27.80 -9.68 8.23
CA ILE C 443 -28.71 -8.83 9.05
C ILE C 443 -29.87 -9.63 9.62
N LEU C 444 -30.45 -10.50 8.75
CA LEU C 444 -31.57 -11.30 9.36
C LEU C 444 -31.16 -12.31 10.45
N ILE C 445 -30.01 -13.01 10.23
CA ILE C 445 -29.50 -13.88 11.23
C ILE C 445 -29.11 -13.17 12.55
N ALA C 446 -28.55 -11.97 12.49
CA ALA C 446 -28.29 -11.18 13.68
C ALA C 446 -29.62 -10.90 14.42
N LYS C 447 -30.66 -10.54 13.66
CA LYS C 447 -32.01 -10.24 14.29
C LYS C 447 -32.57 -11.52 14.94
N ALA C 448 -32.32 -12.68 14.31
CA ALA C 448 -32.69 -13.97 14.90
C ALA C 448 -31.92 -14.45 16.15
N THR C 449 -30.79 -13.80 16.50
CA THR C 449 -29.88 -14.34 17.48
C THR C 449 -29.45 -13.32 18.54
N GLY C 450 -30.10 -12.16 18.63
CA GLY C 450 -29.73 -11.24 19.70
C GLY C 450 -28.45 -10.48 19.43
N LEU C 451 -28.00 -10.41 18.18
CA LEU C 451 -26.69 -9.79 17.80
C LEU C 451 -26.94 -8.59 16.89
N ARG C 452 -25.87 -7.79 16.66
CA ARG C 452 -25.98 -6.65 15.74
C ARG C 452 -25.19 -7.05 14.53
N PRO C 453 -25.58 -6.56 13.35
CA PRO C 453 -24.78 -6.90 12.15
C PRO C 453 -23.36 -6.32 12.20
N GLY C 454 -22.36 -7.12 11.82
CA GLY C 454 -20.97 -6.62 11.83
C GLY C 454 -20.43 -6.53 10.42
N GLU C 455 -19.62 -7.48 9.95
CA GLU C 455 -18.99 -7.30 8.67
C GLU C 455 -19.33 -8.45 7.71
N LEU C 456 -19.35 -8.18 6.39
CA LEU C 456 -19.43 -9.23 5.35
C LEU C 456 -18.11 -9.38 4.65
N VAL C 457 -17.62 -10.60 4.55
CA VAL C 457 -16.40 -10.89 3.81
C VAL C 457 -16.78 -11.79 2.65
N HIS C 458 -16.40 -11.41 1.43
CA HIS C 458 -16.82 -12.13 0.24
C HIS C 458 -15.52 -12.69 -0.39
N THR C 459 -15.42 -14.03 -0.47
CA THR C 459 -14.28 -14.67 -1.11
C THR C 459 -14.72 -15.15 -2.51
N LEU C 460 -13.94 -14.76 -3.51
CA LEU C 460 -14.19 -15.05 -4.91
C LEU C 460 -13.24 -16.06 -5.43
N GLY C 461 -13.78 -17.02 -6.19
CA GLY C 461 -12.94 -18.00 -6.90
C GLY C 461 -12.61 -17.49 -8.35
N ASP C 462 -13.32 -18.02 -9.37
CA ASP C 462 -13.10 -17.59 -10.73
C ASP C 462 -13.91 -16.30 -10.89
N ALA C 463 -13.23 -15.15 -10.97
CA ALA C 463 -13.90 -13.86 -11.00
C ALA C 463 -13.72 -13.28 -12.41
N HIS C 464 -14.84 -12.96 -13.06
CA HIS C 464 -14.79 -12.72 -14.53
C HIS C 464 -15.71 -11.58 -14.98
N VAL C 465 -15.37 -11.06 -16.18
CA VAL C 465 -16.16 -10.04 -16.81
C VAL C 465 -16.44 -10.64 -18.22
N TYR C 466 -17.71 -10.67 -18.62
CA TYR C 466 -18.01 -11.17 -20.01
C TYR C 466 -17.36 -10.18 -21.04
N SER C 467 -16.74 -10.73 -22.10
CA SER C 467 -16.02 -9.84 -23.03
CA SER C 467 -16.05 -9.92 -23.15
C SER C 467 -16.85 -8.71 -23.66
N ASN C 468 -18.15 -8.91 -23.87
CA ASN C 468 -19.03 -7.84 -24.35
C ASN C 468 -19.39 -6.77 -23.34
N HIS C 469 -18.96 -6.95 -22.10
CA HIS C 469 -19.28 -5.98 -21.07
C HIS C 469 -18.09 -5.14 -20.74
N VAL C 470 -17.01 -5.27 -21.53
CA VAL C 470 -15.80 -4.53 -21.23
C VAL C 470 -16.07 -3.02 -21.42
N GLU C 471 -16.65 -2.62 -22.55
CA GLU C 471 -16.82 -1.14 -22.67
C GLU C 471 -17.87 -0.53 -21.64
N PRO C 472 -19.00 -1.19 -21.38
CA PRO C 472 -19.83 -0.62 -20.26
C PRO C 472 -19.17 -0.65 -18.84
N CYS C 473 -18.40 -1.71 -18.54
CA CYS C 473 -17.62 -1.67 -17.29
C CYS C 473 -16.65 -0.53 -17.34
N ASN C 474 -16.13 -0.23 -18.51
CA ASN C 474 -15.22 0.90 -18.67
C ASN C 474 -15.94 2.20 -18.32
N GLU C 475 -17.19 2.33 -18.80
CA GLU C 475 -18.04 3.54 -18.52
C GLU C 475 -18.28 3.63 -17.00
N GLN C 476 -18.65 2.49 -16.39
CA GLN C 476 -18.88 2.42 -14.94
C GLN C 476 -17.65 2.81 -14.15
N LEU C 477 -16.50 2.35 -14.63
CA LEU C 477 -15.23 2.73 -14.01
C LEU C 477 -14.89 4.25 -13.97
N LYS C 478 -15.56 5.06 -14.77
CA LYS C 478 -15.42 6.54 -14.69
C LYS C 478 -16.06 7.11 -13.41
N ARG C 479 -16.95 6.31 -12.81
CA ARG C 479 -17.71 6.85 -11.66
C ARG C 479 -17.09 6.71 -10.33
N VAL C 480 -17.13 7.79 -9.55
CA VAL C 480 -16.60 7.80 -8.20
C VAL C 480 -17.69 7.27 -7.24
N PRO C 481 -17.44 6.14 -6.53
CA PRO C 481 -18.62 5.61 -5.74
C PRO C 481 -19.08 6.55 -4.64
N ARG C 482 -20.39 6.58 -4.41
CA ARG C 482 -20.98 7.43 -3.38
C ARG C 482 -21.33 6.60 -2.14
N ALA C 483 -21.56 7.27 -1.02
CA ALA C 483 -21.89 6.58 0.23
C ALA C 483 -23.02 5.51 -0.01
N PHE C 484 -22.88 4.42 0.74
CA PHE C 484 -23.88 3.37 0.65
C PHE C 484 -25.16 3.85 1.35
N PRO C 485 -26.29 3.21 1.00
CA PRO C 485 -27.53 3.41 1.66
C PRO C 485 -27.69 2.58 3.00
N TYR C 486 -28.90 2.56 3.50
CA TYR C 486 -29.18 1.93 4.80
C TYR C 486 -30.43 1.02 4.64
N LEU C 487 -30.54 0.05 5.56
CA LEU C 487 -31.69 -0.87 5.58
C LEU C 487 -32.40 -0.76 6.93
N VAL C 488 -33.73 -0.48 6.86
CA VAL C 488 -34.52 -0.41 8.06
C VAL C 488 -35.68 -1.40 7.92
N PHE C 489 -36.14 -1.89 9.07
CA PHE C 489 -37.32 -2.80 9.10
C PHE C 489 -38.58 -2.02 9.58
N ARG C 490 -39.55 -1.91 8.69
CA ARG C 490 -40.87 -1.27 9.01
C ARG C 490 -41.68 -2.15 9.97
N ARG C 491 -41.49 -3.45 9.94
CA ARG C 491 -42.14 -4.30 10.94
C ARG C 491 -41.37 -5.59 11.09
N GLU C 492 -41.80 -6.37 12.10
CA GLU C 492 -41.12 -7.64 12.37
C GLU C 492 -42.04 -8.85 12.16
N ARG C 493 -41.49 -10.08 12.32
CA ARG C 493 -42.28 -11.29 12.19
C ARG C 493 -42.00 -12.22 13.36
N GLU C 494 -42.96 -13.15 13.59
CA GLU C 494 -42.79 -14.13 14.62
C GLU C 494 -41.69 -15.20 14.26
N PHE C 495 -41.66 -15.54 12.97
CA PHE C 495 -40.66 -16.55 12.48
C PHE C 495 -39.80 -15.96 11.32
N LEU C 496 -38.54 -16.39 11.26
CA LEU C 496 -37.64 -15.92 10.24
C LEU C 496 -38.19 -16.15 8.86
N GLU C 497 -38.78 -17.36 8.67
CA GLU C 497 -39.42 -17.73 7.41
C GLU C 497 -40.61 -16.90 6.96
N ASP C 498 -41.17 -16.10 7.86
CA ASP C 498 -42.30 -15.25 7.53
C ASP C 498 -41.94 -13.83 7.05
N TYR C 499 -40.65 -13.51 6.96
CA TYR C 499 -40.30 -12.14 6.52
C TYR C 499 -40.66 -11.97 5.03
N GLU C 500 -41.04 -10.76 4.66
CA GLU C 500 -41.40 -10.44 3.28
C GLU C 500 -40.66 -9.19 2.83
N GLU C 501 -40.47 -9.06 1.52
CA GLU C 501 -39.74 -7.88 0.91
C GLU C 501 -40.35 -6.56 1.39
N GLY C 502 -41.70 -6.53 1.52
CA GLY C 502 -42.30 -5.27 2.07
C GLY C 502 -42.11 -5.00 3.55
N ASP C 503 -41.55 -5.92 4.36
CA ASP C 503 -41.30 -5.63 5.77
C ASP C 503 -40.02 -4.69 5.96
N MET C 504 -39.30 -4.48 4.90
CA MET C 504 -38.03 -3.71 5.03
C MET C 504 -37.90 -2.72 3.86
N GLU C 505 -37.14 -1.67 4.11
CA GLU C 505 -36.97 -0.66 3.08
C GLU C 505 -35.53 -0.10 3.04
N VAL C 506 -35.02 0.07 1.82
CA VAL C 506 -33.67 0.62 1.64
C VAL C 506 -33.95 2.13 1.58
N ILE C 507 -33.21 2.90 2.35
CA ILE C 507 -33.32 4.42 2.33
C ILE C 507 -31.99 5.03 2.00
N ASP C 508 -32.05 6.22 1.45
CA ASP C 508 -30.89 6.98 1.04
C ASP C 508 -30.03 6.26 -0.02
N TYR C 509 -30.68 5.53 -0.91
CA TYR C 509 -29.94 4.90 -1.98
C TYR C 509 -29.91 5.85 -3.21
N ALA C 510 -28.77 6.37 -3.57
CA ALA C 510 -28.65 7.40 -4.69
C ALA C 510 -27.67 6.94 -5.73
N PRO C 511 -27.96 5.86 -6.45
CA PRO C 511 -27.03 5.33 -7.39
C PRO C 511 -26.94 6.21 -8.64
N TYR C 512 -25.89 6.03 -9.37
CA TYR C 512 -25.70 6.73 -10.68
C TYR C 512 -26.75 6.19 -11.72
N PRO C 513 -26.91 6.91 -12.83
CA PRO C 513 -27.98 6.55 -13.83
C PRO C 513 -27.54 5.31 -14.60
N PRO C 514 -28.40 4.67 -15.40
CA PRO C 514 -28.00 3.49 -16.24
C PRO C 514 -26.75 3.63 -17.19
N SER D 2 -6.55 -51.84 -11.63
CA SER D 2 -7.25 -51.23 -10.46
C SER D 2 -8.12 -50.07 -10.97
N LEU D 3 -9.37 -50.38 -11.43
CA LEU D 3 -10.31 -49.42 -12.10
C LEU D 3 -10.77 -48.26 -11.20
N PHE D 4 -10.60 -48.39 -9.91
CA PHE D 4 -11.02 -47.31 -9.01
C PHE D 4 -9.93 -46.27 -8.83
N LYS D 5 -8.69 -46.63 -9.16
CA LYS D 5 -7.52 -45.69 -8.92
C LYS D 5 -7.39 -44.72 -10.10
N ILE D 6 -6.48 -43.72 -9.98
CA ILE D 6 -6.40 -42.68 -10.97
C ILE D 6 -5.05 -42.94 -11.66
N ARG D 7 -5.13 -43.32 -12.93
CA ARG D 7 -3.89 -43.64 -13.68
C ARG D 7 -3.13 -42.35 -14.03
N MET D 8 -1.83 -42.32 -13.73
CA MET D 8 -1.00 -41.20 -14.20
C MET D 8 -0.81 -41.18 -15.72
N PRO D 9 -0.86 -39.99 -16.37
CA PRO D 9 -0.59 -39.92 -17.81
C PRO D 9 0.92 -40.03 -18.12
N GLU D 10 1.25 -40.18 -19.40
CA GLU D 10 2.68 -40.44 -19.75
C GLU D 10 3.47 -39.17 -19.59
N THR D 11 2.82 -38.02 -19.49
CA THR D 11 3.51 -36.78 -19.15
C THR D 11 3.84 -36.56 -17.69
N VAL D 12 3.60 -37.55 -16.80
CA VAL D 12 3.74 -37.43 -15.33
C VAL D 12 5.00 -36.78 -14.79
N ALA D 13 6.19 -37.18 -15.34
CA ALA D 13 7.48 -36.60 -14.90
C ALA D 13 7.75 -35.19 -15.42
N GLU D 14 7.20 -34.85 -16.59
CA GLU D 14 7.43 -33.54 -17.18
C GLU D 14 6.68 -32.51 -16.36
N GLY D 15 6.96 -31.23 -16.54
CA GLY D 15 6.21 -30.30 -15.70
C GLY D 15 6.62 -30.27 -14.24
N THR D 16 7.15 -31.38 -13.70
CA THR D 16 7.83 -31.26 -12.44
C THR D 16 9.34 -31.55 -12.59
N ARG D 17 9.84 -31.71 -13.81
CA ARG D 17 11.27 -31.94 -13.98
C ARG D 17 12.05 -30.69 -13.56
N LEU D 18 13.00 -30.84 -12.65
CA LEU D 18 13.81 -29.66 -12.17
C LEU D 18 14.69 -29.20 -13.28
N ALA D 19 14.49 -27.98 -13.73
CA ALA D 19 15.26 -27.47 -14.88
C ALA D 19 16.68 -27.10 -14.42
N LEU D 20 16.74 -26.32 -13.33
CA LEU D 20 18.04 -25.73 -12.86
C LEU D 20 18.06 -25.97 -11.38
N ARG D 21 19.23 -26.36 -10.82
CA ARG D 21 19.31 -26.49 -9.38
C ARG D 21 19.60 -25.11 -8.74
N ALA D 22 19.02 -24.85 -7.58
CA ALA D 22 19.20 -23.63 -6.84
C ALA D 22 20.68 -23.56 -6.29
N PHE D 23 21.16 -22.35 -5.96
CA PHE D 23 22.56 -22.19 -5.55
C PHE D 23 22.74 -20.92 -4.70
N SER D 24 23.86 -20.85 -4.03
CA SER D 24 24.23 -19.65 -3.26
C SER D 24 25.55 -19.15 -3.77
N LEU D 25 25.90 -17.92 -3.48
CA LEU D 25 27.06 -17.31 -4.07
C LEU D 25 28.04 -16.82 -3.03
N VAL D 26 29.36 -16.97 -3.24
CA VAL D 26 30.30 -16.50 -2.19
C VAL D 26 31.32 -15.66 -2.93
N VAL D 27 31.54 -14.43 -2.42
CA VAL D 27 32.33 -13.40 -3.12
C VAL D 27 33.10 -12.53 -2.11
N ALA D 28 34.31 -12.11 -2.49
CA ALA D 28 35.08 -11.09 -1.71
C ALA D 28 35.30 -9.90 -2.60
N VAL D 29 35.09 -8.71 -2.04
CA VAL D 29 35.13 -7.48 -2.80
C VAL D 29 36.01 -6.43 -2.04
N ASP D 30 36.38 -5.35 -2.70
CA ASP D 30 37.07 -4.21 -2.06
C ASP D 30 35.98 -3.20 -1.61
N GLU D 31 36.32 -2.08 -0.95
CA GLU D 31 35.29 -1.14 -0.48
C GLU D 31 34.45 -0.54 -1.57
N HIS D 32 34.94 -0.68 -2.80
CA HIS D 32 34.30 -0.13 -3.97
C HIS D 32 33.48 -1.15 -4.77
N GLY D 33 33.41 -2.37 -4.25
CA GLY D 33 32.75 -3.47 -4.93
C GLY D 33 33.63 -4.17 -5.96
N GLY D 34 34.92 -3.80 -6.02
CA GLY D 34 35.85 -4.43 -6.99
C GLY D 34 36.17 -5.84 -6.55
N ILE D 35 36.16 -6.83 -7.44
N ILE D 35 36.21 -6.71 -7.58
CA ILE D 35 36.22 -8.22 -6.91
CA ILE D 35 36.87 -8.00 -7.53
C ILE D 35 37.58 -8.89 -7.00
C ILE D 35 38.20 -7.94 -8.34
N GLY D 36 38.18 -8.79 -8.18
N GLY D 36 39.27 -7.49 -7.69
CA GLY D 36 39.42 -9.50 -8.50
CA GLY D 36 40.62 -7.58 -8.25
C GLY D 36 39.69 -9.52 -10.00
C GLY D 36 41.23 -8.94 -7.93
N ASN D 44 44.82 -11.03 1.06
CA ASN D 44 45.10 -12.23 1.87
C ASN D 44 44.63 -12.05 3.33
N VAL D 45 43.31 -12.20 3.53
CA VAL D 45 42.72 -12.27 4.88
C VAL D 45 42.40 -13.74 5.24
N PRO D 46 43.18 -14.32 6.19
CA PRO D 46 42.96 -15.69 6.71
C PRO D 46 41.61 -15.97 7.37
N GLU D 47 41.03 -14.98 8.03
CA GLU D 47 39.72 -15.18 8.68
C GLU D 47 38.60 -15.35 7.57
N ASP D 48 38.81 -14.75 6.40
CA ASP D 48 37.85 -14.86 5.28
C ASP D 48 37.97 -16.23 4.59
N MET D 49 39.21 -16.71 4.45
CA MET D 49 39.44 -18.06 3.92
C MET D 49 38.93 -19.10 4.90
N LYS D 50 38.97 -18.85 6.18
CA LYS D 50 38.34 -19.83 7.08
C LYS D 50 36.81 -19.85 6.94
N PHE D 51 36.22 -18.65 6.97
CA PHE D 51 34.73 -18.57 6.75
C PHE D 51 34.34 -19.28 5.42
N PHE D 52 34.99 -18.95 4.31
CA PHE D 52 34.87 -19.62 3.04
C PHE D 52 34.91 -21.15 3.10
N ARG D 53 35.96 -21.68 3.73
CA ARG D 53 36.07 -23.15 3.85
C ARG D 53 34.97 -23.81 4.66
N ASP D 54 34.66 -23.25 5.79
CA ASP D 54 33.62 -23.81 6.61
C ASP D 54 32.18 -23.70 5.96
N LEU D 55 31.95 -22.55 5.31
CA LEU D 55 30.61 -22.30 4.67
C LEU D 55 30.41 -23.34 3.55
N THR D 56 31.42 -23.49 2.71
CA THR D 56 31.27 -24.25 1.45
C THR D 56 31.35 -25.76 1.78
N THR D 57 32.06 -26.09 2.88
CA THR D 57 32.25 -27.51 3.19
C THR D 57 31.21 -28.09 4.04
N LYS D 58 30.77 -27.33 5.03
CA LYS D 58 29.92 -27.97 6.06
C LYS D 58 28.47 -28.21 5.60
N LEU D 59 27.94 -29.36 6.01
CA LEU D 59 26.53 -29.75 5.78
CA LEU D 59 26.53 -29.74 5.79
C LEU D 59 25.69 -29.20 6.92
N ARG D 60 24.37 -29.16 6.72
CA ARG D 60 23.40 -28.64 7.67
CA ARG D 60 23.51 -28.61 7.73
C ARG D 60 23.26 -29.51 8.90
N GLY D 61 23.28 -30.81 8.66
CA GLY D 61 23.03 -31.82 9.71
C GLY D 61 24.11 -31.93 10.79
N LYS D 62 23.72 -32.54 11.93
CA LYS D 62 24.66 -32.78 13.06
C LYS D 62 25.87 -33.64 12.62
N ASN D 63 27.08 -33.10 12.77
CA ASN D 63 28.35 -33.88 12.59
C ASN D 63 28.33 -34.88 11.37
N VAL D 64 27.94 -34.34 10.20
CA VAL D 64 27.86 -35.17 8.98
C VAL D 64 29.16 -34.98 8.16
N LYS D 65 29.89 -36.08 7.93
CA LYS D 65 31.15 -35.96 7.16
C LYS D 65 30.77 -35.99 5.67
N PRO D 66 31.17 -34.96 4.89
CA PRO D 66 30.98 -34.92 3.41
C PRO D 66 31.40 -36.23 2.75
N SER D 67 30.58 -36.74 1.82
CA SER D 67 30.85 -37.98 1.06
C SER D 67 30.10 -37.93 -0.32
N PRO D 68 30.33 -38.89 -1.25
CA PRO D 68 29.56 -38.77 -2.50
C PRO D 68 28.03 -38.93 -2.34
N ALA D 69 27.59 -39.58 -1.25
CA ALA D 69 26.15 -39.64 -0.92
C ALA D 69 25.56 -38.33 -0.42
N LYS D 70 26.39 -37.45 0.12
CA LYS D 70 25.91 -36.18 0.73
C LYS D 70 27.07 -35.21 0.94
N ARG D 71 27.12 -34.15 0.13
CA ARG D 71 28.22 -33.14 0.23
C ARG D 71 27.77 -31.86 -0.49
N ASN D 72 28.50 -30.76 -0.32
CA ASN D 72 28.30 -29.55 -1.21
C ASN D 72 29.07 -29.54 -2.51
N ALA D 73 28.65 -28.69 -3.40
CA ALA D 73 29.31 -28.47 -4.61
C ALA D 73 29.78 -27.05 -4.67
N VAL D 74 30.94 -26.88 -5.33
CA VAL D 74 31.48 -25.58 -5.56
CA VAL D 74 31.46 -25.54 -5.59
C VAL D 74 31.62 -25.40 -7.09
N VAL D 75 31.05 -24.31 -7.65
CA VAL D 75 31.04 -24.04 -9.07
C VAL D 75 31.89 -22.83 -9.37
N MET D 76 32.84 -23.00 -10.30
CA MET D 76 33.85 -21.90 -10.52
C MET D 76 34.26 -21.81 -11.99
N GLY D 77 34.62 -20.63 -12.48
CA GLY D 77 35.13 -20.52 -13.84
C GLY D 77 36.60 -21.08 -13.87
N ARG D 78 37.05 -21.41 -15.08
CA ARG D 78 38.37 -22.00 -15.30
C ARG D 78 39.47 -21.24 -14.59
N LYS D 79 39.51 -19.93 -14.81
CA LYS D 79 40.55 -19.06 -14.19
C LYS D 79 40.54 -19.06 -12.69
N THR D 80 39.37 -19.13 -12.03
CA THR D 80 39.39 -19.34 -10.59
C THR D 80 39.99 -20.69 -10.15
N TRP D 81 39.70 -21.74 -10.93
CA TRP D 81 40.30 -23.04 -10.61
C TRP D 81 41.87 -22.89 -10.70
N ASP D 82 42.34 -22.26 -11.79
CA ASP D 82 43.82 -22.10 -12.10
C ASP D 82 44.50 -21.32 -11.01
N SER D 83 43.76 -20.36 -10.41
CA SER D 83 44.26 -19.55 -9.31
C SER D 83 44.22 -20.20 -7.95
N ILE D 84 43.53 -21.35 -7.75
CA ILE D 84 43.46 -21.98 -6.42
C ILE D 84 44.86 -22.58 -6.18
N PRO D 85 45.49 -22.31 -4.99
CA PRO D 85 46.85 -22.85 -4.68
C PRO D 85 46.89 -24.37 -4.91
N PRO D 86 47.92 -24.88 -5.64
CA PRO D 86 47.83 -26.32 -6.05
C PRO D 86 47.67 -27.29 -4.89
N LYS D 87 48.08 -26.90 -3.68
CA LYS D 87 47.84 -27.62 -2.44
C LYS D 87 46.35 -27.89 -2.11
N PHE D 88 45.49 -26.91 -2.41
CA PHE D 88 44.08 -26.94 -1.95
C PHE D 88 43.13 -27.32 -3.08
N ARG D 89 43.72 -27.94 -4.06
CA ARG D 89 43.07 -28.29 -5.27
C ARG D 89 43.05 -29.76 -5.52
N PRO D 90 41.89 -30.35 -5.79
CA PRO D 90 40.57 -29.68 -5.72
C PRO D 90 40.24 -29.35 -4.28
N LEU D 91 39.38 -28.37 -4.07
CA LEU D 91 38.97 -28.02 -2.72
C LEU D 91 38.50 -29.32 -2.11
N PRO D 92 39.06 -29.70 -0.97
CA PRO D 92 38.69 -30.99 -0.34
C PRO D 92 37.24 -31.05 0.25
N GLY D 93 36.58 -32.20 0.14
CA GLY D 93 35.32 -32.45 0.84
C GLY D 93 34.12 -31.82 0.11
N ARG D 94 34.38 -31.27 -1.09
CA ARG D 94 33.31 -30.67 -1.98
C ARG D 94 33.46 -31.20 -3.37
N LEU D 95 32.34 -31.42 -4.06
CA LEU D 95 32.42 -31.60 -5.46
C LEU D 95 32.89 -30.33 -6.15
N ASN D 96 33.91 -30.46 -7.01
CA ASN D 96 34.46 -29.28 -7.76
C ASN D 96 33.97 -29.27 -9.17
N VAL D 97 33.20 -28.21 -9.54
CA VAL D 97 32.58 -28.12 -10.83
C VAL D 97 33.21 -26.96 -11.51
N VAL D 98 33.87 -27.28 -12.64
CA VAL D 98 34.67 -26.26 -13.34
C VAL D 98 34.16 -25.95 -14.69
N LEU D 99 33.93 -24.64 -14.96
CA LEU D 99 33.40 -24.18 -16.22
C LEU D 99 34.54 -23.89 -17.16
N SER D 100 34.48 -24.49 -18.34
CA SER D 100 35.57 -24.36 -19.32
C SER D 100 35.14 -24.76 -20.71
N SER D 101 35.40 -23.91 -21.70
CA SER D 101 35.14 -24.34 -23.09
C SER D 101 36.28 -25.17 -23.62
N THR D 102 37.40 -25.19 -22.88
CA THR D 102 38.67 -25.77 -23.36
C THR D 102 39.09 -27.10 -22.67
N LEU D 103 39.07 -27.09 -21.33
CA LEU D 103 39.67 -28.14 -20.51
C LEU D 103 38.63 -29.22 -20.13
N THR D 104 38.93 -30.48 -20.39
CA THR D 104 38.03 -31.57 -20.04
C THR D 104 38.36 -32.07 -18.64
N THR D 105 37.45 -32.84 -18.05
CA THR D 105 37.66 -33.37 -16.71
C THR D 105 39.04 -34.00 -16.54
N GLN D 106 39.46 -34.77 -17.54
CA GLN D 106 40.77 -35.45 -17.51
C GLN D 106 41.92 -34.42 -17.55
N HIS D 107 41.78 -33.38 -18.37
CA HIS D 107 42.76 -32.28 -18.31
CA HIS D 107 42.69 -32.21 -18.30
C HIS D 107 42.91 -31.68 -16.90
N LEU D 108 41.81 -31.29 -16.24
CA LEU D 108 41.96 -30.75 -14.89
C LEU D 108 42.61 -31.79 -14.00
N LEU D 109 42.30 -33.07 -14.27
CA LEU D 109 42.88 -34.14 -13.46
C LEU D 109 44.40 -34.20 -13.68
N ASP D 110 44.82 -34.06 -14.94
CA ASP D 110 46.26 -34.14 -15.29
C ASP D 110 47.13 -33.09 -14.59
N GLY D 111 46.52 -31.97 -14.16
CA GLY D 111 47.21 -30.79 -13.60
C GLY D 111 47.51 -30.90 -12.11
N LEU D 112 46.81 -31.81 -11.44
CA LEU D 112 47.10 -32.13 -10.03
C LEU D 112 48.50 -32.72 -9.78
N ALA D 122 39.19 -38.41 -8.25
CA ALA D 122 38.36 -38.71 -9.44
C ALA D 122 36.86 -38.41 -9.25
N ASP D 123 36.29 -38.82 -8.12
CA ASP D 123 34.86 -38.65 -7.82
C ASP D 123 34.48 -37.15 -7.48
N SER D 124 35.48 -36.27 -7.51
CA SER D 124 35.25 -34.97 -6.94
C SER D 124 35.50 -33.81 -7.87
N ILE D 125 35.78 -34.10 -9.13
CA ILE D 125 36.03 -33.04 -10.12
C ILE D 125 35.21 -33.30 -11.38
N VAL D 126 34.53 -32.26 -11.90
CA VAL D 126 33.81 -32.36 -13.17
C VAL D 126 33.93 -31.05 -13.96
N ALA D 127 34.27 -31.17 -15.26
CA ALA D 127 34.24 -30.05 -16.18
C ALA D 127 32.92 -29.94 -16.75
N VAL D 128 32.50 -28.69 -16.91
CA VAL D 128 31.28 -28.45 -17.69
C VAL D 128 31.65 -27.52 -18.86
N ASN D 129 31.37 -27.98 -20.07
CA ASN D 129 31.51 -27.14 -21.27
C ASN D 129 30.27 -26.23 -21.42
N GLY D 130 30.22 -25.15 -20.61
CA GLY D 130 29.14 -24.16 -20.74
C GLY D 130 29.28 -23.21 -19.56
N GLY D 131 28.29 -22.32 -19.38
CA GLY D 131 28.28 -21.37 -18.30
C GLY D 131 27.63 -21.89 -17.02
N LEU D 132 27.30 -20.98 -16.10
CA LEU D 132 26.71 -21.36 -14.83
C LEU D 132 25.40 -22.08 -15.10
N GLU D 133 24.66 -21.64 -16.16
CA GLU D 133 23.32 -22.21 -16.35
C GLU D 133 23.47 -23.67 -16.73
N GLN D 134 24.53 -23.97 -17.52
CA GLN D 134 24.72 -25.39 -17.97
C GLN D 134 25.08 -26.26 -16.75
N ALA D 135 25.89 -25.68 -15.87
CA ALA D 135 26.29 -26.33 -14.64
C ALA D 135 25.05 -26.57 -13.69
N LEU D 136 24.13 -25.62 -13.62
CA LEU D 136 22.98 -25.75 -12.78
C LEU D 136 22.01 -26.76 -13.40
N ARG D 137 22.02 -26.91 -14.72
CA ARG D 137 21.23 -27.96 -15.37
C ARG D 137 21.78 -29.35 -15.00
N LEU D 138 23.11 -29.50 -15.10
CA LEU D 138 23.72 -30.79 -14.77
C LEU D 138 23.45 -31.14 -13.30
N LEU D 139 23.59 -30.14 -12.42
CA LEU D 139 23.47 -30.37 -11.03
C LEU D 139 21.99 -30.71 -10.65
N ALA D 140 21.06 -30.36 -11.52
CA ALA D 140 19.63 -30.72 -11.27
C ALA D 140 19.36 -32.19 -11.60
N SER D 141 20.27 -32.85 -12.32
CA SER D 141 20.04 -34.25 -12.71
C SER D 141 20.08 -35.22 -11.49
N PRO D 142 19.49 -36.43 -11.63
CA PRO D 142 19.40 -37.36 -10.48
C PRO D 142 20.73 -37.80 -9.90
N ASN D 143 21.83 -37.77 -10.66
CA ASN D 143 23.15 -38.08 -10.02
C ASN D 143 23.63 -37.05 -8.98
N TYR D 144 23.15 -35.80 -9.10
CA TYR D 144 23.60 -34.72 -8.20
C TYR D 144 22.52 -34.16 -7.27
N THR D 145 21.24 -34.35 -7.60
CA THR D 145 20.10 -33.91 -6.74
C THR D 145 19.33 -35.19 -6.35
N PRO D 146 19.17 -35.48 -5.05
CA PRO D 146 19.42 -34.56 -3.92
C PRO D 146 20.76 -34.75 -3.26
N SER D 147 21.65 -35.61 -3.80
CA SER D 147 22.92 -35.85 -3.04
C SER D 147 23.78 -34.58 -2.79
N ILE D 148 23.87 -33.64 -3.73
CA ILE D 148 24.49 -32.34 -3.36
C ILE D 148 23.54 -31.48 -2.53
N GLU D 149 23.94 -31.06 -1.33
CA GLU D 149 23.00 -30.46 -0.40
C GLU D 149 22.91 -28.96 -0.76
N THR D 150 24.06 -28.28 -0.88
CA THR D 150 24.07 -26.87 -1.35
C THR D 150 25.10 -26.66 -2.46
N VAL D 151 24.76 -25.91 -3.48
CA VAL D 151 25.65 -25.56 -4.56
C VAL D 151 26.11 -24.15 -4.27
N TYR D 152 27.42 -23.93 -4.24
CA TYR D 152 28.00 -22.56 -4.10
C TYR D 152 28.69 -22.14 -5.29
N CYS D 153 28.37 -20.95 -5.81
CA CYS D 153 29.07 -20.45 -6.96
C CYS D 153 30.19 -19.51 -6.45
N ILE D 154 31.43 -19.81 -6.84
CA ILE D 154 32.55 -19.03 -6.29
C ILE D 154 33.30 -18.18 -7.32
N GLY D 155 32.62 -17.78 -8.36
CA GLY D 155 33.18 -16.82 -9.36
C GLY D 155 33.91 -17.52 -10.49
N GLY D 156 34.60 -16.76 -11.35
CA GLY D 156 34.79 -15.29 -11.16
C GLY D 156 33.79 -14.36 -11.83
N GLY D 157 34.28 -13.24 -12.39
CA GLY D 157 33.41 -12.12 -12.73
C GLY D 157 32.42 -12.45 -13.78
N SER D 158 32.84 -13.25 -14.75
CA SER D 158 31.96 -13.63 -15.79
C SER D 158 30.90 -14.61 -15.22
N VAL D 159 31.30 -15.44 -14.25
CA VAL D 159 30.32 -16.39 -13.62
C VAL D 159 29.34 -15.63 -12.68
N TYR D 160 29.82 -14.66 -11.95
CA TYR D 160 28.97 -13.84 -11.11
C TYR D 160 27.93 -13.04 -11.92
N ALA D 161 28.31 -12.54 -13.09
CA ALA D 161 27.46 -11.72 -13.89
C ALA D 161 26.29 -12.59 -14.40
N GLU D 162 26.64 -13.82 -14.69
CA GLU D 162 25.66 -14.75 -15.15
C GLU D 162 24.76 -15.15 -13.95
N ALA D 163 25.31 -15.25 -12.74
CA ALA D 163 24.51 -15.60 -11.57
C ALA D 163 23.52 -14.49 -11.24
N LEU D 164 23.88 -13.26 -11.57
CA LEU D 164 23.07 -12.12 -11.20
C LEU D 164 22.05 -11.59 -12.19
N ARG D 165 21.76 -12.34 -13.24
CA ARG D 165 20.80 -11.99 -14.22
C ARG D 165 19.97 -13.22 -14.48
N PRO D 166 18.75 -13.04 -15.04
CA PRO D 166 17.92 -14.22 -15.35
C PRO D 166 18.55 -15.07 -16.47
N PRO D 167 18.32 -16.37 -16.49
CA PRO D 167 17.50 -17.12 -15.60
C PRO D 167 18.13 -17.50 -14.29
N CYS D 168 19.49 -17.46 -14.18
CA CYS D 168 20.13 -17.97 -12.95
C CYS D 168 19.71 -17.23 -11.68
N VAL D 169 19.52 -15.91 -11.79
CA VAL D 169 19.32 -15.17 -10.57
C VAL D 169 18.06 -15.63 -9.81
N HIS D 170 17.15 -16.25 -10.53
CA HIS D 170 15.88 -16.67 -9.87
C HIS D 170 16.11 -17.97 -9.07
N LEU D 171 17.32 -18.58 -9.21
CA LEU D 171 17.68 -19.77 -8.44
C LEU D 171 18.69 -19.42 -7.31
N LEU D 172 19.03 -18.12 -7.18
CA LEU D 172 20.03 -17.68 -6.20
C LEU D 172 19.40 -17.46 -4.84
N GLN D 173 19.70 -18.37 -3.90
CA GLN D 173 19.05 -18.33 -2.57
C GLN D 173 19.71 -17.34 -1.59
N ALA D 174 21.02 -17.14 -1.79
CA ALA D 174 21.77 -16.26 -0.77
C ALA D 174 23.06 -15.82 -1.37
N ILE D 175 23.51 -14.65 -0.89
CA ILE D 175 24.75 -14.05 -1.41
C ILE D 175 25.57 -13.77 -0.11
N TYR D 176 26.80 -14.37 -0.10
CA TYR D 176 27.64 -14.20 1.12
C TYR D 176 28.77 -13.31 0.59
N ARG D 177 28.84 -12.05 1.06
CA ARG D 177 29.80 -11.11 0.50
C ARG D 177 30.73 -10.69 1.64
N THR D 178 32.06 -10.84 1.40
CA THR D 178 33.07 -10.29 2.32
C THR D 178 33.64 -9.03 1.66
N THR D 179 33.70 -7.92 2.43
CA THR D 179 34.25 -6.65 1.97
C THR D 179 35.59 -6.45 2.74
N ILE D 180 36.62 -6.15 1.97
CA ILE D 180 38.00 -6.07 2.49
C ILE D 180 38.47 -4.66 2.11
N ARG D 181 38.87 -3.87 3.09
CA ARG D 181 39.25 -2.45 2.81
C ARG D 181 40.54 -2.28 1.99
N VAL D 189 36.57 -4.58 -12.87
CA VAL D 189 35.37 -5.45 -12.79
C VAL D 189 34.69 -5.32 -11.41
N PHE D 190 33.38 -5.06 -11.40
CA PHE D 190 32.70 -4.81 -10.13
C PHE D 190 31.62 -5.85 -9.83
N PHE D 191 31.40 -6.14 -8.55
CA PHE D 191 30.33 -7.01 -8.13
C PHE D 191 29.22 -6.11 -7.61
N ARG D 192 28.12 -6.19 -8.30
CA ARG D 192 27.01 -5.21 -8.05
C ARG D 192 25.66 -5.96 -8.03
N VAL D 193 25.05 -5.96 -6.86
CA VAL D 193 23.75 -6.57 -6.73
C VAL D 193 22.65 -5.62 -7.12
N PRO D 194 21.76 -6.10 -7.96
CA PRO D 194 20.78 -5.26 -8.59
C PRO D 194 19.96 -4.56 -7.54
N GLU D 195 19.73 -3.30 -7.74
CA GLU D 195 19.02 -2.55 -6.74
C GLU D 195 17.52 -2.73 -6.89
N SER D 196 16.81 -2.61 -5.77
CA SER D 196 15.39 -2.89 -5.72
C SER D 196 14.57 -1.97 -6.66
N GLY D 197 13.66 -2.59 -7.41
CA GLY D 197 12.72 -1.90 -8.31
C GLY D 197 13.36 -1.59 -9.67
N THR D 198 14.65 -1.91 -9.87
CA THR D 198 15.26 -1.65 -11.19
C THR D 198 15.00 -2.76 -12.18
N GLU D 199 15.17 -2.47 -13.48
CA GLU D 199 15.00 -3.51 -14.50
C GLU D 199 15.96 -4.66 -14.29
N ALA D 200 17.21 -4.34 -13.88
CA ALA D 200 18.21 -5.36 -13.82
C ALA D 200 17.84 -6.34 -12.67
N ALA D 201 17.15 -5.88 -11.64
CA ALA D 201 16.76 -6.77 -10.51
C ALA D 201 15.74 -7.85 -10.84
N ALA D 202 15.09 -7.77 -11.99
CA ALA D 202 14.12 -8.78 -12.50
C ALA D 202 13.02 -9.11 -11.43
N GLY D 203 12.57 -8.10 -10.66
CA GLY D 203 11.56 -8.27 -9.67
C GLY D 203 12.01 -8.73 -8.27
N ILE D 204 13.33 -9.02 -8.09
CA ILE D 204 13.85 -9.49 -6.80
C ILE D 204 14.26 -8.27 -5.97
N GLU D 205 14.01 -8.30 -4.69
CA GLU D 205 14.41 -7.24 -3.79
C GLU D 205 15.41 -7.85 -2.82
N TRP D 206 16.68 -7.59 -3.12
CA TRP D 206 17.81 -8.10 -2.29
C TRP D 206 17.85 -7.40 -0.96
N GLN D 207 17.95 -8.15 0.13
CA GLN D 207 18.08 -7.50 1.47
C GLN D 207 19.10 -8.20 2.40
N ARG D 208 19.68 -7.48 3.34
CA ARG D 208 20.59 -8.13 4.21
C ARG D 208 19.88 -8.88 5.27
N GLU D 209 20.19 -10.16 5.42
CA GLU D 209 19.78 -10.88 6.63
C GLU D 209 20.77 -10.49 7.80
N THR D 210 22.06 -10.45 7.47
CA THR D 210 23.11 -10.15 8.47
C THR D 210 24.23 -9.26 7.90
N ILE D 211 24.86 -8.53 8.80
CA ILE D 211 26.03 -7.70 8.44
C ILE D 211 26.86 -7.75 9.81
N SER D 212 28.17 -8.08 9.73
CA SER D 212 29.03 -8.11 10.92
C SER D 212 29.48 -6.69 11.29
N GLU D 213 29.99 -6.52 12.53
CA GLU D 213 30.82 -5.36 12.88
C GLU D 213 32.03 -5.32 11.97
N GLU D 214 32.72 -4.19 11.98
CA GLU D 214 33.94 -4.04 11.21
C GLU D 214 34.90 -4.99 11.93
N LEU D 215 35.80 -5.61 11.17
CA LEU D 215 36.74 -6.56 11.75
C LEU D 215 38.16 -6.22 11.34
N THR D 216 39.13 -6.66 12.16
CA THR D 216 40.59 -6.46 11.89
C THR D 216 41.32 -7.79 11.72
N SER D 217 41.92 -8.02 10.55
CA SER D 217 42.65 -9.30 10.29
C SER D 217 43.92 -9.39 11.16
N ALA D 218 44.26 -10.62 11.59
CA ALA D 218 45.55 -10.92 12.23
C ALA D 218 46.61 -11.25 11.21
N ASN D 219 46.47 -10.75 9.99
CA ASN D 219 47.44 -11.02 8.93
C ASN D 219 48.74 -10.19 8.93
N GLY D 220 48.86 -9.25 9.86
CA GLY D 220 50.06 -8.41 9.95
C GLY D 220 49.86 -7.05 9.30
N ASN D 221 48.86 -7.02 8.43
CA ASN D 221 48.58 -5.78 7.74
C ASN D 221 47.42 -5.04 8.41
N GLU D 222 46.92 -5.59 9.52
CA GLU D 222 45.75 -5.05 10.21
C GLU D 222 44.59 -4.67 9.25
N THR D 223 44.39 -5.46 8.17
CA THR D 223 43.39 -5.07 7.15
C THR D 223 41.95 -5.09 7.74
N LYS D 224 41.17 -4.11 7.31
CA LYS D 224 39.78 -4.05 7.79
C LYS D 224 38.88 -4.80 6.78
N TYR D 225 37.99 -5.59 7.33
CA TYR D 225 37.00 -6.36 6.51
C TYR D 225 35.69 -6.54 7.30
N TYR D 226 34.61 -6.93 6.59
CA TYR D 226 33.31 -7.23 7.30
C TYR D 226 32.53 -8.21 6.37
N PHE D 227 31.54 -8.88 6.96
CA PHE D 227 30.76 -9.94 6.22
C PHE D 227 29.28 -9.43 6.06
N GLU D 228 28.63 -9.86 4.97
CA GLU D 228 27.14 -9.66 4.86
C GLU D 228 26.61 -10.97 4.29
N LYS D 229 25.35 -11.26 4.67
CA LYS D 229 24.63 -12.33 3.93
C LYS D 229 23.29 -11.64 3.40
N LEU D 230 23.10 -11.68 2.06
CA LEU D 230 21.94 -11.02 1.41
C LEU D 230 21.05 -12.17 1.04
N ILE D 231 19.75 -11.92 1.10
CA ILE D 231 18.75 -12.95 0.65
C ILE D 231 17.63 -12.23 -0.13
N PRO D 232 16.89 -12.96 -0.99
CA PRO D 232 15.86 -12.30 -1.84
C PRO D 232 14.60 -12.23 -1.01
N ARG D 233 14.10 -11.00 -0.86
CA ARG D 233 12.89 -10.76 -0.06
C ARG D 233 11.80 -11.79 -0.34
N ASN D 234 11.25 -12.39 0.71
CA ASN D 234 10.20 -13.39 0.49
C ASN D 234 8.86 -12.73 0.98
N ARG D 235 8.27 -12.00 0.06
CA ARG D 235 6.93 -11.34 0.38
C ARG D 235 5.82 -12.38 0.68
N GLU D 236 5.98 -13.63 0.19
CA GLU D 236 4.95 -14.63 0.43
C GLU D 236 4.91 -15.05 1.88
N GLU D 237 6.07 -15.29 2.46
CA GLU D 237 6.06 -15.68 3.86
C GLU D 237 5.78 -14.43 4.72
N GLU D 238 6.16 -13.26 4.22
CA GLU D 238 5.87 -12.02 4.92
C GLU D 238 4.36 -11.94 5.16
N GLN D 239 3.57 -12.33 4.16
CA GLN D 239 2.05 -12.31 4.30
C GLN D 239 1.61 -13.00 5.55
N TYR D 240 2.14 -14.24 5.74
CA TYR D 240 1.84 -14.98 6.90
C TYR D 240 2.28 -14.22 8.15
N LEU D 241 3.54 -13.75 8.12
CA LEU D 241 4.02 -13.12 9.33
C LEU D 241 3.21 -11.82 9.68
N SER D 242 2.91 -11.05 8.67
CA SER D 242 1.99 -9.83 8.86
C SER D 242 0.70 -10.21 9.53
N LEU D 243 0.11 -11.33 9.11
CA LEU D 243 -1.16 -11.75 9.69
CA LEU D 243 -1.18 -11.73 9.71
C LEU D 243 -0.98 -12.18 11.17
N VAL D 244 0.12 -12.95 11.46
CA VAL D 244 0.39 -13.34 12.85
C VAL D 244 0.53 -12.05 13.73
N ASP D 245 1.29 -11.10 13.22
CA ASP D 245 1.53 -9.83 14.00
C ASP D 245 0.21 -9.08 14.24
N ARG D 246 -0.62 -9.05 13.21
CA ARG D 246 -1.93 -8.42 13.26
C ARG D 246 -2.82 -9.13 14.28
N ILE D 247 -2.82 -10.47 14.29
CA ILE D 247 -3.67 -11.16 15.26
C ILE D 247 -3.21 -10.85 16.70
N ILE D 248 -1.88 -10.81 16.91
CA ILE D 248 -1.38 -10.56 18.30
C ILE D 248 -1.73 -9.11 18.70
N ARG D 249 -1.41 -8.16 17.83
CA ARG D 249 -1.60 -6.73 18.11
C ARG D 249 -3.01 -6.19 17.94
N GLU D 250 -3.94 -7.02 17.51
CA GLU D 250 -5.29 -6.52 17.31
C GLU D 250 -6.39 -7.57 17.37
N GLY D 251 -6.03 -8.85 17.41
CA GLY D 251 -7.10 -9.85 17.45
C GLY D 251 -7.99 -9.82 18.75
N ASN D 252 -9.19 -10.38 18.67
CA ASN D 252 -10.09 -10.48 19.86
C ASN D 252 -9.66 -11.64 20.73
N VAL D 253 -9.67 -11.47 22.08
CA VAL D 253 -9.28 -12.58 23.00
C VAL D 253 -10.57 -13.34 23.26
N LYS D 254 -10.53 -14.65 23.09
CA LYS D 254 -11.64 -15.45 23.58
C LYS D 254 -11.13 -16.61 24.43
N HIS D 255 -11.90 -17.06 25.46
CA HIS D 255 -11.53 -18.32 26.14
C HIS D 255 -12.60 -19.35 25.91
N ASP D 256 -12.24 -20.61 25.60
CA ASP D 256 -13.25 -21.68 25.30
C ASP D 256 -13.82 -22.36 26.55
N THR D 258 -13.66 -24.83 28.56
CA THR D 258 -12.48 -25.37 29.30
C THR D 258 -11.30 -24.41 29.56
N GLY D 259 -11.45 -23.10 29.29
CA GLY D 259 -10.43 -22.08 29.61
C GLY D 259 -9.27 -21.73 28.65
N VAL D 260 -9.12 -22.46 27.54
CA VAL D 260 -7.97 -22.19 26.60
C VAL D 260 -8.15 -20.88 25.84
N GLY D 261 -7.13 -20.02 25.89
CA GLY D 261 -7.28 -18.71 25.34
C GLY D 261 -6.76 -18.60 23.92
N THR D 262 -7.38 -17.71 23.14
CA THR D 262 -7.00 -17.49 21.75
C THR D 262 -7.17 -16.02 21.36
N LEU D 263 -6.34 -15.56 20.43
CA LEU D 263 -6.45 -14.20 19.89
CA LEU D 263 -6.47 -14.20 19.90
C LEU D 263 -6.87 -14.47 18.44
N SER D 264 -7.91 -13.80 17.95
CA SER D 264 -8.44 -14.10 16.59
CA SER D 264 -8.48 -14.12 16.61
C SER D 264 -8.84 -12.91 15.74
N ILE D 265 -8.73 -13.09 14.43
CA ILE D 265 -9.37 -12.20 13.45
C ILE D 265 -10.21 -13.11 12.54
N PHE D 266 -11.06 -12.48 11.74
CA PHE D 266 -11.90 -13.31 10.82
C PHE D 266 -11.73 -12.85 9.40
N GLY D 267 -11.45 -13.80 8.48
CA GLY D 267 -11.35 -13.55 7.05
C GLY D 267 -10.01 -12.98 6.56
N ALA D 268 -9.27 -13.82 5.87
CA ALA D 268 -8.04 -13.37 5.29
C ALA D 268 -7.72 -14.22 4.10
N GLN D 269 -6.67 -13.83 3.37
CA GLN D 269 -6.24 -14.60 2.14
C GLN D 269 -4.77 -14.38 1.87
N MET D 270 -4.09 -15.48 1.51
CA MET D 270 -2.66 -15.45 1.19
C MET D 270 -2.44 -16.20 -0.13
N ARG D 271 -1.39 -15.87 -0.87
CA ARG D 271 -1.13 -16.56 -2.14
C ARG D 271 0.31 -17.03 -2.19
N PHE D 272 0.53 -18.20 -2.80
CA PHE D 272 1.94 -18.77 -2.91
C PHE D 272 2.19 -19.35 -4.26
N SER D 273 3.37 -19.10 -4.81
CA SER D 273 3.67 -19.56 -6.18
C SER D 273 4.25 -21.00 -6.06
N LEU D 274 3.82 -21.94 -6.89
CA LEU D 274 4.35 -23.31 -6.88
C LEU D 274 5.12 -23.46 -8.22
N ARG D 275 5.42 -22.35 -8.87
CA ARG D 275 6.06 -22.41 -10.19
C ARG D 275 7.54 -22.81 -10.28
N ASN D 276 7.86 -23.74 -11.18
CA ASN D 276 9.28 -24.13 -11.36
C ASN D 276 9.87 -24.73 -10.07
N ASN D 277 9.09 -25.65 -9.55
CA ASN D 277 9.43 -26.53 -8.42
C ASN D 277 9.46 -25.86 -7.08
N ARG D 278 9.16 -24.57 -6.98
CA ARG D 278 9.15 -23.93 -5.66
C ARG D 278 8.09 -24.52 -4.71
N LEU D 279 8.45 -24.76 -3.45
CA LEU D 279 7.55 -25.32 -2.44
C LEU D 279 7.47 -24.39 -1.27
N PRO D 280 6.28 -23.85 -0.95
CA PRO D 280 6.20 -22.82 0.09
C PRO D 280 6.18 -23.41 1.52
N LEU D 281 7.34 -24.03 1.93
CA LEU D 281 7.50 -24.56 3.26
CA LEU D 281 7.51 -24.55 3.25
C LEU D 281 8.11 -23.40 4.02
N LEU D 282 7.41 -22.95 5.06
CA LEU D 282 7.89 -21.72 5.72
C LEU D 282 9.36 -21.85 6.29
N THR D 283 10.06 -20.75 6.29
CA THR D 283 11.51 -20.79 6.66
C THR D 283 11.72 -20.27 8.09
N THR D 284 10.79 -19.46 8.61
CA THR D 284 11.07 -18.83 9.93
C THR D 284 10.77 -19.80 11.11
N LYS D 285 10.11 -20.95 10.80
CA LYS D 285 9.98 -22.03 11.77
C LYS D 285 9.85 -23.32 10.91
N ARG D 286 10.68 -24.33 11.16
CA ARG D 286 10.63 -25.56 10.39
C ARG D 286 9.25 -26.25 10.36
N VAL D 287 8.87 -26.72 9.20
CA VAL D 287 7.57 -27.39 9.03
C VAL D 287 7.92 -28.90 8.93
N PHE D 288 7.11 -29.69 9.58
CA PHE D 288 7.29 -31.17 9.61
C PHE D 288 6.80 -31.77 8.28
N TRP D 289 7.60 -31.56 7.23
CA TRP D 289 7.25 -31.99 5.89
C TRP D 289 6.89 -33.52 5.83
N ARG D 290 7.69 -34.38 6.51
CA ARG D 290 7.44 -35.86 6.30
C ARG D 290 5.95 -36.14 6.75
N GLY D 291 5.54 -35.41 7.80
CA GLY D 291 4.19 -35.51 8.39
C GLY D 291 3.12 -34.97 7.40
N VAL D 292 3.41 -33.81 6.79
CA VAL D 292 2.53 -33.22 5.79
C VAL D 292 2.34 -34.22 4.65
N CYS D 293 3.46 -34.76 4.16
CA CYS D 293 3.44 -35.71 3.06
C CYS D 293 2.64 -36.97 3.37
N GLU D 294 2.98 -37.64 4.47
CA GLU D 294 2.26 -38.91 4.87
C GLU D 294 0.76 -38.62 4.98
N GLU D 295 0.42 -37.54 5.69
CA GLU D 295 -1.00 -37.30 5.85
C GLU D 295 -1.71 -37.00 4.53
N LEU D 296 -1.04 -36.22 3.68
CA LEU D 296 -1.58 -35.85 2.39
C LEU D 296 -1.93 -37.07 1.54
N LEU D 297 -1.02 -38.03 1.47
CA LEU D 297 -1.29 -39.21 0.69
C LEU D 297 -2.37 -40.08 1.35
N TRP D 298 -2.47 -40.02 2.65
CA TRP D 298 -3.44 -40.76 3.42
C TRP D 298 -4.81 -40.19 3.05
N PHE D 299 -4.94 -38.88 3.02
CA PHE D 299 -6.21 -38.28 2.54
C PHE D 299 -6.49 -38.78 1.14
N LEU D 300 -5.51 -38.66 0.22
CA LEU D 300 -5.78 -38.99 -1.18
C LEU D 300 -6.24 -40.42 -1.38
N ARG D 301 -5.72 -41.29 -0.51
CA ARG D 301 -6.13 -42.68 -0.55
C ARG D 301 -7.55 -42.94 -0.06
N GLY D 302 -8.15 -41.93 0.56
CA GLY D 302 -9.43 -42.15 1.15
C GLY D 302 -9.36 -42.80 2.51
N GLU D 303 -8.21 -42.75 3.21
CA GLU D 303 -8.10 -43.50 4.48
C GLU D 303 -8.81 -42.81 5.62
N THR D 304 -9.08 -43.59 6.63
CA THR D 304 -9.72 -43.04 7.85
C THR D 304 -9.13 -43.57 9.14
N TYR D 305 -8.16 -44.54 9.08
CA TYR D 305 -7.64 -45.16 10.28
C TYR D 305 -6.33 -44.48 10.66
N ALA D 306 -6.34 -43.76 11.77
CA ALA D 306 -5.23 -42.90 12.12
C ALA D 306 -3.98 -43.68 12.50
N LYS D 307 -4.18 -44.96 12.85
CA LYS D 307 -3.03 -45.80 13.23
C LYS D 307 -2.06 -45.97 12.07
N LYS D 308 -2.57 -45.87 10.85
CA LYS D 308 -1.68 -45.87 9.59
C LYS D 308 -0.60 -44.78 9.65
N LEU D 309 -0.98 -43.68 10.24
CA LEU D 309 -0.11 -42.55 10.45
C LEU D 309 0.79 -42.66 11.69
N SER D 310 0.21 -43.01 12.82
CA SER D 310 1.02 -43.07 14.10
C SER D 310 2.04 -44.20 13.98
N ASP D 311 1.70 -45.22 13.21
CA ASP D 311 2.64 -46.30 12.94
C ASP D 311 3.91 -45.75 12.27
N LYS D 312 3.75 -44.81 11.33
CA LYS D 312 4.88 -44.21 10.62
C LYS D 312 5.42 -43.02 11.36
N GLY D 313 5.11 -42.90 12.64
CA GLY D 313 5.70 -41.86 13.51
C GLY D 313 5.09 -40.49 13.26
N VAL D 314 3.86 -40.51 12.73
CA VAL D 314 3.18 -39.23 12.53
C VAL D 314 1.97 -39.20 13.44
N HIS D 315 2.08 -38.42 14.52
CA HIS D 315 1.24 -38.55 15.72
C HIS D 315 0.15 -37.51 15.87
N ILE D 316 -0.06 -36.77 14.79
CA ILE D 316 -0.96 -35.57 14.76
C ILE D 316 -2.42 -35.87 15.01
N TRP D 317 -2.83 -37.10 14.80
CA TRP D 317 -4.19 -37.51 15.04
C TRP D 317 -4.38 -38.34 16.33
N ASP D 318 -3.30 -38.52 17.08
CA ASP D 318 -3.32 -39.33 18.31
C ASP D 318 -4.34 -38.91 19.35
N ASP D 319 -4.47 -37.61 19.57
CA ASP D 319 -5.42 -37.11 20.58
C ASP D 319 -6.91 -37.27 20.13
N ASN D 320 -7.15 -37.23 18.83
CA ASN D 320 -8.53 -37.21 18.35
C ASN D 320 -9.02 -38.59 17.94
N GLY D 321 -8.15 -39.60 18.06
CA GLY D 321 -8.56 -40.98 17.80
C GLY D 321 -8.55 -41.85 19.04
N SER D 322 -8.33 -41.23 20.21
CA SER D 322 -8.29 -42.00 21.45
C SER D 322 -9.69 -42.46 21.84
N ARG D 323 -9.76 -43.51 22.64
CA ARG D 323 -11.05 -44.03 23.12
C ARG D 323 -11.82 -42.98 23.92
N ALA D 324 -11.10 -42.10 24.62
CA ALA D 324 -11.73 -41.03 25.44
C ALA D 324 -12.30 -39.97 24.49
N PHE D 325 -11.49 -39.57 23.49
CA PHE D 325 -11.96 -38.54 22.62
C PHE D 325 -13.15 -39.05 21.81
N LEU D 326 -13.08 -40.28 21.29
CA LEU D 326 -14.15 -40.82 20.47
C LEU D 326 -15.41 -40.98 21.30
N ASP D 327 -15.23 -41.37 22.55
CA ASP D 327 -16.39 -41.52 23.43
C ASP D 327 -17.01 -40.16 23.70
N SER D 328 -16.20 -39.11 23.84
CA SER D 328 -16.76 -37.72 24.06
C SER D 328 -17.63 -37.24 22.89
N ARG D 329 -17.40 -37.82 21.69
CA ARG D 329 -18.16 -37.50 20.50
C ARG D 329 -19.33 -38.41 20.32
N GLY D 330 -19.59 -39.33 21.25
CA GLY D 330 -20.68 -40.25 21.00
C GLY D 330 -20.28 -41.47 20.20
N LEU D 331 -19.01 -41.59 19.86
CA LEU D 331 -18.65 -42.57 18.80
C LEU D 331 -18.14 -43.84 19.55
N THR D 332 -19.02 -44.44 20.35
CA THR D 332 -18.56 -45.47 21.31
C THR D 332 -18.29 -46.77 20.60
N GLU D 333 -18.91 -46.94 19.44
CA GLU D 333 -18.75 -48.19 18.67
C GLU D 333 -17.55 -48.17 17.70
N TYR D 334 -16.84 -47.05 17.55
CA TYR D 334 -15.63 -47.08 16.73
C TYR D 334 -14.50 -47.67 17.53
N GLU D 335 -13.72 -48.58 16.93
N GLU D 335 -13.70 -48.54 16.88
CA GLU D 335 -12.45 -48.94 17.57
CA GLU D 335 -12.39 -48.89 17.41
C GLU D 335 -11.49 -47.77 17.61
C GLU D 335 -11.44 -47.70 17.57
N GLU D 336 -10.54 -47.81 18.54
CA GLU D 336 -9.58 -46.72 18.74
C GLU D 336 -8.84 -46.41 17.43
N MET D 337 -8.65 -45.13 17.21
CA MET D 337 -8.09 -44.61 15.96
C MET D 337 -8.94 -44.67 14.68
N ASP D 338 -10.14 -45.19 14.75
CA ASP D 338 -11.01 -45.16 13.60
C ASP D 338 -11.68 -43.76 13.67
N LEU D 339 -11.34 -42.86 12.73
CA LEU D 339 -11.84 -41.43 12.90
C LEU D 339 -13.25 -41.24 12.30
N GLY D 340 -13.87 -42.28 11.70
CA GLY D 340 -15.13 -42.17 11.00
C GLY D 340 -14.85 -41.53 9.59
N PRO D 341 -15.88 -41.01 8.92
CA PRO D 341 -15.83 -40.75 7.45
C PRO D 341 -15.23 -39.35 7.23
N VAL D 342 -14.04 -39.06 7.78
CA VAL D 342 -13.39 -37.73 7.64
C VAL D 342 -12.52 -37.44 6.40
N TYR D 343 -12.29 -36.17 6.08
CA TYR D 343 -11.34 -35.91 5.04
C TYR D 343 -11.45 -36.78 3.80
N GLY D 344 -10.32 -37.44 3.53
CA GLY D 344 -10.13 -38.26 2.36
C GLY D 344 -11.31 -39.14 2.06
N PHE D 345 -11.98 -39.64 3.08
CA PHE D 345 -13.16 -40.47 2.78
C PHE D 345 -14.21 -39.67 2.07
N GLN D 346 -14.45 -38.42 2.46
CA GLN D 346 -15.50 -37.64 1.69
C GLN D 346 -14.89 -37.25 0.34
N TRP D 347 -13.54 -37.09 0.28
CA TRP D 347 -12.98 -36.71 -1.06
C TRP D 347 -13.18 -37.80 -2.12
N ARG D 348 -13.04 -39.06 -1.72
CA ARG D 348 -13.14 -40.16 -2.68
C ARG D 348 -14.43 -40.97 -2.59
N HIS D 349 -15.26 -40.68 -1.59
CA HIS D 349 -16.51 -41.40 -1.41
C HIS D 349 -17.59 -40.51 -0.77
N PHE D 350 -17.69 -39.26 -1.24
CA PHE D 350 -18.65 -38.36 -0.61
C PHE D 350 -20.06 -39.00 -0.54
N GLY D 351 -20.63 -38.96 0.67
CA GLY D 351 -22.01 -39.39 0.94
C GLY D 351 -22.11 -40.91 1.08
N ALA D 352 -21.04 -41.67 0.94
CA ALA D 352 -21.16 -43.13 1.09
C ALA D 352 -21.48 -43.43 2.59
N ALA D 353 -22.18 -44.56 2.82
CA ALA D 353 -22.46 -45.03 4.17
C ALA D 353 -21.17 -45.54 4.77
N TYR D 354 -20.77 -45.05 5.93
CA TYR D 354 -19.55 -45.54 6.60
C TYR D 354 -19.99 -46.64 7.64
N THR D 355 -19.29 -47.78 7.62
CA THR D 355 -19.42 -48.76 8.73
C THR D 355 -18.19 -48.67 9.63
N HIS D 356 -17.00 -49.09 9.14
CA HIS D 356 -15.76 -49.03 9.92
C HIS D 356 -14.60 -48.82 8.93
N HIS D 357 -13.45 -48.42 9.45
CA HIS D 357 -12.22 -48.16 8.67
C HIS D 357 -11.84 -49.45 7.91
N ASP D 358 -11.34 -49.24 6.68
CA ASP D 358 -10.77 -50.35 5.84
C ASP D 358 -11.75 -51.40 5.36
N ALA D 359 -13.05 -51.09 5.35
CA ALA D 359 -14.05 -51.88 4.57
C ALA D 359 -13.84 -51.56 3.07
N ASN D 360 -14.51 -52.30 2.20
CA ASN D 360 -14.38 -52.06 0.76
C ASN D 360 -15.37 -51.02 0.23
N TYR D 361 -14.94 -49.76 0.20
CA TYR D 361 -15.82 -48.65 -0.32
C TYR D 361 -15.60 -48.32 -1.78
N ASP D 362 -14.91 -49.20 -2.55
CA ASP D 362 -14.80 -49.04 -4.00
C ASP D 362 -16.15 -48.80 -4.70
N GLY D 363 -16.20 -47.70 -5.45
CA GLY D 363 -17.44 -47.38 -6.16
C GLY D 363 -18.55 -46.81 -5.34
N GLN D 364 -18.36 -46.59 -4.03
CA GLN D 364 -19.44 -46.09 -3.19
C GLN D 364 -19.24 -44.53 -3.00
N GLY D 365 -20.32 -43.79 -3.05
CA GLY D 365 -20.13 -42.32 -2.77
C GLY D 365 -19.66 -41.65 -4.06
N VAL D 366 -19.37 -40.34 -3.97
CA VAL D 366 -18.96 -39.64 -5.17
C VAL D 366 -17.41 -39.51 -5.14
N ASP D 367 -16.72 -39.95 -6.19
CA ASP D 367 -15.24 -39.79 -6.15
C ASP D 367 -14.91 -38.45 -6.77
N GLN D 368 -14.84 -37.43 -5.89
CA GLN D 368 -14.65 -36.06 -6.41
C GLN D 368 -13.28 -35.81 -7.02
N ILE D 369 -12.27 -36.44 -6.43
CA ILE D 369 -10.90 -36.26 -6.95
C ILE D 369 -10.80 -36.88 -8.34
N LYS D 370 -11.29 -38.10 -8.51
CA LYS D 370 -11.25 -38.63 -9.89
C LYS D 370 -11.98 -37.81 -10.94
N ALA D 371 -13.18 -37.30 -10.56
CA ALA D 371 -13.94 -36.52 -11.51
C ALA D 371 -13.20 -35.24 -11.89
N ILE D 372 -12.61 -34.56 -10.92
CA ILE D 372 -11.85 -33.29 -11.21
C ILE D 372 -10.67 -33.64 -12.09
N VAL D 373 -9.99 -34.75 -11.84
CA VAL D 373 -8.83 -35.10 -12.73
C VAL D 373 -9.29 -35.27 -14.24
N GLU D 374 -10.43 -35.96 -14.43
CA GLU D 374 -11.01 -36.13 -15.75
C GLU D 374 -11.44 -34.81 -16.36
N THR D 375 -12.09 -33.92 -15.60
CA THR D 375 -12.38 -32.59 -16.13
C THR D 375 -11.18 -31.77 -16.47
N LEU D 376 -10.14 -31.84 -15.66
CA LEU D 376 -8.96 -31.02 -15.93
C LEU D 376 -8.35 -31.33 -17.31
N LYS D 377 -8.42 -32.62 -17.61
CA LYS D 377 -7.84 -33.16 -18.84
C LYS D 377 -8.67 -32.83 -20.09
N THR D 378 -9.98 -32.64 -19.92
CA THR D 378 -10.88 -32.50 -21.07
C THR D 378 -11.53 -31.11 -21.23
N ASN D 379 -11.76 -30.42 -20.10
CA ASN D 379 -12.44 -29.12 -20.10
C ASN D 379 -11.87 -28.24 -18.96
N PRO D 380 -10.58 -27.86 -19.06
CA PRO D 380 -9.91 -27.18 -17.94
C PRO D 380 -10.48 -25.78 -17.62
N ASP D 381 -11.35 -25.22 -18.51
CA ASP D 381 -12.03 -23.94 -18.20
C ASP D 381 -13.31 -24.04 -17.33
N ASP D 382 -13.71 -25.27 -17.06
CA ASP D 382 -14.90 -25.60 -16.24
C ASP D 382 -14.81 -24.82 -14.91
N ARG D 383 -15.94 -24.28 -14.46
CA ARG D 383 -15.98 -23.51 -13.22
C ARG D 383 -16.68 -24.26 -12.10
N ARG D 384 -16.56 -25.59 -12.12
CA ARG D 384 -17.19 -26.43 -11.10
C ARG D 384 -16.18 -27.45 -10.50
N MET D 385 -14.89 -27.26 -10.78
CA MET D 385 -13.85 -28.16 -10.28
C MET D 385 -13.50 -27.85 -8.83
N LEU D 386 -14.09 -28.41 -8.02
CA LEU D 386 -14.27 -28.11 -6.60
C LEU D 386 -14.55 -29.40 -5.84
N PHE D 387 -13.86 -29.70 -4.68
CA PHE D 387 -14.24 -30.87 -3.86
C PHE D 387 -14.38 -30.39 -2.45
N THR D 388 -15.16 -31.15 -1.67
CA THR D 388 -15.41 -30.75 -0.27
C THR D 388 -15.41 -31.93 0.61
N ALA D 389 -15.02 -31.66 1.82
CA ALA D 389 -15.22 -32.62 2.90
C ALA D 389 -16.35 -32.21 3.83
N TRP D 390 -16.96 -31.03 3.62
CA TRP D 390 -17.91 -30.57 4.62
C TRP D 390 -19.25 -31.22 4.26
N ASN D 391 -19.60 -32.30 5.00
CA ASN D 391 -20.82 -33.10 4.62
C ASN D 391 -21.66 -33.09 5.87
N PRO D 392 -22.62 -32.14 5.95
CA PRO D 392 -23.37 -32.06 7.17
C PRO D 392 -24.08 -33.38 7.58
N SER D 393 -24.44 -34.21 6.62
CA SER D 393 -25.05 -35.51 6.98
C SER D 393 -24.08 -36.45 7.76
N ALA D 394 -22.77 -36.33 7.50
CA ALA D 394 -21.76 -37.19 8.11
C ALA D 394 -20.99 -36.54 9.23
N LEU D 395 -21.04 -35.20 9.42
CA LEU D 395 -20.27 -34.59 10.46
C LEU D 395 -20.43 -35.27 11.86
N PRO D 396 -21.66 -35.66 12.26
CA PRO D 396 -21.69 -36.16 13.62
C PRO D 396 -21.04 -37.61 13.77
N ARG D 397 -20.76 -38.25 12.65
CA ARG D 397 -20.06 -39.60 12.62
C ARG D 397 -18.54 -39.39 12.54
N MET D 398 -18.08 -38.13 12.41
CA MET D 398 -16.65 -37.87 12.34
C MET D 398 -16.07 -37.61 13.69
N ALA D 399 -14.80 -38.00 13.86
CA ALA D 399 -14.12 -37.57 15.11
C ALA D 399 -14.06 -36.06 15.28
N LEU D 400 -13.83 -35.37 14.16
CA LEU D 400 -13.81 -33.90 14.14
C LEU D 400 -14.08 -33.31 12.73
N PRO D 401 -15.10 -32.45 12.60
CA PRO D 401 -15.39 -31.84 11.32
C PRO D 401 -14.12 -31.28 10.69
N PRO D 402 -14.03 -31.34 9.36
CA PRO D 402 -12.79 -30.94 8.68
C PRO D 402 -12.52 -29.45 8.91
N CYS D 403 -11.24 -29.09 8.94
CA CYS D 403 -10.81 -27.71 9.09
C CYS D 403 -10.70 -27.22 7.65
N HIS D 404 -9.69 -27.73 6.94
CA HIS D 404 -9.51 -27.42 5.53
C HIS D 404 -10.63 -28.19 4.80
N LEU D 405 -11.62 -27.50 4.27
CA LEU D 405 -12.96 -28.19 3.99
C LEU D 405 -13.40 -28.14 2.55
N LEU D 406 -12.79 -27.25 1.75
CA LEU D 406 -13.07 -27.18 0.35
C LEU D 406 -11.87 -26.71 -0.44
N ALA D 407 -11.73 -27.21 -1.66
CA ALA D 407 -10.75 -26.60 -2.57
C ALA D 407 -11.31 -26.55 -3.98
N GLN D 408 -10.85 -25.54 -4.76
CA GLN D 408 -11.30 -25.35 -6.15
C GLN D 408 -10.08 -25.19 -7.02
N PHE D 409 -10.14 -25.76 -8.22
CA PHE D 409 -9.03 -25.65 -9.19
C PHE D 409 -9.37 -24.66 -10.31
N TYR D 410 -8.35 -24.09 -10.89
CA TYR D 410 -8.43 -23.20 -12.02
C TYR D 410 -7.27 -23.43 -12.89
N VAL D 411 -7.45 -23.19 -14.22
CA VAL D 411 -6.29 -23.40 -15.15
C VAL D 411 -6.07 -22.16 -15.98
N SER D 412 -4.82 -21.75 -16.11
CA SER D 412 -4.46 -20.73 -17.09
C SER D 412 -3.10 -20.96 -17.64
N ASN D 413 -2.98 -20.85 -18.96
CA ASN D 413 -1.64 -20.93 -19.61
C ASN D 413 -0.96 -22.24 -19.30
N GLY D 414 -1.72 -23.31 -19.23
CA GLY D 414 -1.20 -24.63 -18.91
C GLY D 414 -0.77 -24.82 -17.46
N GLU D 415 -1.12 -23.87 -16.55
CA GLU D 415 -0.73 -24.00 -15.15
C GLU D 415 -1.97 -24.27 -14.26
N LEU D 416 -1.80 -25.13 -13.23
CA LEU D 416 -2.97 -25.46 -12.37
C LEU D 416 -2.87 -24.66 -11.06
N SER D 417 -3.89 -23.88 -10.71
CA SER D 417 -3.95 -23.18 -9.44
C SER D 417 -5.07 -23.82 -8.56
N CYS D 418 -4.98 -23.58 -7.26
CA CYS D 418 -5.90 -24.16 -6.31
C CYS D 418 -6.13 -23.15 -5.25
N MET D 419 -7.41 -23.01 -4.89
CA MET D 419 -7.79 -22.24 -3.70
C MET D 419 -8.37 -23.17 -2.65
N LEU D 420 -7.94 -22.97 -1.42
CA LEU D 420 -8.37 -23.76 -0.29
C LEU D 420 -9.14 -22.83 0.61
N TYR D 421 -10.21 -23.34 1.19
CA TYR D 421 -10.95 -22.61 2.22
C TYR D 421 -10.75 -23.33 3.53
N GLN D 422 -10.27 -22.60 4.55
CA GLN D 422 -10.10 -23.22 5.86
C GLN D 422 -10.85 -22.48 6.94
N ARG D 423 -11.76 -23.17 7.61
CA ARG D 423 -12.64 -22.55 8.60
C ARG D 423 -12.04 -22.16 9.96
N SER D 424 -10.95 -22.78 10.35
CA SER D 424 -10.35 -22.48 11.61
C SER D 424 -8.87 -22.69 11.45
N CYS D 425 -8.10 -21.69 11.77
CA CYS D 425 -6.72 -21.64 11.29
C CYS D 425 -5.89 -21.34 12.52
N ASP D 426 -5.18 -22.38 12.98
CA ASP D 426 -4.17 -22.11 14.05
C ASP D 426 -2.87 -21.60 13.38
N MET D 427 -2.53 -20.32 13.54
CA MET D 427 -1.50 -19.77 12.74
C MET D 427 -0.10 -20.37 13.10
N GLY D 428 0.07 -20.79 14.36
CA GLY D 428 1.39 -21.28 14.86
C GLY D 428 1.81 -22.61 14.22
N LEU D 429 0.92 -23.58 14.25
CA LEU D 429 1.21 -24.95 13.78
C LEU D 429 0.36 -25.44 12.62
N GLY D 430 -0.94 -25.19 12.65
CA GLY D 430 -1.73 -25.76 11.63
C GLY D 430 -1.54 -25.10 10.25
N VAL D 431 -1.60 -23.76 10.16
CA VAL D 431 -1.55 -23.13 8.86
C VAL D 431 -0.30 -23.43 8.04
N PRO D 432 0.91 -23.39 8.64
CA PRO D 432 2.09 -23.69 7.74
C PRO D 432 2.04 -25.12 7.27
N PHE D 433 1.50 -26.00 8.13
CA PHE D 433 1.31 -27.44 7.69
C PHE D 433 0.33 -27.58 6.54
N ASN D 434 -0.77 -26.80 6.69
N ASN D 434 -0.78 -26.85 6.54
CA ASN D 434 -1.88 -26.70 5.75
CA ASN D 434 -1.69 -27.06 5.43
C ASN D 434 -1.36 -26.18 4.38
C ASN D 434 -1.33 -26.20 4.20
N ILE D 435 -0.57 -25.09 4.38
CA ILE D 435 -0.06 -24.51 3.12
C ILE D 435 0.73 -25.60 2.38
N ALA D 436 1.62 -26.30 3.10
CA ALA D 436 2.45 -27.33 2.47
C ALA D 436 1.57 -28.46 1.92
N SER D 437 0.64 -28.87 2.72
CA SER D 437 -0.24 -29.96 2.30
CA SER D 437 -0.36 -29.93 2.33
C SER D 437 -0.98 -29.66 0.96
N TYR D 438 -1.59 -28.44 0.81
CA TYR D 438 -2.25 -28.11 -0.42
C TYR D 438 -1.31 -27.71 -1.56
N ALA D 439 -0.08 -27.27 -1.26
CA ALA D 439 0.92 -27.14 -2.29
C ALA D 439 1.16 -28.52 -2.90
N LEU D 440 1.36 -29.50 -2.05
CA LEU D 440 1.68 -30.89 -2.53
C LEU D 440 0.48 -31.41 -3.31
N LEU D 441 -0.72 -31.29 -2.77
CA LEU D 441 -1.91 -31.72 -3.53
C LEU D 441 -1.95 -31.08 -4.94
N THR D 442 -1.73 -29.75 -5.08
CA THR D 442 -1.75 -29.13 -6.36
C THR D 442 -0.70 -29.66 -7.34
N ILE D 443 0.48 -29.85 -6.76
CA ILE D 443 1.57 -30.44 -7.58
C ILE D 443 1.14 -31.82 -8.05
N LEU D 444 0.68 -32.67 -7.11
CA LEU D 444 0.24 -34.03 -7.59
C LEU D 444 -0.89 -34.08 -8.61
N ILE D 445 -1.89 -33.22 -8.43
CA ILE D 445 -2.97 -33.15 -9.41
C ILE D 445 -2.46 -32.60 -10.77
N ALA D 446 -1.55 -31.60 -10.79
CA ALA D 446 -0.96 -31.19 -12.05
C ALA D 446 -0.28 -32.41 -12.77
N LYS D 447 0.48 -33.22 -12.03
CA LYS D 447 1.24 -34.39 -12.61
C LYS D 447 0.23 -35.39 -13.16
N ALA D 448 -0.88 -35.47 -12.45
CA ALA D 448 -2.07 -36.34 -12.93
C ALA D 448 -2.84 -35.87 -14.19
N THR D 449 -2.63 -34.62 -14.65
CA THR D 449 -3.49 -34.02 -15.64
C THR D 449 -2.77 -33.36 -16.78
N GLY D 450 -1.44 -33.51 -16.87
CA GLY D 450 -0.84 -32.85 -18.01
C GLY D 450 -0.55 -31.37 -17.80
N LEU D 451 -0.53 -30.93 -16.55
CA LEU D 451 -0.38 -29.47 -16.25
C LEU D 451 0.85 -29.22 -15.45
N ARG D 452 1.23 -27.94 -15.37
CA ARG D 452 2.33 -27.52 -14.54
C ARG D 452 1.71 -26.83 -13.29
N PRO D 453 2.35 -26.93 -12.14
CA PRO D 453 1.86 -26.28 -10.93
C PRO D 453 1.91 -24.75 -11.02
N GLY D 454 0.81 -24.09 -10.60
CA GLY D 454 0.70 -22.60 -10.78
C GLY D 454 0.76 -21.97 -9.38
N GLU D 455 -0.36 -21.55 -8.86
CA GLU D 455 -0.46 -20.76 -7.66
C GLU D 455 -1.39 -21.48 -6.63
N LEU D 456 -1.05 -21.37 -5.37
CA LEU D 456 -1.94 -21.79 -4.26
C LEU D 456 -2.53 -20.52 -3.55
N VAL D 457 -3.86 -20.48 -3.41
CA VAL D 457 -4.50 -19.35 -2.70
C VAL D 457 -5.15 -19.98 -1.50
N HIS D 458 -4.91 -19.37 -0.36
CA HIS D 458 -5.32 -19.92 0.95
C HIS D 458 -6.28 -18.90 1.56
N THR D 459 -7.57 -19.30 1.61
CA THR D 459 -8.57 -18.44 2.31
C THR D 459 -8.76 -18.92 3.75
N LEU D 460 -8.70 -17.98 4.69
CA LEU D 460 -8.77 -18.28 6.16
C LEU D 460 -10.06 -17.68 6.68
N GLY D 461 -10.74 -18.50 7.51
CA GLY D 461 -11.90 -18.02 8.30
C GLY D 461 -11.47 -17.48 9.65
N ASP D 462 -11.72 -18.24 10.73
CA ASP D 462 -11.36 -17.82 12.07
C ASP D 462 -9.84 -18.12 12.19
N ALA D 463 -9.04 -17.09 12.15
CA ALA D 463 -7.56 -17.23 12.16
C ALA D 463 -7.05 -16.76 13.50
N HIS D 464 -6.28 -17.65 14.14
CA HIS D 464 -6.04 -17.45 15.61
C HIS D 464 -4.65 -17.88 16.04
N VAL D 465 -4.18 -17.29 17.17
CA VAL D 465 -2.89 -17.68 17.79
C VAL D 465 -3.32 -18.06 19.21
N TYR D 466 -2.91 -19.22 19.71
CA TYR D 466 -3.23 -19.53 21.17
C TYR D 466 -2.49 -18.54 22.09
N SER D 467 -3.15 -18.11 23.15
CA SER D 467 -2.61 -17.08 24.09
C SER D 467 -1.19 -17.41 24.56
N ASN D 468 -0.96 -18.68 24.77
CA ASN D 468 0.36 -19.10 25.23
C ASN D 468 1.45 -19.14 24.13
N HIS D 469 1.10 -18.86 22.86
CA HIS D 469 2.08 -18.90 21.79
C HIS D 469 2.43 -17.48 21.40
N VAL D 470 1.99 -16.51 22.19
CA VAL D 470 2.27 -15.14 21.86
C VAL D 470 3.78 -14.77 21.94
N GLU D 471 4.46 -15.03 23.06
CA GLU D 471 5.90 -14.65 23.17
C GLU D 471 6.79 -15.39 22.08
N PRO D 472 6.59 -16.71 21.84
CA PRO D 472 7.39 -17.32 20.81
C PRO D 472 7.02 -16.86 19.41
N CYS D 473 5.72 -16.58 19.15
CA CYS D 473 5.34 -15.88 17.91
C CYS D 473 6.11 -14.62 17.77
N ASN D 474 6.29 -13.84 18.86
CA ASN D 474 7.03 -12.58 18.77
C ASN D 474 8.49 -12.82 18.52
N GLU D 475 8.97 -13.94 19.05
CA GLU D 475 10.38 -14.36 18.85
C GLU D 475 10.49 -14.68 17.33
N GLN D 476 9.57 -15.50 16.79
CA GLN D 476 9.59 -15.79 15.35
C GLN D 476 9.47 -14.59 14.43
N LEU D 477 8.69 -13.55 14.85
CA LEU D 477 8.53 -12.35 14.07
C LEU D 477 9.82 -11.54 14.00
N LYS D 478 10.83 -11.86 14.81
CA LYS D 478 12.14 -11.17 14.64
C LYS D 478 12.88 -11.66 13.36
N ARG D 479 12.48 -12.80 12.80
CA ARG D 479 13.27 -13.38 11.73
C ARG D 479 12.85 -12.91 10.35
N VAL D 480 13.82 -12.57 9.49
CA VAL D 480 13.53 -12.17 8.14
C VAL D 480 13.37 -13.49 7.30
N PRO D 481 12.20 -13.72 6.70
CA PRO D 481 12.09 -15.01 5.98
C PRO D 481 13.07 -15.17 4.85
N ARG D 482 13.51 -16.42 4.65
CA ARG D 482 14.38 -16.72 3.60
C ARG D 482 13.70 -17.26 2.33
N ALA D 483 14.47 -17.49 1.25
CA ALA D 483 13.90 -18.07 0.04
C ALA D 483 13.33 -19.46 0.36
N PHE D 484 12.25 -19.79 -0.34
CA PHE D 484 11.60 -21.12 -0.11
C PHE D 484 12.43 -22.20 -0.80
N PRO D 485 12.18 -23.46 -0.38
CA PRO D 485 12.83 -24.62 -1.00
C PRO D 485 12.13 -25.07 -2.28
N TYR D 486 12.50 -26.28 -2.75
CA TYR D 486 11.99 -26.81 -3.98
C TYR D 486 11.61 -28.31 -3.75
N LEU D 487 10.67 -28.78 -4.56
CA LEU D 487 10.20 -30.24 -4.47
C LEU D 487 10.54 -30.90 -5.80
N VAL D 488 11.25 -32.05 -5.72
CA VAL D 488 11.52 -32.88 -6.87
C VAL D 488 11.02 -34.33 -6.61
N PHE D 489 10.74 -35.03 -7.70
CA PHE D 489 10.30 -36.41 -7.69
C PHE D 489 11.46 -37.31 -8.14
N ARG D 490 11.85 -38.18 -7.26
CA ARG D 490 12.90 -39.21 -7.57
C ARG D 490 12.37 -40.33 -8.47
N ARG D 491 11.06 -40.60 -8.38
CA ARG D 491 10.47 -41.59 -9.26
C ARG D 491 9.02 -41.24 -9.38
N GLU D 492 8.38 -41.97 -10.25
CA GLU D 492 6.94 -41.82 -10.49
C GLU D 492 6.16 -43.14 -10.21
N ARG D 493 4.86 -43.05 -10.30
CA ARG D 493 4.00 -44.25 -10.02
C ARG D 493 2.98 -44.38 -11.11
N GLU D 494 2.44 -45.59 -11.28
CA GLU D 494 1.44 -45.77 -12.24
C GLU D 494 0.08 -45.15 -11.83
N PHE D 495 -0.23 -45.18 -10.52
CA PHE D 495 -1.48 -44.57 -10.06
C PHE D 495 -1.19 -43.54 -8.98
N LEU D 496 -2.02 -42.50 -8.97
CA LEU D 496 -1.85 -41.41 -8.02
C LEU D 496 -1.84 -41.96 -6.58
N GLU D 497 -2.70 -42.92 -6.28
CA GLU D 497 -2.75 -43.48 -4.98
C GLU D 497 -1.55 -44.29 -4.54
N ASP D 498 -0.65 -44.60 -5.46
CA ASP D 498 0.50 -45.38 -5.01
C ASP D 498 1.72 -44.51 -4.67
N TYR D 499 1.59 -43.17 -4.78
CA TYR D 499 2.73 -42.30 -4.35
C TYR D 499 3.08 -42.48 -2.92
N GLU D 500 4.39 -42.37 -2.63
CA GLU D 500 4.96 -42.53 -1.32
C GLU D 500 5.83 -41.36 -0.95
N GLU D 501 5.96 -41.06 0.33
CA GLU D 501 6.76 -39.94 0.85
C GLU D 501 8.23 -40.09 0.35
N GLY D 502 8.68 -41.34 0.23
CA GLY D 502 10.06 -41.59 -0.31
C GLY D 502 10.24 -41.28 -1.80
N ASP D 503 9.15 -41.07 -2.54
CA ASP D 503 9.19 -40.84 -3.95
C ASP D 503 9.59 -39.38 -4.26
N MET D 504 9.54 -38.56 -3.23
CA MET D 504 9.79 -37.09 -3.43
C MET D 504 10.79 -36.60 -2.42
N GLU D 505 11.43 -35.46 -2.72
CA GLU D 505 12.33 -34.92 -1.70
C GLU D 505 12.37 -33.36 -1.81
N VAL D 506 12.40 -32.77 -0.64
CA VAL D 506 12.45 -31.28 -0.51
C VAL D 506 13.94 -30.95 -0.52
N ILE D 507 14.39 -30.07 -1.43
CA ILE D 507 15.79 -29.71 -1.53
C ILE D 507 15.95 -28.22 -1.24
N ASP D 508 17.11 -27.84 -0.78
CA ASP D 508 17.39 -26.43 -0.44
C ASP D 508 16.48 -25.83 0.58
N TYR D 509 16.10 -26.62 1.56
CA TYR D 509 15.33 -26.05 2.66
C TYR D 509 16.31 -25.62 3.80
N ALA D 510 16.35 -24.32 4.10
CA ALA D 510 17.24 -23.79 5.12
C ALA D 510 16.48 -22.98 6.18
N PRO D 511 15.72 -23.68 7.05
CA PRO D 511 14.94 -22.94 7.95
C PRO D 511 15.75 -22.44 9.12
N TYR D 512 15.18 -21.50 9.87
CA TYR D 512 15.86 -20.99 11.06
C TYR D 512 15.78 -22.05 12.16
N PRO D 513 16.64 -21.93 13.16
CA PRO D 513 16.69 -22.89 14.29
C PRO D 513 15.40 -22.78 15.12
N PRO D 514 15.15 -23.75 16.03
CA PRO D 514 13.88 -23.84 16.85
C PRO D 514 13.60 -22.66 17.79
#